data_2KPW
#
_entry.id   2KPW
#
_cell.length_a   1.000
_cell.length_b   1.000
_cell.length_c   1.000
_cell.angle_alpha   90.00
_cell.angle_beta   90.00
_cell.angle_gamma   90.00
#
_symmetry.space_group_name_H-M   'P 1'
#
_entity_poly.entity_id   1
_entity_poly.type   'polypeptide(L)'
_entity_poly.pdbx_seq_one_letter_code
;MGHHHHHHSHMTGNVCIEEIDVDGKFIRLKNTSEQDQPMGGWEMIRKIGDTSVSYKYTSRYVLKAGQTVTIWAANAGVTA
SPPTDLIWKNQNSWGTGEDVKVILKNSQGEEVAQRSTVFKTT
;
_entity_poly.pdbx_strand_id   A
#
# COMPACT_ATOMS: atom_id res chain seq x y z
N MET A 1 23.12 23.25 -4.64
CA MET A 1 23.69 22.07 -3.94
C MET A 1 23.07 20.79 -4.51
N GLY A 2 23.38 20.51 -5.79
CA GLY A 2 22.72 19.42 -6.49
C GLY A 2 23.46 18.08 -6.44
N HIS A 3 23.15 17.26 -5.44
CA HIS A 3 23.68 15.89 -5.36
C HIS A 3 22.63 14.86 -5.85
N HIS A 4 21.63 15.35 -6.58
CA HIS A 4 20.55 14.49 -7.13
C HIS A 4 19.67 15.28 -8.11
N HIS A 5 19.13 14.60 -9.12
CA HIS A 5 18.38 15.27 -10.19
C HIS A 5 16.89 15.47 -9.81
N HIS A 6 16.23 16.42 -10.45
CA HIS A 6 14.81 16.71 -10.17
C HIS A 6 13.90 16.21 -11.31
N HIS A 7 12.60 16.11 -11.03
CA HIS A 7 11.62 15.67 -12.04
C HIS A 7 10.19 15.97 -11.55
N HIS A 8 9.48 16.84 -12.28
CA HIS A 8 8.13 17.26 -11.88
C HIS A 8 7.06 16.26 -12.35
N SER A 9 6.44 15.57 -11.39
CA SER A 9 5.35 14.61 -11.68
C SER A 9 4.45 14.42 -10.44
N HIS A 10 3.16 14.22 -10.67
CA HIS A 10 2.22 13.98 -9.56
C HIS A 10 2.26 12.50 -9.11
N MET A 11 3.19 12.17 -8.23
CA MET A 11 3.29 10.82 -7.68
C MET A 11 2.18 10.56 -6.64
N THR A 12 0.97 10.40 -7.15
CA THR A 12 -0.22 10.23 -6.30
C THR A 12 -1.39 9.64 -7.09
N GLY A 13 -2.46 9.28 -6.39
CA GLY A 13 -3.60 8.67 -7.05
C GLY A 13 -4.79 8.44 -6.12
N ASN A 14 -5.94 8.12 -6.71
CA ASN A 14 -7.17 7.87 -5.93
C ASN A 14 -7.19 6.41 -5.43
N VAL A 15 -6.27 6.10 -4.53
CA VAL A 15 -6.15 4.75 -3.97
C VAL A 15 -6.84 4.67 -2.60
N CYS A 16 -7.61 3.59 -2.40
CA CYS A 16 -8.31 3.36 -1.13
C CYS A 16 -8.03 1.95 -0.59
N ILE A 17 -7.96 1.82 0.73
CA ILE A 17 -7.74 0.53 1.37
C ILE A 17 -9.01 -0.34 1.27
N GLU A 18 -9.03 -1.26 0.30
CA GLU A 18 -10.19 -2.14 0.09
C GLU A 18 -10.45 -3.02 1.31
N GLU A 19 -9.45 -3.79 1.71
CA GLU A 19 -9.59 -4.76 2.79
C GLU A 19 -8.22 -5.25 3.29
N ILE A 20 -8.11 -5.47 4.60
CA ILE A 20 -6.90 -6.04 5.19
C ILE A 20 -7.12 -7.53 5.51
N ASP A 21 -6.11 -8.36 5.24
CA ASP A 21 -6.23 -9.81 5.42
C ASP A 21 -6.61 -10.19 6.87
N VAL A 22 -7.56 -11.11 7.00
CA VAL A 22 -8.08 -11.53 8.31
C VAL A 22 -7.05 -12.32 9.14
N ASP A 23 -6.10 -12.97 8.48
CA ASP A 23 -5.06 -13.73 9.17
C ASP A 23 -3.89 -12.80 9.55
N GLY A 24 -3.74 -11.71 8.80
CA GLY A 24 -2.69 -10.74 9.06
C GLY A 24 -1.48 -10.90 8.15
N LYS A 25 -1.72 -11.39 6.93
CA LYS A 25 -0.65 -11.63 5.96
C LYS A 25 -0.38 -10.40 5.07
N PHE A 26 -1.44 -9.77 4.56
CA PHE A 26 -1.28 -8.73 3.55
C PHE A 26 -2.27 -7.56 3.71
N ILE A 27 -1.93 -6.43 3.08
CA ILE A 27 -2.81 -5.25 3.01
C ILE A 27 -3.17 -4.96 1.54
N ARG A 28 -4.46 -4.91 1.22
CA ARG A 28 -4.88 -4.71 -0.18
C ARG A 28 -5.38 -3.28 -0.45
N LEU A 29 -4.58 -2.53 -1.21
CA LEU A 29 -4.95 -1.19 -1.68
C LEU A 29 -5.71 -1.27 -3.02
N LYS A 30 -6.52 -0.26 -3.33
CA LYS A 30 -7.38 -0.32 -4.50
C LYS A 30 -7.51 1.06 -5.18
N ASN A 31 -6.93 1.21 -6.38
CA ASN A 31 -6.98 2.47 -7.11
C ASN A 31 -8.25 2.58 -7.98
N THR A 32 -9.19 3.41 -7.53
CA THR A 32 -10.48 3.58 -8.23
C THR A 32 -10.58 4.97 -8.91
N SER A 33 -9.47 5.40 -9.50
CA SER A 33 -9.41 6.72 -10.14
C SER A 33 -9.98 6.73 -11.58
N GLU A 34 -10.02 7.90 -12.18
CA GLU A 34 -10.48 8.07 -13.57
C GLU A 34 -9.33 7.91 -14.59
N GLN A 35 -8.10 7.82 -14.08
CA GLN A 35 -6.91 7.83 -14.94
C GLN A 35 -5.76 7.01 -14.33
N ASP A 36 -4.85 6.53 -15.17
CA ASP A 36 -3.70 5.75 -14.72
C ASP A 36 -2.78 6.58 -13.79
N GLN A 37 -2.75 6.22 -12.51
CA GLN A 37 -2.01 6.99 -11.50
C GLN A 37 -0.58 6.46 -11.28
N PRO A 38 0.43 7.34 -11.33
CA PRO A 38 1.82 6.97 -11.03
C PRO A 38 2.11 6.92 -9.52
N MET A 39 2.50 5.75 -9.04
CA MET A 39 2.83 5.55 -7.62
C MET A 39 4.03 6.41 -7.18
N GLY A 40 5.14 6.30 -7.92
CA GLY A 40 6.34 7.04 -7.56
C GLY A 40 7.07 6.47 -6.35
N GLY A 41 6.60 6.82 -5.16
CA GLY A 41 7.23 6.32 -3.94
C GLY A 41 6.50 6.72 -2.66
N TRP A 42 5.24 6.31 -2.54
CA TRP A 42 4.44 6.56 -1.32
C TRP A 42 5.04 5.88 -0.08
N GLU A 43 4.51 6.21 1.10
CA GLU A 43 4.91 5.56 2.34
C GLU A 43 3.67 5.11 3.13
N MET A 44 3.51 3.79 3.28
CA MET A 44 2.39 3.22 4.01
C MET A 44 2.79 2.90 5.47
N ILE A 45 2.20 3.62 6.43
CA ILE A 45 2.48 3.39 7.84
C ILE A 45 1.52 2.36 8.44
N ARG A 46 2.03 1.17 8.75
CA ARG A 46 1.19 0.10 9.32
C ARG A 46 1.28 0.08 10.85
N LYS A 47 0.23 0.57 11.51
CA LYS A 47 0.11 0.47 12.97
C LYS A 47 -0.66 -0.80 13.37
N ILE A 48 -0.61 -1.18 14.64
CA ILE A 48 -1.28 -2.40 15.09
C ILE A 48 -1.42 -2.46 16.62
N GLY A 49 -0.31 -2.30 17.33
CA GLY A 49 -0.33 -2.38 18.79
C GLY A 49 1.02 -2.03 19.40
N ASP A 50 1.02 -1.11 20.37
CA ASP A 50 2.23 -0.62 21.03
C ASP A 50 3.11 0.21 20.07
N THR A 51 3.70 -0.44 19.08
CA THR A 51 4.58 0.23 18.11
C THR A 51 3.99 0.17 16.69
N SER A 52 4.75 0.64 15.70
CA SER A 52 4.30 0.64 14.30
C SER A 52 5.47 0.83 13.33
N VAL A 53 5.28 0.39 12.08
CA VAL A 53 6.35 0.46 11.08
C VAL A 53 5.78 0.90 9.71
N SER A 54 6.58 1.62 8.93
CA SER A 54 6.14 2.12 7.62
C SER A 54 6.91 1.46 6.46
N TYR A 55 6.36 1.55 5.25
CA TYR A 55 7.00 0.98 4.06
C TYR A 55 6.92 1.94 2.86
N LYS A 56 8.05 2.17 2.22
CA LYS A 56 8.11 3.06 1.04
C LYS A 56 8.04 2.26 -0.26
N TYR A 57 7.38 2.83 -1.27
CA TYR A 57 7.22 2.19 -2.58
C TYR A 57 8.32 2.62 -3.57
N THR A 58 8.26 2.08 -4.79
CA THR A 58 9.24 2.40 -5.84
C THR A 58 8.56 2.58 -7.21
N SER A 59 9.20 3.33 -8.11
CA SER A 59 8.65 3.61 -9.42
C SER A 59 8.90 2.47 -10.41
N ARG A 60 7.99 1.49 -10.44
CA ARG A 60 8.12 0.35 -11.38
C ARG A 60 6.75 -0.09 -11.93
N TYR A 61 5.70 0.67 -11.64
CA TYR A 61 4.33 0.30 -12.08
C TYR A 61 3.37 1.50 -11.98
N VAL A 62 2.39 1.55 -12.88
CA VAL A 62 1.35 2.57 -12.86
C VAL A 62 -0.01 1.96 -12.50
N LEU A 63 -0.71 2.58 -11.55
CA LEU A 63 -2.02 2.08 -11.08
C LEU A 63 -3.15 2.43 -12.06
N LYS A 64 -3.62 1.43 -12.79
CA LYS A 64 -4.74 1.62 -13.74
C LYS A 64 -6.08 1.81 -13.01
N ALA A 65 -7.08 2.29 -13.72
CA ALA A 65 -8.43 2.45 -13.16
C ALA A 65 -9.04 1.09 -12.78
N GLY A 66 -9.22 0.87 -11.49
CA GLY A 66 -9.76 -0.41 -11.00
C GLY A 66 -8.67 -1.41 -10.64
N GLN A 67 -7.42 -0.97 -10.63
CA GLN A 67 -6.28 -1.85 -10.34
C GLN A 67 -6.02 -1.96 -8.83
N THR A 68 -6.05 -3.19 -8.30
CA THR A 68 -5.72 -3.44 -6.89
C THR A 68 -4.24 -3.81 -6.73
N VAL A 69 -3.68 -3.49 -5.57
CA VAL A 69 -2.30 -3.85 -5.25
C VAL A 69 -2.18 -4.39 -3.81
N THR A 70 -1.64 -5.61 -3.68
CA THR A 70 -1.56 -6.29 -2.39
C THR A 70 -0.14 -6.25 -1.82
N ILE A 71 -0.01 -5.80 -0.56
CA ILE A 71 1.29 -5.79 0.13
C ILE A 71 1.42 -7.00 1.06
N TRP A 72 2.14 -8.03 0.61
CA TRP A 72 2.37 -9.24 1.41
C TRP A 72 3.56 -9.05 2.37
N ALA A 73 3.31 -9.18 3.67
CA ALA A 73 4.36 -8.97 4.68
C ALA A 73 5.36 -10.14 4.75
N ALA A 74 6.33 -10.14 3.83
CA ALA A 74 7.43 -11.13 3.80
C ALA A 74 6.95 -12.58 3.62
N ASN A 75 6.36 -13.16 4.68
CA ASN A 75 5.90 -14.55 4.65
C ASN A 75 4.66 -14.71 3.75
N ALA A 76 4.89 -14.99 2.47
CA ALA A 76 3.81 -15.07 1.49
C ALA A 76 3.90 -16.32 0.60
N GLY A 77 5.13 -16.67 0.20
CA GLY A 77 5.33 -17.78 -0.74
C GLY A 77 5.31 -17.32 -2.20
N VAL A 78 4.55 -16.26 -2.47
CA VAL A 78 4.47 -15.66 -3.82
C VAL A 78 5.81 -15.04 -4.23
N THR A 79 6.02 -14.85 -5.55
CA THR A 79 7.24 -14.21 -6.06
C THR A 79 7.51 -12.86 -5.38
N ALA A 80 8.74 -12.67 -4.90
CA ALA A 80 9.13 -11.44 -4.21
C ALA A 80 9.08 -10.21 -5.12
N SER A 81 8.12 -9.33 -4.86
CA SER A 81 8.00 -8.03 -5.57
C SER A 81 7.62 -8.19 -7.06
N PRO A 82 6.35 -8.59 -7.32
CA PRO A 82 5.74 -8.54 -8.69
C PRO A 82 5.91 -7.14 -9.35
N PRO A 83 5.66 -6.91 -10.69
CA PRO A 83 4.62 -7.42 -11.63
C PRO A 83 3.36 -8.14 -11.13
N THR A 84 2.57 -7.41 -10.31
CA THR A 84 1.13 -7.69 -10.00
C THR A 84 0.77 -7.10 -8.62
N ASP A 85 1.55 -7.46 -7.62
CA ASP A 85 1.43 -6.93 -6.26
C ASP A 85 2.83 -6.60 -5.71
N LEU A 86 2.98 -6.45 -4.39
CA LEU A 86 4.30 -6.18 -3.79
C LEU A 86 4.51 -6.92 -2.46
N ILE A 87 5.73 -7.36 -2.20
CA ILE A 87 6.07 -8.04 -0.94
C ILE A 87 6.91 -7.12 -0.03
N TRP A 88 6.43 -6.89 1.19
CA TRP A 88 7.14 -6.09 2.19
C TRP A 88 8.40 -6.82 2.68
N LYS A 89 9.54 -6.57 2.01
CA LYS A 89 10.79 -7.28 2.31
C LYS A 89 11.53 -6.70 3.53
N ASN A 90 10.81 -5.97 4.39
CA ASN A 90 11.40 -5.36 5.59
C ASN A 90 10.61 -5.70 6.86
N GLN A 91 9.52 -6.46 6.72
CA GLN A 91 8.60 -6.70 7.84
C GLN A 91 7.73 -7.94 7.56
N ASN A 92 7.72 -8.89 8.51
CA ASN A 92 7.04 -10.19 8.32
C ASN A 92 5.54 -10.15 8.71
N SER A 93 4.83 -11.24 8.43
CA SER A 93 3.41 -11.38 8.79
C SER A 93 3.16 -10.96 10.25
N TRP A 94 2.23 -10.04 10.47
CA TRP A 94 1.99 -9.47 11.79
C TRP A 94 0.89 -10.22 12.57
N GLY A 95 -0.09 -10.78 11.86
CA GLY A 95 -1.22 -11.40 12.52
C GLY A 95 -2.18 -10.35 13.11
N THR A 96 -3.30 -10.10 12.43
CA THR A 96 -4.19 -8.98 12.79
C THR A 96 -5.11 -9.29 13.98
N GLY A 97 -4.66 -10.19 14.88
CA GLY A 97 -5.37 -10.36 16.15
C GLY A 97 -5.53 -9.04 16.89
N GLU A 98 -4.49 -8.21 16.82
CA GLU A 98 -4.57 -6.81 17.20
C GLU A 98 -5.03 -5.97 16.00
N ASP A 99 -6.11 -5.22 16.16
CA ASP A 99 -6.69 -4.43 15.07
C ASP A 99 -5.65 -3.51 14.38
N VAL A 100 -5.18 -3.96 13.23
CA VAL A 100 -4.17 -3.23 12.45
C VAL A 100 -4.76 -1.96 11.80
N LYS A 101 -3.99 -0.89 11.80
CA LYS A 101 -4.42 0.40 11.25
C LYS A 101 -3.43 0.91 10.18
N VAL A 102 -3.90 1.04 8.95
CA VAL A 102 -3.04 1.43 7.83
C VAL A 102 -3.17 2.93 7.49
N ILE A 103 -2.04 3.63 7.51
CA ILE A 103 -2.00 5.06 7.20
C ILE A 103 -1.40 5.30 5.79
N LEU A 104 -2.18 5.85 4.87
CA LEU A 104 -1.71 6.11 3.50
C LEU A 104 -1.18 7.54 3.34
N LYS A 105 0.14 7.68 3.21
CA LYS A 105 0.78 8.98 2.96
C LYS A 105 1.45 9.02 1.59
N ASN A 106 1.31 10.15 0.89
CA ASN A 106 1.89 10.34 -0.45
C ASN A 106 3.43 10.30 -0.41
N SER A 107 4.03 10.35 -1.60
CA SER A 107 5.49 10.31 -1.75
C SER A 107 6.20 11.42 -0.95
N GLN A 108 5.53 12.55 -0.75
CA GLN A 108 6.11 13.70 -0.03
C GLN A 108 5.62 13.79 1.44
N GLY A 109 5.14 12.68 2.00
CA GLY A 109 4.79 12.66 3.42
C GLY A 109 3.36 13.10 3.73
N GLU A 110 2.80 13.99 2.90
CA GLU A 110 1.40 14.43 3.05
C GLU A 110 0.44 13.23 3.08
N GLU A 111 -0.70 13.37 3.77
CA GLU A 111 -1.58 12.23 4.04
C GLU A 111 -2.90 12.27 3.23
N VAL A 112 -3.28 11.11 2.68
CA VAL A 112 -4.53 11.00 1.91
C VAL A 112 -5.68 10.44 2.79
N ALA A 113 -5.45 9.27 3.39
CA ALA A 113 -6.49 8.60 4.19
C ALA A 113 -5.90 7.57 5.15
N GLN A 114 -6.75 7.07 6.05
CA GLN A 114 -6.32 6.08 7.04
C GLN A 114 -7.51 5.19 7.48
N ARG A 115 -7.28 3.88 7.54
CA ARG A 115 -8.35 2.93 7.86
C ARG A 115 -7.82 1.74 8.69
N SER A 116 -8.68 1.17 9.53
CA SER A 116 -8.31 0.00 10.35
C SER A 116 -9.29 -1.17 10.16
N THR A 117 -9.05 -2.25 10.88
CA THR A 117 -9.96 -3.41 10.88
C THR A 117 -11.17 -3.18 11.80
N VAL A 118 -12.01 -4.21 11.93
CA VAL A 118 -13.19 -4.15 12.81
C VAL A 118 -13.07 -5.18 13.95
N PHE A 119 -13.37 -4.74 15.16
CA PHE A 119 -13.26 -5.61 16.35
C PHE A 119 -14.25 -6.78 16.29
N LYS A 120 -13.79 -7.91 15.74
CA LYS A 120 -14.63 -9.12 15.65
C LYS A 120 -13.80 -10.39 15.92
N THR A 121 -14.45 -11.42 16.43
CA THR A 121 -13.81 -12.72 16.66
C THR A 121 -13.47 -13.42 15.33
N THR A 122 -12.71 -14.52 15.42
CA THR A 122 -12.29 -15.28 14.23
C THR A 122 -12.57 -16.79 14.37
N MET A 1 19.03 1.52 -18.69
CA MET A 1 18.20 0.93 -19.78
C MET A 1 16.93 1.76 -20.02
N GLY A 2 16.51 1.85 -21.29
CA GLY A 2 15.33 2.64 -21.63
C GLY A 2 15.58 4.15 -21.58
N HIS A 3 15.82 4.76 -22.73
CA HIS A 3 16.12 6.20 -22.80
C HIS A 3 14.96 7.08 -22.30
N HIS A 4 13.80 6.48 -22.04
CA HIS A 4 12.69 7.19 -21.40
C HIS A 4 13.11 7.74 -20.03
N HIS A 5 13.03 9.06 -19.86
CA HIS A 5 13.53 9.72 -18.65
C HIS A 5 12.42 10.00 -17.63
N HIS A 6 12.64 9.58 -16.39
CA HIS A 6 11.72 9.84 -15.27
C HIS A 6 11.89 11.29 -14.75
N HIS A 7 10.86 12.11 -14.90
CA HIS A 7 10.90 13.50 -14.43
C HIS A 7 10.20 13.66 -13.07
N HIS A 8 10.83 14.37 -12.15
CA HIS A 8 10.24 14.67 -10.84
C HIS A 8 8.90 15.42 -10.99
N SER A 9 7.81 14.65 -11.06
CA SER A 9 6.47 15.22 -11.27
C SER A 9 5.48 14.75 -10.20
N HIS A 10 4.19 15.03 -10.42
CA HIS A 10 3.14 14.67 -9.46
C HIS A 10 2.47 13.34 -9.86
N MET A 11 2.49 12.37 -8.94
CA MET A 11 1.85 11.08 -9.17
C MET A 11 0.34 11.15 -8.84
N THR A 12 -0.48 11.02 -9.88
CA THR A 12 -1.94 11.16 -9.75
C THR A 12 -2.64 9.83 -9.44
N GLY A 13 -1.88 8.79 -9.12
CA GLY A 13 -2.44 7.47 -8.83
C GLY A 13 -3.18 7.41 -7.50
N ASN A 14 -4.47 7.73 -7.50
CA ASN A 14 -5.29 7.72 -6.27
C ASN A 14 -5.49 6.28 -5.75
N VAL A 15 -4.49 5.76 -5.05
CA VAL A 15 -4.54 4.39 -4.53
C VAL A 15 -4.95 4.34 -3.05
N CYS A 16 -6.17 3.85 -2.78
CA CYS A 16 -6.66 3.68 -1.40
C CYS A 16 -6.70 2.20 -1.02
N ILE A 17 -6.99 1.89 0.24
CA ILE A 17 -7.01 0.49 0.71
C ILE A 17 -8.39 -0.15 0.53
N GLU A 18 -8.46 -1.23 -0.25
CA GLU A 18 -9.72 -1.97 -0.42
C GLU A 18 -10.02 -2.82 0.83
N GLU A 19 -9.02 -3.56 1.30
CA GLU A 19 -9.20 -4.46 2.45
C GLU A 19 -7.87 -4.76 3.16
N ILE A 20 -7.94 -5.06 4.46
CA ILE A 20 -6.76 -5.47 5.23
C ILE A 20 -6.98 -6.89 5.80
N ASP A 21 -6.04 -7.79 5.54
CA ASP A 21 -6.17 -9.20 5.94
C ASP A 21 -6.09 -9.40 7.47
N VAL A 22 -6.88 -10.34 7.97
CA VAL A 22 -6.92 -10.67 9.40
C VAL A 22 -6.02 -11.87 9.72
N ASP A 23 -5.70 -12.67 8.71
CA ASP A 23 -4.82 -13.84 8.87
C ASP A 23 -3.41 -13.39 9.30
N GLY A 24 -2.95 -12.29 8.72
CA GLY A 24 -1.65 -11.72 9.07
C GLY A 24 -0.66 -11.69 7.90
N LYS A 25 -1.19 -11.69 6.67
CA LYS A 25 -0.34 -11.75 5.48
C LYS A 25 -0.36 -10.46 4.63
N PHE A 26 -1.52 -10.09 4.09
CA PHE A 26 -1.56 -9.03 3.05
C PHE A 26 -2.43 -7.82 3.40
N ILE A 27 -2.09 -6.68 2.80
CA ILE A 27 -2.90 -5.46 2.85
C ILE A 27 -3.23 -5.01 1.41
N ARG A 28 -4.49 -5.11 1.02
CA ARG A 28 -4.89 -4.87 -0.38
C ARG A 28 -5.30 -3.41 -0.65
N LEU A 29 -4.54 -2.74 -1.50
CA LEU A 29 -4.88 -1.38 -1.96
C LEU A 29 -5.61 -1.41 -3.31
N LYS A 30 -5.97 -0.24 -3.82
CA LYS A 30 -6.83 -0.15 -5.01
C LYS A 30 -6.80 1.27 -5.61
N ASN A 31 -6.43 1.37 -6.89
CA ASN A 31 -6.41 2.66 -7.59
C ASN A 31 -7.83 3.16 -7.91
N THR A 32 -8.38 4.00 -7.05
CA THR A 32 -9.73 4.54 -7.24
C THR A 32 -9.72 5.75 -8.19
N SER A 33 -9.82 5.47 -9.48
CA SER A 33 -9.80 6.52 -10.51
C SER A 33 -10.51 6.06 -11.79
N GLU A 34 -10.65 6.96 -12.76
CA GLU A 34 -11.35 6.67 -14.02
C GLU A 34 -10.36 6.41 -15.19
N GLN A 35 -9.07 6.42 -14.89
CA GLN A 35 -8.05 6.32 -15.95
C GLN A 35 -6.78 5.62 -15.44
N ASP A 36 -6.04 5.00 -16.36
CA ASP A 36 -4.77 4.33 -16.01
C ASP A 36 -3.77 5.34 -15.42
N GLN A 37 -3.38 5.13 -14.16
CA GLN A 37 -2.52 6.08 -13.43
C GLN A 37 -1.16 5.45 -13.08
N PRO A 38 -0.15 6.27 -12.71
CA PRO A 38 1.11 5.76 -12.16
C PRO A 38 0.95 5.33 -10.69
N MET A 39 1.64 4.27 -10.27
CA MET A 39 1.51 3.75 -8.89
C MET A 39 1.70 4.86 -7.85
N GLY A 40 2.84 5.53 -7.89
CA GLY A 40 3.08 6.67 -7.00
C GLY A 40 4.02 6.37 -5.85
N GLY A 41 4.78 7.39 -5.42
CA GLY A 41 5.70 7.23 -4.30
C GLY A 41 5.04 7.42 -2.94
N TRP A 42 4.03 6.59 -2.67
CA TRP A 42 3.32 6.64 -1.39
C TRP A 42 4.12 5.92 -0.29
N GLU A 43 3.70 6.07 0.97
CA GLU A 43 4.32 5.34 2.07
C GLU A 43 3.26 4.80 3.05
N MET A 44 3.30 3.49 3.27
CA MET A 44 2.37 2.81 4.18
C MET A 44 2.96 2.69 5.60
N ILE A 45 2.42 3.45 6.53
CA ILE A 45 2.85 3.38 7.94
C ILE A 45 1.90 2.48 8.75
N ARG A 46 2.42 1.36 9.25
CA ARG A 46 1.62 0.44 10.07
C ARG A 46 1.58 0.88 11.54
N LYS A 47 0.53 1.60 11.93
CA LYS A 47 0.38 2.04 13.33
C LYS A 47 -0.47 1.07 14.15
N ILE A 48 0.03 0.71 15.33
CA ILE A 48 -0.68 -0.22 16.21
C ILE A 48 -0.36 0.07 17.70
N GLY A 49 0.10 1.30 17.96
CA GLY A 49 0.38 1.72 19.33
C GLY A 49 1.87 1.70 19.67
N ASP A 50 2.49 0.53 19.59
CA ASP A 50 3.91 0.38 19.94
C ASP A 50 4.85 0.77 18.79
N THR A 51 4.82 0.01 17.70
CA THR A 51 5.71 0.24 16.55
C THR A 51 5.03 1.06 15.45
N SER A 52 5.81 1.44 14.44
CA SER A 52 5.31 2.23 13.30
C SER A 52 5.99 1.84 11.98
N VAL A 53 6.34 0.55 11.86
CA VAL A 53 7.01 0.02 10.66
C VAL A 53 6.30 0.46 9.36
N SER A 54 7.06 1.03 8.43
CA SER A 54 6.49 1.62 7.22
C SER A 54 6.92 0.88 5.94
N TYR A 55 6.40 1.34 4.80
CA TYR A 55 6.76 0.80 3.49
C TYR A 55 6.58 1.86 2.39
N LYS A 56 7.69 2.36 1.86
CA LYS A 56 7.64 3.26 0.71
C LYS A 56 7.43 2.45 -0.58
N TYR A 57 6.35 2.75 -1.30
CA TYR A 57 5.94 1.95 -2.46
C TYR A 57 6.91 2.10 -3.65
N THR A 58 7.42 0.97 -4.12
CA THR A 58 8.29 0.93 -5.31
C THR A 58 7.50 1.20 -6.60
N SER A 59 7.31 2.48 -6.92
CA SER A 59 6.56 2.88 -8.12
C SER A 59 7.37 2.60 -9.39
N ARG A 60 7.49 1.31 -9.73
CA ARG A 60 8.26 0.88 -10.90
C ARG A 60 7.36 0.51 -12.09
N TYR A 61 6.06 0.75 -11.95
CA TYR A 61 5.09 0.45 -13.03
C TYR A 61 3.79 1.27 -12.86
N VAL A 62 2.98 1.30 -13.91
CA VAL A 62 1.70 2.02 -13.89
C VAL A 62 0.56 1.12 -13.39
N LEU A 63 -0.37 1.71 -12.64
CA LEU A 63 -1.49 0.98 -12.05
C LEU A 63 -2.83 1.34 -12.74
N LYS A 64 -3.52 0.33 -13.26
CA LYS A 64 -4.78 0.55 -13.99
C LYS A 64 -5.92 1.09 -13.11
N ALA A 65 -6.97 1.60 -13.75
CA ALA A 65 -8.11 2.15 -13.02
C ALA A 65 -8.92 1.05 -12.32
N GLY A 66 -9.11 1.19 -11.01
CA GLY A 66 -9.82 0.18 -10.22
C GLY A 66 -8.99 -1.07 -9.94
N GLN A 67 -7.71 -1.02 -10.31
CA GLN A 67 -6.81 -2.17 -10.13
C GLN A 67 -6.48 -2.41 -8.65
N THR A 68 -6.59 -3.66 -8.22
CA THR A 68 -6.30 -4.04 -6.83
C THR A 68 -4.86 -4.50 -6.64
N VAL A 69 -4.01 -3.60 -6.14
CA VAL A 69 -2.62 -3.92 -5.82
C VAL A 69 -2.46 -4.34 -4.36
N THR A 70 -2.11 -5.60 -4.13
CA THR A 70 -2.06 -6.16 -2.77
C THR A 70 -0.63 -6.21 -2.24
N ILE A 71 -0.45 -5.72 -1.01
CA ILE A 71 0.85 -5.77 -0.33
C ILE A 71 0.98 -7.03 0.54
N TRP A 72 1.67 -8.05 0.01
CA TRP A 72 1.83 -9.32 0.73
C TRP A 72 3.11 -9.31 1.60
N ALA A 73 2.94 -9.49 2.91
CA ALA A 73 4.10 -9.53 3.83
C ALA A 73 5.15 -10.57 3.41
N ALA A 74 6.41 -10.34 3.80
CA ALA A 74 7.53 -11.20 3.40
C ALA A 74 7.21 -12.71 3.53
N ASN A 75 6.54 -13.08 4.62
CA ASN A 75 6.20 -14.49 4.88
C ASN A 75 4.78 -14.83 4.38
N ALA A 76 4.44 -14.36 3.18
CA ALA A 76 3.16 -14.70 2.54
C ALA A 76 3.30 -15.87 1.57
N GLY A 77 4.53 -16.34 1.36
CA GLY A 77 4.78 -17.47 0.47
C GLY A 77 4.99 -17.07 -0.99
N VAL A 78 4.09 -16.24 -1.52
CA VAL A 78 4.17 -15.76 -2.90
C VAL A 78 5.52 -15.09 -3.21
N THR A 79 6.00 -15.24 -4.46
CA THR A 79 7.26 -14.62 -4.89
C THR A 79 7.26 -13.11 -4.64
N ALA A 80 8.35 -12.61 -4.05
CA ALA A 80 8.47 -11.20 -3.64
C ALA A 80 8.19 -10.21 -4.78
N SER A 81 8.40 -10.65 -6.02
CA SER A 81 8.15 -9.79 -7.19
C SER A 81 7.35 -10.54 -8.26
N PRO A 82 6.01 -10.59 -8.10
CA PRO A 82 5.11 -11.29 -9.06
C PRO A 82 5.26 -10.87 -10.55
N PRO A 83 5.31 -9.55 -10.91
CA PRO A 83 5.20 -8.40 -10.01
C PRO A 83 3.83 -7.69 -10.02
N THR A 84 2.75 -8.41 -10.38
CA THR A 84 1.39 -7.83 -10.37
C THR A 84 1.01 -7.28 -8.98
N ASP A 85 1.50 -7.95 -7.93
CA ASP A 85 1.36 -7.47 -6.55
C ASP A 85 2.74 -7.08 -5.97
N LEU A 86 2.75 -6.49 -4.78
CA LEU A 86 4.00 -6.08 -4.13
C LEU A 86 4.17 -6.74 -2.76
N ILE A 87 5.29 -7.40 -2.54
CA ILE A 87 5.56 -8.07 -1.26
C ILE A 87 6.32 -7.14 -0.28
N TRP A 88 5.73 -6.97 0.91
CA TRP A 88 6.34 -6.16 1.97
C TRP A 88 7.52 -6.89 2.63
N LYS A 89 8.68 -6.83 1.97
CA LYS A 89 9.88 -7.51 2.46
C LYS A 89 10.41 -6.87 3.76
N ASN A 90 9.94 -5.66 4.07
CA ASN A 90 10.37 -4.93 5.27
C ASN A 90 9.73 -5.51 6.55
N GLN A 91 8.73 -6.38 6.38
CA GLN A 91 8.06 -7.02 7.52
C GLN A 91 7.57 -8.43 7.17
N ASN A 92 7.71 -9.36 8.12
CA ASN A 92 7.18 -10.72 7.95
C ASN A 92 5.66 -10.77 8.26
N SER A 93 5.09 -11.97 8.31
CA SER A 93 3.65 -12.11 8.60
C SER A 93 3.35 -11.83 10.09
N TRP A 94 2.38 -10.96 10.34
CA TRP A 94 2.09 -10.50 11.71
C TRP A 94 1.07 -11.40 12.41
N GLY A 95 1.28 -11.61 13.71
CA GLY A 95 0.34 -12.40 14.51
C GLY A 95 -0.46 -11.54 15.49
N THR A 96 -0.60 -10.25 15.17
CA THR A 96 -1.32 -9.31 16.03
C THR A 96 -2.84 -9.41 15.87
N GLY A 97 -3.55 -9.57 16.99
CA GLY A 97 -5.01 -9.64 16.96
C GLY A 97 -5.68 -8.28 17.08
N GLU A 98 -4.90 -7.25 17.41
CA GLU A 98 -5.42 -5.88 17.52
C GLU A 98 -5.75 -5.29 16.13
N ASP A 99 -6.65 -4.31 16.10
CA ASP A 99 -7.01 -3.66 14.83
C ASP A 99 -5.84 -2.84 14.28
N VAL A 100 -5.01 -3.49 13.47
CA VAL A 100 -3.89 -2.82 12.82
C VAL A 100 -4.39 -1.65 11.94
N LYS A 101 -3.98 -0.44 12.29
CA LYS A 101 -4.48 0.77 11.63
C LYS A 101 -3.44 1.32 10.64
N VAL A 102 -3.64 1.00 9.37
CA VAL A 102 -2.68 1.34 8.31
C VAL A 102 -2.85 2.79 7.80
N ILE A 103 -1.73 3.51 7.69
CA ILE A 103 -1.73 4.90 7.26
C ILE A 103 -1.07 5.07 5.88
N LEU A 104 -1.71 5.83 4.98
CA LEU A 104 -1.14 6.13 3.66
C LEU A 104 -0.78 7.62 3.53
N LYS A 105 0.52 7.92 3.50
CA LYS A 105 0.98 9.31 3.39
C LYS A 105 1.84 9.54 2.12
N ASN A 106 1.94 10.80 1.72
CA ASN A 106 2.65 11.20 0.50
C ASN A 106 4.09 11.62 0.79
N SER A 107 4.81 12.02 -0.28
CA SER A 107 6.21 12.46 -0.18
C SER A 107 6.36 13.71 0.72
N GLN A 108 5.27 14.44 0.93
CA GLN A 108 5.29 15.65 1.77
C GLN A 108 4.69 15.41 3.16
N GLY A 109 4.58 14.14 3.57
CA GLY A 109 4.05 13.82 4.90
C GLY A 109 2.52 13.90 4.98
N GLU A 110 1.91 14.61 4.04
CA GLU A 110 0.44 14.73 3.98
C GLU A 110 -0.23 13.36 3.86
N GLU A 111 -1.51 13.27 4.21
CA GLU A 111 -2.21 11.98 4.26
C GLU A 111 -3.44 11.94 3.35
N VAL A 112 -3.51 10.92 2.49
CA VAL A 112 -4.64 10.75 1.58
C VAL A 112 -5.69 9.77 2.14
N ALA A 113 -5.25 8.76 2.89
CA ALA A 113 -6.17 7.75 3.42
C ALA A 113 -5.57 6.97 4.61
N GLN A 114 -6.45 6.53 5.51
CA GLN A 114 -6.07 5.68 6.65
C GLN A 114 -7.22 4.70 6.99
N ARG A 115 -6.89 3.47 7.35
CA ARG A 115 -7.93 2.45 7.62
C ARG A 115 -7.43 1.35 8.57
N SER A 116 -8.36 0.69 9.24
CA SER A 116 -8.03 -0.42 10.16
C SER A 116 -8.81 -1.69 9.80
N THR A 117 -8.45 -2.81 10.43
CA THR A 117 -9.15 -4.09 10.24
C THR A 117 -10.53 -4.09 10.93
N VAL A 118 -11.41 -4.99 10.47
CA VAL A 118 -12.74 -5.13 11.06
C VAL A 118 -12.67 -5.89 12.40
N PHE A 119 -12.49 -5.14 13.48
CA PHE A 119 -12.45 -5.72 14.83
C PHE A 119 -13.84 -6.23 15.27
N LYS A 120 -14.89 -5.65 14.69
CA LYS A 120 -16.27 -6.03 15.00
C LYS A 120 -16.86 -6.93 13.91
N THR A 121 -16.81 -8.24 14.14
CA THR A 121 -17.37 -9.22 13.19
C THR A 121 -18.89 -9.36 13.37
N THR A 122 -19.58 -9.77 12.30
CA THR A 122 -21.04 -9.94 12.31
C THR A 122 -21.56 -10.62 11.02
N MET A 1 7.84 34.18 -31.61
CA MET A 1 6.76 33.18 -31.39
C MET A 1 7.33 31.85 -30.89
N GLY A 2 6.87 31.39 -29.72
CA GLY A 2 7.38 30.13 -29.16
C GLY A 2 6.78 29.74 -27.82
N HIS A 3 5.55 29.20 -27.84
CA HIS A 3 4.91 28.66 -26.63
C HIS A 3 4.02 27.46 -26.97
N HIS A 4 4.52 26.24 -26.73
CA HIS A 4 3.80 25.01 -27.10
C HIS A 4 3.02 24.41 -25.92
N HIS A 5 2.84 25.17 -24.84
CA HIS A 5 1.99 24.75 -23.71
C HIS A 5 2.51 23.47 -23.02
N HIS A 6 3.79 23.17 -23.19
CA HIS A 6 4.39 21.96 -22.62
C HIS A 6 4.85 22.18 -21.15
N HIS A 7 5.51 21.16 -20.59
CA HIS A 7 6.04 21.20 -19.21
C HIS A 7 4.92 21.05 -18.17
N HIS A 8 3.84 20.38 -18.56
CA HIS A 8 2.73 20.06 -17.65
C HIS A 8 3.19 19.08 -16.54
N SER A 9 2.57 19.20 -15.35
CA SER A 9 2.93 18.36 -14.18
C SER A 9 2.66 16.87 -14.42
N HIS A 10 3.00 16.03 -13.44
CA HIS A 10 2.88 14.58 -13.58
C HIS A 10 1.79 14.01 -12.66
N MET A 11 1.07 13.01 -13.15
CA MET A 11 -0.02 12.38 -12.40
C MET A 11 0.50 11.27 -11.45
N THR A 12 0.47 11.54 -10.15
CA THR A 12 0.92 10.56 -9.14
C THR A 12 -0.11 9.45 -8.90
N GLY A 13 -1.40 9.77 -9.03
CA GLY A 13 -2.45 8.75 -8.86
C GLY A 13 -3.20 8.87 -7.54
N ASN A 14 -4.02 7.86 -7.24
CA ASN A 14 -4.80 7.83 -5.99
C ASN A 14 -5.13 6.39 -5.58
N VAL A 15 -4.49 5.89 -4.52
CA VAL A 15 -4.69 4.51 -4.06
C VAL A 15 -5.04 4.47 -2.56
N CYS A 16 -6.07 3.70 -2.19
CA CYS A 16 -6.53 3.61 -0.80
C CYS A 16 -6.76 2.16 -0.37
N ILE A 17 -6.74 1.91 0.93
CA ILE A 17 -6.93 0.55 1.48
C ILE A 17 -8.42 0.17 1.55
N GLU A 18 -8.81 -0.85 0.80
CA GLU A 18 -10.19 -1.35 0.80
C GLU A 18 -10.45 -2.26 2.00
N GLU A 19 -9.56 -3.25 2.20
CA GLU A 19 -9.73 -4.23 3.27
C GLU A 19 -8.42 -4.96 3.58
N ILE A 20 -8.28 -5.40 4.83
CA ILE A 20 -7.08 -6.14 5.27
C ILE A 20 -7.46 -7.59 5.66
N ASP A 21 -6.52 -8.51 5.47
CA ASP A 21 -6.76 -9.93 5.76
C ASP A 21 -7.14 -10.16 7.24
N VAL A 22 -8.02 -11.13 7.48
CA VAL A 22 -8.50 -11.44 8.84
C VAL A 22 -7.41 -12.11 9.69
N ASP A 23 -6.55 -12.89 9.03
CA ASP A 23 -5.46 -13.59 9.71
C ASP A 23 -4.27 -12.65 9.94
N GLY A 24 -3.88 -11.92 8.89
CA GLY A 24 -2.79 -10.94 8.98
C GLY A 24 -1.72 -11.14 7.91
N LYS A 25 -2.07 -11.78 6.80
CA LYS A 25 -1.10 -12.11 5.75
C LYS A 25 -0.96 -11.02 4.68
N PHE A 26 -2.01 -10.23 4.43
CA PHE A 26 -1.97 -9.22 3.35
C PHE A 26 -2.88 -8.01 3.61
N ILE A 27 -2.58 -6.90 2.90
CA ILE A 27 -3.38 -5.67 2.96
C ILE A 27 -3.80 -5.24 1.54
N ARG A 28 -5.10 -5.13 1.27
CA ARG A 28 -5.59 -4.83 -0.08
C ARG A 28 -5.81 -3.32 -0.31
N LEU A 29 -5.02 -2.74 -1.20
CA LEU A 29 -5.22 -1.36 -1.65
C LEU A 29 -5.91 -1.33 -3.02
N LYS A 30 -6.44 -0.17 -3.42
CA LYS A 30 -7.16 -0.06 -4.69
C LYS A 30 -7.06 1.36 -5.29
N ASN A 31 -6.89 1.42 -6.61
CA ASN A 31 -6.85 2.69 -7.34
C ASN A 31 -8.25 3.13 -7.76
N THR A 32 -8.51 4.44 -7.78
CA THR A 32 -9.83 4.98 -8.13
C THR A 32 -9.78 5.91 -9.37
N SER A 33 -8.63 5.96 -10.03
CA SER A 33 -8.46 6.84 -11.21
C SER A 33 -9.03 6.20 -12.49
N GLU A 34 -9.39 7.05 -13.45
CA GLU A 34 -9.93 6.60 -14.74
C GLU A 34 -8.81 6.24 -15.74
N GLN A 35 -7.56 6.23 -15.26
CA GLN A 35 -6.40 6.04 -16.14
C GLN A 35 -5.28 5.28 -15.43
N ASP A 36 -4.41 4.62 -16.21
CA ASP A 36 -3.26 3.90 -15.66
C ASP A 36 -2.21 4.88 -15.07
N GLN A 37 -2.14 4.94 -13.74
CA GLN A 37 -1.26 5.90 -13.06
C GLN A 37 -0.03 5.20 -12.46
N PRO A 38 1.14 5.87 -12.45
CA PRO A 38 2.37 5.34 -11.83
C PRO A 38 2.16 4.96 -10.34
N MET A 39 2.99 4.04 -9.84
CA MET A 39 2.90 3.58 -8.44
C MET A 39 3.09 4.75 -7.44
N GLY A 40 3.86 5.75 -7.84
CA GLY A 40 4.06 6.94 -7.00
C GLY A 40 5.18 6.79 -5.98
N GLY A 41 5.44 7.86 -5.23
CA GLY A 41 6.50 7.84 -4.21
C GLY A 41 5.95 8.04 -2.81
N TRP A 42 4.96 7.23 -2.43
CA TRP A 42 4.32 7.35 -1.12
C TRP A 42 4.88 6.31 -0.14
N GLU A 43 4.50 6.40 1.13
CA GLU A 43 4.94 5.41 2.14
C GLU A 43 3.78 5.00 3.06
N MET A 44 3.69 3.70 3.33
CA MET A 44 2.63 3.16 4.19
C MET A 44 3.16 2.78 5.58
N ILE A 45 2.57 3.36 6.63
CA ILE A 45 3.00 3.08 8.01
C ILE A 45 1.99 2.15 8.73
N ARG A 46 2.48 1.03 9.25
CA ARG A 46 1.63 0.07 9.97
C ARG A 46 1.60 0.38 11.48
N LYS A 47 0.40 0.58 12.02
CA LYS A 47 0.22 0.72 13.47
C LYS A 47 -0.65 -0.41 14.04
N ILE A 48 -0.02 -1.36 14.72
CA ILE A 48 -0.75 -2.45 15.40
C ILE A 48 -1.02 -2.10 16.87
N GLY A 49 -0.18 -1.21 17.42
CA GLY A 49 -0.34 -0.78 18.80
C GLY A 49 0.80 0.10 19.26
N ASP A 50 1.80 -0.50 19.91
CA ASP A 50 2.99 0.22 20.35
C ASP A 50 4.09 0.21 19.28
N THR A 51 4.28 -0.93 18.62
CA THR A 51 5.30 -1.08 17.57
C THR A 51 4.75 -0.78 16.17
N SER A 52 5.59 -0.24 15.30
CA SER A 52 5.17 0.13 13.94
C SER A 52 6.27 -0.20 12.91
N VAL A 53 5.92 -0.12 11.63
CA VAL A 53 6.87 -0.35 10.53
C VAL A 53 6.33 0.23 9.22
N SER A 54 7.20 0.81 8.40
CA SER A 54 6.77 1.49 7.16
C SER A 54 7.30 0.82 5.89
N TYR A 55 6.62 1.10 4.77
CA TYR A 55 7.01 0.56 3.47
C TYR A 55 6.75 1.59 2.35
N LYS A 56 7.82 2.07 1.71
CA LYS A 56 7.69 3.05 0.62
C LYS A 56 7.45 2.37 -0.73
N TYR A 57 6.57 2.97 -1.52
CA TYR A 57 6.24 2.45 -2.86
C TYR A 57 7.20 2.99 -3.93
N THR A 58 7.50 2.15 -4.92
CA THR A 58 8.42 2.53 -6.00
C THR A 58 7.75 2.43 -7.39
N SER A 59 7.86 3.51 -8.18
CA SER A 59 7.26 3.54 -9.52
C SER A 59 8.03 2.65 -10.52
N ARG A 60 7.85 1.34 -10.39
CA ARG A 60 8.45 0.38 -11.32
C ARG A 60 7.44 -0.06 -12.40
N TYR A 61 6.22 0.43 -12.29
CA TYR A 61 5.16 0.15 -13.27
C TYR A 61 3.95 1.08 -13.04
N VAL A 62 2.99 1.03 -13.95
CA VAL A 62 1.76 1.82 -13.83
C VAL A 62 0.61 0.98 -13.26
N LEU A 63 -0.01 1.47 -12.19
CA LEU A 63 -1.19 0.84 -11.61
C LEU A 63 -2.41 1.11 -12.50
N LYS A 64 -3.01 0.05 -13.00
CA LYS A 64 -4.09 0.16 -14.00
C LYS A 64 -5.32 0.91 -13.47
N ALA A 65 -6.12 1.44 -14.40
CA ALA A 65 -7.33 2.20 -14.06
C ALA A 65 -8.30 1.38 -13.18
N GLY A 66 -8.50 1.82 -11.94
CA GLY A 66 -9.42 1.15 -11.03
C GLY A 66 -8.95 -0.25 -10.59
N GLN A 67 -7.65 -0.52 -10.72
CA GLN A 67 -7.08 -1.83 -10.37
C GLN A 67 -6.74 -1.92 -8.87
N THR A 68 -6.83 -3.14 -8.32
CA THR A 68 -6.44 -3.40 -6.92
C THR A 68 -4.98 -3.85 -6.82
N VAL A 69 -4.31 -3.46 -5.74
CA VAL A 69 -2.94 -3.90 -5.47
C VAL A 69 -2.80 -4.32 -3.99
N THR A 70 -2.38 -5.57 -3.75
CA THR A 70 -2.29 -6.10 -2.39
C THR A 70 -0.84 -6.13 -1.88
N ILE A 71 -0.65 -5.73 -0.63
CA ILE A 71 0.66 -5.81 0.02
C ILE A 71 0.78 -7.11 0.85
N TRP A 72 1.60 -8.04 0.38
CA TRP A 72 1.84 -9.31 1.10
C TRP A 72 3.13 -9.22 1.93
N ALA A 73 3.08 -9.71 3.17
CA ALA A 73 4.25 -9.68 4.04
C ALA A 73 5.42 -10.52 3.48
N ALA A 74 6.64 -10.23 3.93
CA ALA A 74 7.86 -10.91 3.44
C ALA A 74 7.69 -12.44 3.42
N ASN A 75 7.13 -13.00 4.48
CA ASN A 75 6.92 -14.44 4.57
C ASN A 75 5.48 -14.83 4.14
N ALA A 76 5.23 -14.78 2.84
CA ALA A 76 3.93 -15.16 2.27
C ALA A 76 4.08 -16.27 1.21
N GLY A 77 5.32 -16.73 1.02
CA GLY A 77 5.60 -17.78 0.03
C GLY A 77 5.36 -17.34 -1.41
N VAL A 78 5.28 -16.03 -1.63
CA VAL A 78 4.98 -15.47 -2.96
C VAL A 78 6.25 -15.19 -3.78
N THR A 79 6.05 -14.86 -5.06
CA THR A 79 7.17 -14.61 -6.00
C THR A 79 7.73 -13.18 -5.86
N ALA A 80 8.91 -12.97 -6.41
CA ALA A 80 9.57 -11.66 -6.34
C ALA A 80 9.00 -10.68 -7.39
N SER A 81 7.96 -9.94 -6.98
CA SER A 81 7.30 -8.96 -7.86
C SER A 81 6.72 -9.63 -9.12
N PRO A 82 5.53 -10.25 -9.02
CA PRO A 82 4.91 -11.03 -10.11
C PRO A 82 4.97 -10.37 -11.52
N PRO A 83 4.53 -9.10 -11.71
CA PRO A 83 3.94 -8.23 -10.69
C PRO A 83 2.40 -8.16 -10.74
N THR A 84 1.80 -7.96 -9.57
CA THR A 84 0.35 -7.75 -9.41
C THR A 84 0.06 -7.33 -7.98
N ASP A 85 0.80 -7.94 -7.05
CA ASP A 85 0.82 -7.54 -5.65
C ASP A 85 2.26 -7.21 -5.23
N LEU A 86 2.42 -6.41 -4.18
CA LEU A 86 3.76 -5.98 -3.75
C LEU A 86 4.22 -6.72 -2.48
N ILE A 87 5.51 -7.06 -2.43
CA ILE A 87 6.08 -7.81 -1.30
C ILE A 87 6.71 -6.86 -0.27
N TRP A 88 6.22 -6.94 0.97
CA TRP A 88 6.71 -6.11 2.07
C TRP A 88 7.88 -6.81 2.80
N LYS A 89 9.09 -6.66 2.26
CA LYS A 89 10.27 -7.33 2.84
C LYS A 89 10.73 -6.67 4.14
N ASN A 90 10.27 -5.45 4.39
CA ASN A 90 10.65 -4.69 5.60
C ASN A 90 10.10 -5.36 6.88
N GLN A 91 9.15 -6.28 6.72
CA GLN A 91 8.53 -6.97 7.85
C GLN A 91 8.09 -8.39 7.45
N ASN A 92 8.31 -9.36 8.34
CA ASN A 92 7.87 -10.73 8.10
C ASN A 92 6.34 -10.86 8.24
N SER A 93 5.82 -12.08 8.10
CA SER A 93 4.37 -12.32 8.18
C SER A 93 3.87 -12.32 9.62
N TRP A 94 2.68 -11.77 9.84
CA TRP A 94 2.10 -11.68 11.20
C TRP A 94 0.70 -12.32 11.24
N GLY A 95 0.28 -12.72 12.43
CA GLY A 95 -1.05 -13.31 12.60
C GLY A 95 -1.49 -13.37 14.05
N THR A 96 -2.79 -13.11 14.29
CA THR A 96 -3.35 -13.13 15.66
C THR A 96 -4.82 -12.73 15.67
N GLY A 97 -5.24 -11.92 14.69
CA GLY A 97 -6.63 -11.46 14.63
C GLY A 97 -6.90 -10.19 15.43
N GLU A 98 -5.87 -9.33 15.56
CA GLU A 98 -6.02 -8.03 16.23
C GLU A 98 -6.22 -6.91 15.20
N ASP A 99 -7.05 -5.92 15.54
CA ASP A 99 -7.31 -4.79 14.63
C ASP A 99 -6.06 -3.95 14.37
N VAL A 100 -5.42 -4.20 13.22
CA VAL A 100 -4.25 -3.41 12.81
C VAL A 100 -4.69 -2.16 12.01
N LYS A 101 -4.22 -1.00 12.44
CA LYS A 101 -4.55 0.27 11.81
C LYS A 101 -3.38 0.80 10.95
N VAL A 102 -3.63 0.96 9.66
CA VAL A 102 -2.57 1.32 8.71
C VAL A 102 -2.73 2.78 8.20
N ILE A 103 -1.59 3.42 7.92
CA ILE A 103 -1.56 4.84 7.52
C ILE A 103 -1.00 5.01 6.09
N LEU A 104 -1.75 5.69 5.21
CA LEU A 104 -1.27 5.99 3.85
C LEU A 104 -0.98 7.48 3.66
N LYS A 105 0.30 7.85 3.59
CA LYS A 105 0.71 9.23 3.36
C LYS A 105 1.57 9.37 2.08
N ASN A 106 1.33 10.45 1.33
CA ASN A 106 2.01 10.69 0.05
C ASN A 106 3.42 11.28 0.25
N SER A 107 4.10 11.52 -0.87
CA SER A 107 5.49 12.01 -0.88
C SER A 107 5.64 13.31 -0.07
N GLN A 108 4.76 14.28 -0.31
CA GLN A 108 4.82 15.58 0.39
C GLN A 108 4.42 15.47 1.88
N GLY A 109 4.00 14.29 2.31
CA GLY A 109 3.58 14.10 3.70
C GLY A 109 2.07 14.20 3.92
N GLU A 110 1.37 14.77 2.94
CA GLU A 110 -0.10 14.84 2.99
C GLU A 110 -0.72 13.44 2.87
N GLU A 111 -1.82 13.21 3.60
CA GLU A 111 -2.39 11.87 3.73
C GLU A 111 -3.64 11.67 2.86
N VAL A 112 -3.67 10.57 2.10
CA VAL A 112 -4.87 10.20 1.33
C VAL A 112 -5.95 9.59 2.25
N ALA A 113 -5.55 8.67 3.13
CA ALA A 113 -6.49 8.03 4.06
C ALA A 113 -5.79 7.07 5.04
N GLN A 114 -6.14 7.17 6.32
CA GLN A 114 -5.74 6.19 7.34
C GLN A 114 -6.94 5.31 7.70
N ARG A 115 -6.72 4.02 7.92
CA ARG A 115 -7.85 3.08 8.13
C ARG A 115 -7.43 1.84 8.93
N SER A 116 -8.36 1.31 9.73
CA SER A 116 -8.12 0.09 10.52
C SER A 116 -8.94 -1.08 9.97
N THR A 117 -8.66 -2.28 10.46
CA THR A 117 -9.40 -3.49 10.06
C THR A 117 -10.82 -3.51 10.64
N VAL A 118 -11.67 -4.38 10.09
CA VAL A 118 -13.01 -4.59 10.61
C VAL A 118 -13.45 -6.05 10.42
N PHE A 119 -13.69 -6.75 11.51
CA PHE A 119 -14.07 -8.17 11.45
C PHE A 119 -15.56 -8.34 11.17
N LYS A 120 -15.88 -8.91 10.01
CA LYS A 120 -17.27 -9.19 9.64
C LYS A 120 -17.77 -10.48 10.31
N THR A 121 -18.65 -10.33 11.29
CA THR A 121 -19.22 -11.49 12.00
C THR A 121 -20.29 -12.20 11.17
N THR A 122 -19.94 -13.37 10.62
CA THR A 122 -20.87 -14.12 9.77
C THR A 122 -20.87 -15.64 10.11
N MET A 1 24.13 19.43 -3.18
CA MET A 1 23.69 18.12 -3.74
C MET A 1 22.20 18.14 -4.09
N GLY A 2 21.82 17.40 -5.11
CA GLY A 2 20.41 17.32 -5.50
C GLY A 2 19.53 16.63 -4.46
N HIS A 3 18.27 17.07 -4.33
CA HIS A 3 17.33 16.49 -3.35
C HIS A 3 16.00 16.08 -4.01
N HIS A 4 16.01 15.84 -5.32
CA HIS A 4 14.82 15.36 -6.03
C HIS A 4 15.15 14.14 -6.90
N HIS A 5 14.66 12.96 -6.50
CA HIS A 5 14.89 11.72 -7.27
C HIS A 5 13.84 11.52 -8.35
N HIS A 6 12.58 11.36 -7.94
CA HIS A 6 11.48 11.14 -8.88
C HIS A 6 10.59 12.37 -9.00
N HIS A 7 10.49 12.90 -10.21
CA HIS A 7 9.72 14.12 -10.49
C HIS A 7 8.87 13.93 -11.75
N HIS A 8 7.55 13.89 -11.56
CA HIS A 8 6.61 13.67 -12.67
C HIS A 8 5.40 14.59 -12.54
N SER A 9 4.72 14.85 -13.66
CA SER A 9 3.52 15.71 -13.68
C SER A 9 2.54 15.32 -12.57
N HIS A 10 2.17 16.31 -11.74
CA HIS A 10 1.39 16.05 -10.53
C HIS A 10 -0.04 15.55 -10.79
N MET A 11 -0.43 14.56 -10.00
CA MET A 11 -1.81 14.06 -9.95
C MET A 11 -2.14 13.63 -8.51
N THR A 12 -3.43 13.59 -8.17
CA THR A 12 -3.87 13.24 -6.81
C THR A 12 -3.57 11.77 -6.47
N GLY A 13 -3.85 10.87 -7.41
CA GLY A 13 -3.66 9.45 -7.17
C GLY A 13 -4.72 8.86 -6.25
N ASN A 14 -5.89 8.55 -6.80
CA ASN A 14 -7.02 8.03 -6.02
C ASN A 14 -6.84 6.54 -5.64
N VAL A 15 -5.66 6.19 -5.13
CA VAL A 15 -5.36 4.81 -4.73
C VAL A 15 -5.51 4.64 -3.20
N CYS A 16 -6.66 4.13 -2.78
CA CYS A 16 -6.96 3.94 -1.35
C CYS A 16 -7.05 2.46 -0.98
N ILE A 17 -6.87 2.16 0.31
CA ILE A 17 -6.99 0.78 0.80
C ILE A 17 -8.41 0.23 0.57
N GLU A 18 -8.51 -1.00 0.10
CA GLU A 18 -9.81 -1.66 -0.06
C GLU A 18 -10.16 -2.44 1.21
N GLU A 19 -9.43 -3.52 1.47
CA GLU A 19 -9.67 -4.37 2.63
C GLU A 19 -8.37 -5.01 3.14
N ILE A 20 -8.21 -5.05 4.46
CA ILE A 20 -7.04 -5.68 5.10
C ILE A 20 -7.39 -7.07 5.63
N ASP A 21 -6.47 -8.03 5.51
CA ASP A 21 -6.71 -9.39 5.97
C ASP A 21 -6.58 -9.53 7.50
N VAL A 22 -7.35 -10.47 8.06
CA VAL A 22 -7.40 -10.71 9.51
C VAL A 22 -6.34 -11.72 10.00
N ASP A 23 -5.98 -12.68 9.14
CA ASP A 23 -4.99 -13.71 9.49
C ASP A 23 -3.57 -13.13 9.54
N GLY A 24 -3.31 -12.14 8.69
CA GLY A 24 -1.99 -11.55 8.60
C GLY A 24 -1.29 -11.91 7.29
N LYS A 25 -2.08 -12.05 6.22
CA LYS A 25 -1.55 -12.43 4.90
C LYS A 25 -1.26 -11.21 4.01
N PHE A 26 -2.24 -10.32 3.85
CA PHE A 26 -2.10 -9.23 2.87
C PHE A 26 -2.94 -7.98 3.22
N ILE A 27 -2.62 -6.88 2.53
CA ILE A 27 -3.38 -5.63 2.59
C ILE A 27 -3.69 -5.15 1.15
N ARG A 28 -4.95 -5.28 0.72
CA ARG A 28 -5.32 -4.96 -0.66
C ARG A 28 -5.79 -3.51 -0.81
N LEU A 29 -5.14 -2.77 -1.73
CA LEU A 29 -5.54 -1.39 -2.06
C LEU A 29 -6.50 -1.36 -3.25
N LYS A 30 -6.88 -0.16 -3.69
CA LYS A 30 -7.89 0.00 -4.75
C LYS A 30 -7.86 1.41 -5.36
N ASN A 31 -7.60 1.50 -6.67
CA ASN A 31 -7.61 2.80 -7.39
C ASN A 31 -9.00 3.09 -7.94
N THR A 32 -9.68 4.10 -7.37
CA THR A 32 -11.04 4.47 -7.77
C THR A 32 -11.05 5.64 -8.77
N SER A 33 -9.89 5.96 -9.34
CA SER A 33 -9.78 7.05 -10.33
C SER A 33 -10.23 6.62 -11.72
N GLU A 34 -10.60 7.60 -12.55
CA GLU A 34 -10.95 7.36 -13.95
C GLU A 34 -9.68 7.19 -14.80
N GLN A 35 -8.53 7.56 -14.24
CA GLN A 35 -7.26 7.57 -14.96
C GLN A 35 -6.27 6.55 -14.36
N ASP A 36 -5.41 6.01 -15.21
CA ASP A 36 -4.33 5.13 -14.76
C ASP A 36 -3.24 5.96 -14.04
N GLN A 37 -3.15 5.79 -12.72
CA GLN A 37 -2.30 6.64 -11.88
C GLN A 37 -0.89 6.06 -11.70
N PRO A 38 0.16 6.79 -12.13
CA PRO A 38 1.56 6.38 -11.88
C PRO A 38 1.91 6.38 -10.39
N MET A 39 2.60 5.34 -9.93
CA MET A 39 2.91 5.18 -8.49
C MET A 39 3.73 6.37 -7.94
N GLY A 40 4.71 6.84 -8.71
CA GLY A 40 5.53 7.98 -8.30
C GLY A 40 6.52 7.65 -7.18
N GLY A 41 5.98 7.36 -5.98
CA GLY A 41 6.83 7.01 -4.85
C GLY A 41 6.20 7.37 -3.50
N TRP A 42 5.26 6.54 -3.05
CA TRP A 42 4.57 6.77 -1.78
C TRP A 42 5.19 5.93 -0.65
N GLU A 43 4.63 6.06 0.56
CA GLU A 43 5.01 5.18 1.67
C GLU A 43 3.86 5.03 2.68
N MET A 44 3.56 3.79 3.03
CA MET A 44 2.47 3.48 3.96
C MET A 44 2.99 3.23 5.38
N ILE A 45 2.67 4.13 6.30
CA ILE A 45 3.10 4.01 7.70
C ILE A 45 2.05 3.23 8.52
N ARG A 46 2.50 2.39 9.44
CA ARG A 46 1.59 1.53 10.20
C ARG A 46 1.99 1.47 11.70
N LYS A 47 1.03 1.77 12.58
CA LYS A 47 1.29 1.76 14.04
C LYS A 47 0.51 0.62 14.72
N ILE A 48 1.11 0.04 15.76
CA ILE A 48 0.47 -1.07 16.50
C ILE A 48 0.62 -0.88 18.03
N GLY A 49 1.81 -0.46 18.46
CA GLY A 49 2.07 -0.29 19.89
C GLY A 49 3.55 -0.12 20.18
N ASP A 50 3.97 1.12 20.45
CA ASP A 50 5.37 1.46 20.75
C ASP A 50 6.28 1.39 19.51
N THR A 51 6.03 0.43 18.62
CA THR A 51 6.79 0.31 17.37
C THR A 51 5.89 0.57 16.14
N SER A 52 6.49 1.11 15.09
CA SER A 52 5.77 1.41 13.84
C SER A 52 6.59 1.00 12.62
N VAL A 53 5.92 0.50 11.58
CA VAL A 53 6.59 0.04 10.36
C VAL A 53 5.97 0.70 9.11
N SER A 54 6.79 0.94 8.09
CA SER A 54 6.31 1.59 6.86
C SER A 54 6.76 0.84 5.60
N TYR A 55 5.96 0.91 4.54
CA TYR A 55 6.27 0.25 3.27
C TYR A 55 6.33 1.26 2.11
N LYS A 56 7.48 1.35 1.45
CA LYS A 56 7.68 2.30 0.34
C LYS A 56 7.21 1.72 -1.00
N TYR A 57 6.38 2.50 -1.71
CA TYR A 57 5.85 2.08 -3.01
C TYR A 57 6.78 2.49 -4.17
N THR A 58 7.22 1.49 -4.94
CA THR A 58 8.15 1.72 -6.06
C THR A 58 7.46 2.22 -7.33
N SER A 59 8.10 3.16 -8.03
CA SER A 59 7.54 3.78 -9.24
C SER A 59 7.84 2.96 -10.51
N ARG A 60 8.21 1.69 -10.34
CA ARG A 60 8.59 0.83 -11.47
C ARG A 60 7.41 0.49 -12.39
N TYR A 61 6.18 0.82 -11.96
CA TYR A 61 5.00 0.57 -12.80
C TYR A 61 3.86 1.57 -12.49
N VAL A 62 2.85 1.57 -13.36
CA VAL A 62 1.67 2.43 -13.19
C VAL A 62 0.51 1.65 -12.54
N LEU A 63 -0.22 2.32 -11.65
CA LEU A 63 -1.41 1.73 -11.02
C LEU A 63 -2.66 2.12 -11.82
N LYS A 64 -3.13 1.19 -12.65
CA LYS A 64 -4.21 1.47 -13.61
C LYS A 64 -5.57 1.69 -12.95
N ALA A 65 -6.50 2.28 -13.71
CA ALA A 65 -7.85 2.55 -13.22
C ALA A 65 -8.61 1.25 -12.95
N GLY A 66 -9.09 1.07 -11.72
CA GLY A 66 -9.78 -0.16 -11.34
C GLY A 66 -8.83 -1.28 -10.94
N GLN A 67 -7.54 -0.98 -10.85
CA GLN A 67 -6.53 -1.97 -10.45
C GLN A 67 -6.34 -1.99 -8.92
N THR A 68 -6.31 -3.18 -8.34
CA THR A 68 -6.14 -3.35 -6.89
C THR A 68 -4.83 -4.08 -6.56
N VAL A 69 -3.81 -3.33 -6.17
CA VAL A 69 -2.53 -3.93 -5.77
C VAL A 69 -2.60 -4.54 -4.35
N THR A 70 -2.12 -5.78 -4.22
CA THR A 70 -2.15 -6.47 -2.92
C THR A 70 -0.79 -6.43 -2.22
N ILE A 71 -0.76 -5.92 -0.99
CA ILE A 71 0.46 -5.88 -0.19
C ILE A 71 0.61 -7.17 0.65
N TRP A 72 1.38 -8.12 0.14
CA TRP A 72 1.57 -9.42 0.82
C TRP A 72 2.65 -9.34 1.89
N ALA A 73 2.39 -9.88 3.07
CA ALA A 73 3.35 -9.89 4.17
C ALA A 73 4.62 -10.70 3.83
N ALA A 74 5.69 -10.49 4.59
CA ALA A 74 6.97 -11.17 4.36
C ALA A 74 6.83 -12.71 4.28
N ASN A 75 5.73 -13.25 4.83
CA ASN A 75 5.48 -14.70 4.82
C ASN A 75 4.74 -15.14 3.54
N ALA A 76 4.75 -14.28 2.51
CA ALA A 76 4.17 -14.64 1.21
C ALA A 76 4.88 -15.84 0.58
N GLY A 77 6.19 -15.94 0.79
CA GLY A 77 6.97 -17.06 0.28
C GLY A 77 7.37 -16.92 -1.19
N VAL A 78 6.56 -16.18 -1.96
CA VAL A 78 6.82 -15.97 -3.39
C VAL A 78 8.07 -15.12 -3.63
N THR A 79 8.58 -15.15 -4.86
CA THR A 79 9.77 -14.35 -5.22
C THR A 79 9.41 -12.87 -5.46
N ALA A 80 10.30 -11.98 -5.06
CA ALA A 80 10.07 -10.54 -5.21
C ALA A 80 10.29 -10.10 -6.67
N SER A 81 9.31 -10.36 -7.54
CA SER A 81 9.40 -10.00 -8.95
C SER A 81 8.09 -9.38 -9.47
N PRO A 82 7.98 -8.03 -9.48
CA PRO A 82 6.82 -7.31 -10.05
C PRO A 82 6.80 -7.35 -11.60
N PRO A 83 5.77 -6.77 -12.27
CA PRO A 83 4.63 -6.08 -11.66
C PRO A 83 3.34 -6.92 -11.58
N THR A 84 2.88 -7.15 -10.36
CA THR A 84 1.58 -7.79 -10.11
C THR A 84 1.04 -7.38 -8.73
N ASP A 85 1.84 -7.64 -7.71
CA ASP A 85 1.54 -7.22 -6.34
C ASP A 85 2.82 -6.75 -5.65
N LEU A 86 2.71 -6.28 -4.41
CA LEU A 86 3.87 -5.82 -3.65
C LEU A 86 3.99 -6.57 -2.32
N ILE A 87 5.14 -7.19 -2.09
CA ILE A 87 5.36 -7.97 -0.87
C ILE A 87 6.04 -7.12 0.22
N TRP A 88 5.30 -6.84 1.29
CA TRP A 88 5.82 -6.09 2.44
C TRP A 88 6.81 -6.95 3.23
N LYS A 89 8.04 -7.07 2.72
CA LYS A 89 9.07 -7.86 3.38
C LYS A 89 9.68 -7.11 4.58
N ASN A 90 9.16 -5.92 4.85
CA ASN A 90 9.60 -5.10 5.99
C ASN A 90 8.74 -5.34 7.24
N GLN A 91 7.69 -6.15 7.12
CA GLN A 91 6.85 -6.52 8.26
C GLN A 91 6.49 -8.01 8.25
N ASN A 92 6.34 -8.59 9.43
CA ASN A 92 5.89 -9.98 9.57
C ASN A 92 4.36 -10.06 9.69
N SER A 93 3.83 -11.26 9.94
CA SER A 93 2.38 -11.44 10.07
C SER A 93 1.83 -10.69 11.29
N TRP A 94 0.91 -9.76 11.06
CA TRP A 94 0.35 -8.94 12.14
C TRP A 94 -0.71 -9.71 12.97
N GLY A 95 -0.43 -9.87 14.25
CA GLY A 95 -1.34 -10.57 15.16
C GLY A 95 -0.74 -10.79 16.54
N THR A 96 -1.16 -9.97 17.51
CA THR A 96 -0.60 -10.05 18.87
C THR A 96 -1.56 -9.45 19.92
N GLY A 97 -2.86 -9.48 19.62
CA GLY A 97 -3.85 -8.88 20.51
C GLY A 97 -3.94 -7.36 20.38
N GLU A 98 -2.80 -6.68 20.52
CA GLU A 98 -2.73 -5.22 20.37
C GLU A 98 -3.11 -4.79 18.94
N ASP A 99 -4.17 -3.98 18.84
CA ASP A 99 -4.71 -3.56 17.54
C ASP A 99 -3.71 -2.71 16.73
N VAL A 100 -3.77 -2.86 15.40
CA VAL A 100 -2.83 -2.19 14.49
C VAL A 100 -3.57 -1.39 13.39
N LYS A 101 -3.22 -0.12 13.23
CA LYS A 101 -3.88 0.77 12.25
C LYS A 101 -2.92 1.19 11.12
N VAL A 102 -3.43 1.27 9.90
CA VAL A 102 -2.62 1.60 8.72
C VAL A 102 -2.88 3.04 8.22
N ILE A 103 -1.79 3.74 7.86
CA ILE A 103 -1.87 5.13 7.38
C ILE A 103 -1.18 5.28 6.01
N LEU A 104 -1.91 5.77 5.01
CA LEU A 104 -1.36 6.02 3.67
C LEU A 104 -0.80 7.44 3.56
N LYS A 105 0.43 7.58 3.05
CA LYS A 105 1.03 8.91 2.85
C LYS A 105 1.84 8.98 1.53
N ASN A 106 1.83 10.15 0.90
CA ASN A 106 2.56 10.37 -0.36
C ASN A 106 4.02 10.82 -0.11
N SER A 107 4.71 11.16 -1.18
CA SER A 107 6.13 11.55 -1.13
C SER A 107 6.40 12.66 -0.09
N GLN A 108 5.51 13.66 -0.02
CA GLN A 108 5.71 14.81 0.87
C GLN A 108 5.31 14.53 2.33
N GLY A 109 4.82 13.31 2.60
CA GLY A 109 4.37 12.97 3.96
C GLY A 109 2.89 13.30 4.19
N GLU A 110 2.25 13.83 3.16
CA GLU A 110 0.81 14.14 3.20
C GLU A 110 -0.03 12.85 3.32
N GLU A 111 -1.07 12.89 4.15
CA GLU A 111 -1.92 11.71 4.38
C GLU A 111 -3.00 11.55 3.30
N VAL A 112 -3.13 10.33 2.78
CA VAL A 112 -4.16 10.00 1.79
C VAL A 112 -5.41 9.42 2.46
N ALA A 113 -5.21 8.42 3.31
CA ALA A 113 -6.32 7.72 3.97
C ALA A 113 -5.81 6.85 5.14
N GLN A 114 -6.74 6.45 6.02
CA GLN A 114 -6.40 5.61 7.17
C GLN A 114 -7.44 4.50 7.36
N ARG A 115 -6.97 3.28 7.65
CA ARG A 115 -7.87 2.13 7.81
C ARG A 115 -7.18 0.98 8.57
N SER A 116 -7.98 0.12 9.19
CA SER A 116 -7.46 -1.03 9.95
C SER A 116 -8.36 -2.26 9.79
N THR A 117 -8.08 -3.31 10.55
CA THR A 117 -8.89 -4.53 10.52
C THR A 117 -8.94 -5.19 11.90
N VAL A 118 -10.08 -5.80 12.25
CA VAL A 118 -10.28 -6.39 13.57
C VAL A 118 -9.85 -7.87 13.61
N PHE A 119 -8.67 -8.16 14.15
CA PHE A 119 -8.21 -9.54 14.32
C PHE A 119 -8.52 -10.05 15.74
N LYS A 120 -9.57 -10.86 15.85
CA LYS A 120 -10.08 -11.29 17.16
C LYS A 120 -10.38 -12.80 17.21
N THR A 121 -10.46 -13.32 18.42
CA THR A 121 -10.79 -14.73 18.67
C THR A 121 -11.95 -14.85 19.66
N THR A 122 -13.05 -15.48 19.25
CA THR A 122 -14.27 -15.54 20.07
C THR A 122 -14.96 -16.93 20.02
N MET A 1 12.18 8.27 -7.56
CA MET A 1 12.60 7.75 -8.88
C MET A 1 12.54 8.85 -9.95
N GLY A 2 13.66 9.54 -10.16
CA GLY A 2 13.73 10.60 -11.16
C GLY A 2 12.88 11.82 -10.77
N HIS A 3 13.37 12.62 -9.83
CA HIS A 3 12.64 13.79 -9.34
C HIS A 3 12.46 14.85 -10.44
N HIS A 4 13.57 15.24 -11.07
CA HIS A 4 13.54 16.20 -12.19
C HIS A 4 13.46 15.44 -13.53
N HIS A 5 13.95 14.20 -13.53
CA HIS A 5 13.95 13.36 -14.72
C HIS A 5 12.51 13.02 -15.15
N HIS A 6 11.58 13.13 -14.21
CA HIS A 6 10.15 12.99 -14.51
C HIS A 6 9.41 14.33 -14.37
N HIS A 7 8.55 14.63 -15.33
CA HIS A 7 7.72 15.85 -15.30
C HIS A 7 6.42 15.64 -16.07
N HIS A 8 5.36 15.29 -15.34
CA HIS A 8 4.05 15.00 -15.92
C HIS A 8 2.91 15.43 -14.97
N SER A 9 2.05 16.32 -15.44
CA SER A 9 0.89 16.78 -14.64
C SER A 9 -0.34 15.90 -14.87
N HIS A 10 -1.45 16.22 -14.19
CA HIS A 10 -2.69 15.44 -14.25
C HIS A 10 -2.54 14.07 -13.56
N MET A 11 -1.73 14.03 -12.51
CA MET A 11 -1.59 12.81 -11.70
C MET A 11 -2.74 12.71 -10.68
N THR A 12 -3.80 12.01 -11.05
CA THR A 12 -5.01 11.90 -10.21
C THR A 12 -4.96 10.67 -9.28
N GLY A 13 -3.76 10.30 -8.85
CA GLY A 13 -3.59 9.12 -8.01
C GLY A 13 -4.33 9.17 -6.68
N ASN A 14 -5.57 8.66 -6.66
CA ASN A 14 -6.35 8.54 -5.42
C ASN A 14 -6.45 7.05 -5.00
N VAL A 15 -5.57 6.64 -4.09
CA VAL A 15 -5.50 5.25 -3.64
C VAL A 15 -6.08 5.07 -2.23
N CYS A 16 -6.81 3.96 -2.01
CA CYS A 16 -7.40 3.65 -0.71
C CYS A 16 -7.23 2.15 -0.38
N ILE A 17 -7.42 1.77 0.88
CA ILE A 17 -7.26 0.37 1.29
C ILE A 17 -8.56 -0.41 1.11
N GLU A 18 -8.54 -1.45 0.29
CA GLU A 18 -9.72 -2.29 0.05
C GLU A 18 -10.07 -3.12 1.28
N GLU A 19 -9.08 -3.82 1.83
CA GLU A 19 -9.31 -4.68 3.02
C GLU A 19 -8.00 -5.22 3.61
N ILE A 20 -8.02 -5.50 4.91
CA ILE A 20 -6.87 -6.09 5.61
C ILE A 20 -7.15 -7.56 5.97
N ASP A 21 -6.18 -8.45 5.72
CA ASP A 21 -6.32 -9.86 6.08
C ASP A 21 -6.29 -10.06 7.60
N VAL A 22 -7.28 -10.80 8.12
CA VAL A 22 -7.42 -11.04 9.56
C VAL A 22 -6.31 -11.95 10.12
N ASP A 23 -5.77 -12.84 9.29
CA ASP A 23 -4.74 -13.78 9.72
C ASP A 23 -3.39 -13.06 9.93
N GLY A 24 -3.03 -12.21 8.97
CA GLY A 24 -1.79 -11.44 9.05
C GLY A 24 -0.80 -11.77 7.94
N LYS A 25 -1.34 -11.99 6.73
CA LYS A 25 -0.51 -12.35 5.57
C LYS A 25 -0.34 -11.18 4.59
N PHE A 26 -1.42 -10.40 4.37
CA PHE A 26 -1.39 -9.34 3.34
C PHE A 26 -2.43 -8.23 3.59
N ILE A 27 -2.21 -7.08 2.96
CA ILE A 27 -3.16 -5.96 2.95
C ILE A 27 -3.35 -5.45 1.51
N ARG A 28 -4.59 -5.45 1.02
CA ARG A 28 -4.84 -5.05 -0.38
C ARG A 28 -5.33 -3.60 -0.50
N LEU A 29 -4.59 -2.80 -1.28
CA LEU A 29 -4.98 -1.43 -1.60
C LEU A 29 -5.67 -1.37 -2.98
N LYS A 30 -6.18 -0.20 -3.35
CA LYS A 30 -6.89 -0.03 -4.61
C LYS A 30 -6.84 1.42 -5.13
N ASN A 31 -6.48 1.59 -6.41
CA ASN A 31 -6.41 2.91 -7.04
C ASN A 31 -7.76 3.29 -7.67
N THR A 32 -8.50 4.18 -7.01
CA THR A 32 -9.80 4.65 -7.53
C THR A 32 -9.68 6.08 -8.09
N SER A 33 -9.25 6.17 -9.35
CA SER A 33 -8.96 7.46 -9.99
C SER A 33 -9.50 7.53 -11.42
N GLU A 34 -9.25 8.65 -12.09
CA GLU A 34 -9.72 8.87 -13.46
C GLU A 34 -8.79 8.23 -14.51
N GLN A 35 -7.53 7.99 -14.16
CA GLN A 35 -6.53 7.56 -15.17
C GLN A 35 -5.49 6.60 -14.57
N ASP A 36 -4.90 5.77 -15.44
CA ASP A 36 -3.80 4.86 -15.07
C ASP A 36 -2.69 5.60 -14.31
N GLN A 37 -2.30 5.09 -13.14
CA GLN A 37 -1.26 5.71 -12.32
C GLN A 37 -0.06 4.75 -12.08
N PRO A 38 1.15 5.13 -12.51
CA PRO A 38 2.37 4.31 -12.34
C PRO A 38 2.92 4.31 -10.89
N MET A 39 2.04 4.47 -9.91
CA MET A 39 2.42 4.48 -8.48
C MET A 39 3.32 5.68 -8.12
N GLY A 40 4.58 5.65 -8.58
CA GLY A 40 5.50 6.74 -8.29
C GLY A 40 6.42 6.45 -7.10
N GLY A 41 5.87 6.56 -5.89
CA GLY A 41 6.66 6.32 -4.68
C GLY A 41 6.00 6.88 -3.42
N TRP A 42 5.07 6.12 -2.85
CA TRP A 42 4.30 6.57 -1.67
C TRP A 42 4.85 5.96 -0.37
N GLU A 43 4.29 6.38 0.77
CA GLU A 43 4.69 5.84 2.09
C GLU A 43 3.47 5.29 2.86
N MET A 44 3.42 3.97 3.03
CA MET A 44 2.31 3.35 3.78
C MET A 44 2.77 2.96 5.20
N ILE A 45 2.10 3.50 6.20
CA ILE A 45 2.39 3.18 7.61
C ILE A 45 1.32 2.23 8.18
N ARG A 46 1.71 1.39 9.13
CA ARG A 46 0.75 0.51 9.80
C ARG A 46 0.98 0.50 11.32
N LYS A 47 0.10 1.17 12.06
CA LYS A 47 0.17 1.20 13.52
C LYS A 47 -0.61 0.02 14.12
N ILE A 48 0.09 -0.84 14.86
CA ILE A 48 -0.53 -2.04 15.44
C ILE A 48 0.23 -2.53 16.69
N GLY A 49 -0.29 -2.18 17.86
CA GLY A 49 0.32 -2.62 19.12
C GLY A 49 1.77 -2.18 19.30
N ASP A 50 1.97 -1.03 19.97
CA ASP A 50 3.31 -0.55 20.34
C ASP A 50 4.08 0.08 19.14
N THR A 51 4.29 -0.69 18.08
CA THR A 51 5.13 -0.25 16.96
C THR A 51 4.31 0.17 15.74
N SER A 52 4.97 0.90 14.82
CA SER A 52 4.35 1.32 13.56
C SER A 52 5.34 1.16 12.39
N VAL A 53 5.13 0.14 11.57
CA VAL A 53 6.02 -0.14 10.44
C VAL A 53 5.56 0.54 9.16
N SER A 54 6.51 0.96 8.31
CA SER A 54 6.19 1.65 7.06
C SER A 54 6.78 0.93 5.84
N TYR A 55 6.22 1.21 4.66
CA TYR A 55 6.69 0.61 3.40
C TYR A 55 6.70 1.66 2.28
N LYS A 56 7.79 1.71 1.52
CA LYS A 56 7.94 2.69 0.43
C LYS A 56 7.68 2.05 -0.94
N TYR A 57 6.82 2.71 -1.73
CA TYR A 57 6.45 2.21 -3.06
C TYR A 57 7.41 2.73 -4.15
N THR A 58 7.24 2.22 -5.37
CA THR A 58 8.12 2.59 -6.50
C THR A 58 7.37 2.53 -7.85
N SER A 59 7.84 3.32 -8.81
CA SER A 59 7.21 3.41 -10.15
C SER A 59 7.74 2.32 -11.10
N ARG A 60 7.48 1.05 -10.77
CA ARG A 60 7.92 -0.06 -11.62
C ARG A 60 6.75 -0.71 -12.39
N TYR A 61 5.54 -0.19 -12.17
CA TYR A 61 4.35 -0.72 -12.83
C TYR A 61 3.24 0.34 -12.93
N VAL A 62 2.43 0.28 -13.97
CA VAL A 62 1.32 1.22 -14.15
C VAL A 62 -0.01 0.62 -13.64
N LEU A 63 -0.44 1.04 -12.45
CA LEU A 63 -1.66 0.51 -11.83
C LEU A 63 -2.90 1.20 -12.42
N LYS A 64 -3.66 0.45 -13.21
CA LYS A 64 -4.87 0.97 -13.85
C LYS A 64 -5.96 1.33 -12.82
N ALA A 65 -6.66 2.44 -13.07
CA ALA A 65 -7.74 2.89 -12.20
C ALA A 65 -8.87 1.86 -12.13
N GLY A 66 -9.25 1.47 -10.91
CA GLY A 66 -10.28 0.44 -10.74
C GLY A 66 -9.68 -0.92 -10.36
N GLN A 67 -8.38 -1.07 -10.54
CA GLN A 67 -7.67 -2.30 -10.17
C GLN A 67 -7.04 -2.18 -8.78
N THR A 68 -6.59 -3.31 -8.24
CA THR A 68 -6.05 -3.34 -6.87
C THR A 68 -4.59 -3.80 -6.82
N VAL A 69 -4.00 -3.74 -5.64
CA VAL A 69 -2.63 -4.23 -5.42
C VAL A 69 -2.50 -4.83 -4.01
N THR A 70 -1.99 -6.06 -3.94
CA THR A 70 -1.87 -6.76 -2.66
C THR A 70 -0.47 -6.59 -2.04
N ILE A 71 -0.43 -6.05 -0.83
CA ILE A 71 0.82 -5.93 -0.07
C ILE A 71 1.02 -7.15 0.85
N TRP A 72 1.80 -8.12 0.39
CA TRP A 72 2.06 -9.34 1.17
C TRP A 72 3.11 -9.10 2.27
N ALA A 73 3.24 -10.07 3.17
CA ALA A 73 4.31 -10.04 4.18
C ALA A 73 5.59 -10.70 3.64
N ALA A 74 6.72 -10.44 4.30
CA ALA A 74 8.03 -10.96 3.84
C ALA A 74 8.03 -12.49 3.64
N ASN A 75 7.23 -13.21 4.42
CA ASN A 75 7.20 -14.68 4.37
C ASN A 75 6.06 -15.22 3.49
N ALA A 76 5.53 -14.38 2.61
CA ALA A 76 4.38 -14.76 1.76
C ALA A 76 4.63 -16.07 0.99
N GLY A 77 5.79 -16.19 0.36
CA GLY A 77 6.11 -17.38 -0.43
C GLY A 77 5.63 -17.29 -1.88
N VAL A 78 5.11 -16.12 -2.26
CA VAL A 78 4.64 -15.88 -3.62
C VAL A 78 5.76 -15.34 -4.52
N THR A 79 5.39 -14.79 -5.68
CA THR A 79 6.35 -14.14 -6.57
C THR A 79 7.26 -13.17 -5.81
N ALA A 80 8.58 -13.29 -6.01
CA ALA A 80 9.57 -12.55 -5.25
C ALA A 80 9.35 -11.02 -5.28
N SER A 81 8.85 -10.49 -6.40
CA SER A 81 8.68 -9.03 -6.54
C SER A 81 7.65 -8.65 -7.63
N PRO A 82 7.00 -7.46 -7.46
CA PRO A 82 6.16 -6.83 -8.52
C PRO A 82 6.91 -6.78 -9.88
N PRO A 83 6.31 -6.40 -11.06
CA PRO A 83 4.97 -5.79 -11.34
C PRO A 83 3.85 -5.80 -10.27
N THR A 84 3.12 -6.91 -10.14
CA THR A 84 1.82 -6.88 -9.44
C THR A 84 1.91 -6.85 -7.90
N ASP A 85 2.07 -8.02 -7.28
CA ASP A 85 2.00 -8.14 -5.83
C ASP A 85 3.24 -7.57 -5.13
N LEU A 86 3.03 -6.61 -4.24
CA LEU A 86 4.12 -5.96 -3.48
C LEU A 86 4.38 -6.68 -2.16
N ILE A 87 5.55 -7.30 -2.04
CA ILE A 87 5.95 -7.99 -0.81
C ILE A 87 6.60 -7.01 0.19
N TRP A 88 5.98 -6.85 1.36
CA TRP A 88 6.50 -6.00 2.42
C TRP A 88 7.78 -6.61 3.02
N LYS A 89 8.89 -6.45 2.31
CA LYS A 89 10.17 -7.03 2.75
C LYS A 89 10.81 -6.23 3.91
N ASN A 90 9.99 -5.57 4.71
CA ASN A 90 10.46 -4.84 5.89
C ASN A 90 9.86 -5.42 7.18
N GLN A 91 9.00 -6.43 7.02
CA GLN A 91 8.38 -7.12 8.17
C GLN A 91 7.91 -8.52 7.78
N ASN A 92 7.98 -9.45 8.73
CA ASN A 92 7.48 -10.81 8.53
C ASN A 92 5.95 -10.88 8.78
N SER A 93 5.40 -12.09 8.88
CA SER A 93 3.95 -12.26 9.08
C SER A 93 3.52 -11.80 10.47
N TRP A 94 2.31 -11.24 10.55
CA TRP A 94 1.75 -10.78 11.83
C TRP A 94 0.41 -11.49 12.11
N GLY A 95 -0.28 -11.08 13.18
CA GLY A 95 -1.59 -11.66 13.49
C GLY A 95 -1.79 -11.96 14.98
N THR A 96 -1.51 -10.97 15.83
CA THR A 96 -1.73 -11.12 17.27
C THR A 96 -3.22 -11.01 17.65
N GLY A 97 -4.01 -10.38 16.77
CA GLY A 97 -5.45 -10.21 17.04
C GLY A 97 -5.79 -8.85 17.65
N GLU A 98 -4.79 -7.98 17.76
CA GLU A 98 -4.99 -6.63 18.30
C GLU A 98 -5.44 -5.65 17.19
N ASP A 99 -5.80 -4.44 17.58
CA ASP A 99 -6.26 -3.43 16.63
C ASP A 99 -5.14 -2.95 15.69
N VAL A 100 -5.49 -2.69 14.43
CA VAL A 100 -4.52 -2.27 13.41
C VAL A 100 -5.03 -1.08 12.59
N LYS A 101 -4.18 -0.07 12.42
CA LYS A 101 -4.54 1.15 11.69
C LYS A 101 -3.56 1.40 10.52
N VAL A 102 -4.05 1.27 9.29
CA VAL A 102 -3.21 1.44 8.09
C VAL A 102 -3.35 2.87 7.51
N ILE A 103 -2.22 3.50 7.19
CA ILE A 103 -2.21 4.90 6.76
C ILE A 103 -1.47 5.08 5.42
N LEU A 104 -2.04 5.89 4.52
CA LEU A 104 -1.40 6.20 3.24
C LEU A 104 -0.92 7.66 3.18
N LYS A 105 0.40 7.85 3.25
CA LYS A 105 1.00 9.19 3.23
C LYS A 105 1.93 9.40 2.03
N ASN A 106 2.33 10.66 1.80
CA ASN A 106 3.20 11.02 0.68
C ASN A 106 4.57 11.53 1.17
N SER A 107 5.42 11.95 0.24
CA SER A 107 6.80 12.35 0.54
C SER A 107 6.90 13.50 1.55
N GLN A 108 6.01 14.50 1.45
CA GLN A 108 6.04 15.65 2.38
C GLN A 108 5.54 15.29 3.79
N GLY A 109 5.00 14.09 3.95
CA GLY A 109 4.35 13.73 5.20
C GLY A 109 2.85 14.02 5.18
N GLU A 110 2.37 14.51 4.03
CA GLU A 110 0.94 14.71 3.79
C GLU A 110 0.23 13.35 3.68
N GLU A 111 -1.10 13.36 3.70
CA GLU A 111 -1.87 12.12 3.71
C GLU A 111 -2.99 12.13 2.65
N VAL A 112 -3.14 11.01 1.95
CA VAL A 112 -4.22 10.87 0.95
C VAL A 112 -5.44 10.15 1.54
N ALA A 113 -5.20 9.09 2.33
CA ALA A 113 -6.29 8.28 2.90
C ALA A 113 -5.77 7.35 4.00
N GLN A 114 -6.70 6.74 4.75
CA GLN A 114 -6.34 5.80 5.81
C GLN A 114 -7.54 4.90 6.15
N ARG A 115 -7.28 3.79 6.85
CA ARG A 115 -8.33 2.83 7.20
C ARG A 115 -7.93 1.89 8.35
N SER A 116 -8.85 0.99 8.69
CA SER A 116 -8.62 -0.07 9.68
C SER A 116 -9.43 -1.32 9.30
N THR A 117 -9.47 -2.30 10.19
CA THR A 117 -10.32 -3.48 9.99
C THR A 117 -11.78 -3.18 10.31
N VAL A 118 -12.70 -3.76 9.53
CA VAL A 118 -14.14 -3.57 9.77
C VAL A 118 -14.63 -4.48 10.92
N PHE A 119 -14.81 -3.90 12.10
CA PHE A 119 -15.23 -4.66 13.29
C PHE A 119 -16.74 -4.52 13.54
N LYS A 120 -17.49 -5.57 13.21
CA LYS A 120 -18.93 -5.61 13.51
C LYS A 120 -19.17 -6.12 14.94
N THR A 121 -19.89 -5.32 15.74
CA THR A 121 -20.12 -5.66 17.15
C THR A 121 -21.09 -6.85 17.30
N THR A 122 -20.54 -8.07 17.24
CA THR A 122 -21.34 -9.30 17.37
C THR A 122 -20.50 -10.44 17.99
N MET A 1 -2.68 21.01 -27.96
CA MET A 1 -3.18 20.90 -29.37
C MET A 1 -4.52 21.63 -29.52
N GLY A 2 -4.55 22.65 -30.39
CA GLY A 2 -5.76 23.45 -30.56
C GLY A 2 -6.23 24.10 -29.26
N HIS A 3 -7.33 23.58 -28.72
CA HIS A 3 -7.84 24.03 -27.41
C HIS A 3 -8.46 22.84 -26.64
N HIS A 4 -7.83 21.67 -26.74
CA HIS A 4 -8.30 20.46 -26.05
C HIS A 4 -7.52 20.19 -24.75
N HIS A 5 -6.62 21.09 -24.36
CA HIS A 5 -5.76 20.86 -23.19
C HIS A 5 -6.57 20.97 -21.88
N HIS A 6 -6.99 19.83 -21.34
CA HIS A 6 -7.84 19.79 -20.14
C HIS A 6 -7.23 18.91 -19.04
N HIS A 7 -5.92 18.76 -19.03
CA HIS A 7 -5.23 17.99 -17.98
C HIS A 7 -5.36 18.67 -16.61
N HIS A 8 -6.30 18.18 -15.79
CA HIS A 8 -6.49 18.71 -14.44
C HIS A 8 -5.79 17.81 -13.40
N SER A 9 -4.76 18.35 -12.73
CA SER A 9 -4.00 17.57 -11.74
C SER A 9 -4.19 18.12 -10.33
N HIS A 10 -5.30 17.74 -9.68
CA HIS A 10 -5.58 18.17 -8.30
C HIS A 10 -6.00 16.98 -7.42
N MET A 11 -5.23 16.73 -6.36
CA MET A 11 -5.48 15.62 -5.42
C MET A 11 -5.42 14.24 -6.11
N THR A 12 -4.36 13.49 -5.81
CA THR A 12 -4.14 12.16 -6.43
C THR A 12 -4.72 11.01 -5.58
N GLY A 13 -5.86 11.26 -4.93
CA GLY A 13 -6.48 10.22 -4.10
C GLY A 13 -7.18 9.13 -4.93
N ASN A 14 -6.39 8.42 -5.73
CA ASN A 14 -6.93 7.37 -6.61
C ASN A 14 -6.83 5.98 -5.94
N VAL A 15 -5.79 5.79 -5.13
CA VAL A 15 -5.55 4.52 -4.45
C VAL A 15 -5.89 4.60 -2.95
N CYS A 16 -6.82 3.78 -2.50
CA CYS A 16 -7.22 3.74 -1.09
C CYS A 16 -7.31 2.30 -0.59
N ILE A 17 -7.18 2.10 0.73
CA ILE A 17 -7.24 0.75 1.31
C ILE A 17 -8.65 0.17 1.27
N GLU A 18 -8.79 -1.03 0.72
CA GLU A 18 -10.07 -1.71 0.67
C GLU A 18 -10.29 -2.57 1.93
N GLU A 19 -9.48 -3.62 2.09
CA GLU A 19 -9.63 -4.54 3.22
C GLU A 19 -8.28 -4.90 3.86
N ILE A 20 -8.20 -4.77 5.18
CA ILE A 20 -7.00 -5.14 5.93
C ILE A 20 -7.21 -6.48 6.66
N ASP A 21 -6.45 -7.49 6.27
CA ASP A 21 -6.61 -8.83 6.82
C ASP A 21 -6.03 -8.93 8.25
N VAL A 22 -6.75 -9.65 9.11
CA VAL A 22 -6.33 -9.90 10.49
C VAL A 22 -5.74 -11.32 10.63
N ASP A 23 -6.02 -12.18 9.66
CA ASP A 23 -5.57 -13.57 9.67
C ASP A 23 -4.05 -13.67 9.42
N GLY A 24 -3.45 -12.57 8.95
CA GLY A 24 -1.99 -12.45 8.90
C GLY A 24 -1.37 -12.73 7.54
N LYS A 25 -2.11 -12.46 6.46
CA LYS A 25 -1.62 -12.74 5.11
C LYS A 25 -1.38 -11.46 4.27
N PHE A 26 -2.40 -10.60 4.15
CA PHE A 26 -2.30 -9.47 3.20
C PHE A 26 -3.07 -8.21 3.66
N ILE A 27 -2.80 -7.11 2.97
CA ILE A 27 -3.56 -5.86 3.10
C ILE A 27 -3.90 -5.31 1.71
N ARG A 28 -5.16 -5.45 1.30
CA ARG A 28 -5.54 -5.10 -0.08
C ARG A 28 -6.02 -3.64 -0.22
N LEU A 29 -5.31 -2.89 -1.06
CA LEU A 29 -5.73 -1.54 -1.47
C LEU A 29 -6.53 -1.59 -2.77
N LYS A 30 -6.92 -0.43 -3.30
CA LYS A 30 -7.72 -0.38 -4.52
C LYS A 30 -7.58 0.97 -5.25
N ASN A 31 -7.40 0.92 -6.57
CA ASN A 31 -7.28 2.12 -7.40
C ASN A 31 -8.53 2.33 -8.27
N THR A 32 -9.25 3.42 -8.02
CA THR A 32 -10.47 3.74 -8.78
C THR A 32 -10.24 4.82 -9.84
N SER A 33 -8.97 5.08 -10.17
CA SER A 33 -8.62 6.10 -11.18
C SER A 33 -9.33 5.84 -12.52
N GLU A 34 -9.56 6.90 -13.28
CA GLU A 34 -10.26 6.79 -14.58
C GLU A 34 -9.27 6.44 -15.72
N GLN A 35 -7.99 6.31 -15.38
CA GLN A 35 -6.94 5.98 -16.35
C GLN A 35 -5.69 5.45 -15.64
N ASP A 36 -4.81 4.76 -16.37
CA ASP A 36 -3.57 4.24 -15.79
C ASP A 36 -2.70 5.37 -15.23
N GLN A 37 -2.56 5.43 -13.90
CA GLN A 37 -1.81 6.51 -13.24
C GLN A 37 -0.43 6.04 -12.76
N PRO A 38 0.64 6.81 -13.05
CA PRO A 38 1.99 6.53 -12.52
C PRO A 38 2.01 6.42 -10.98
N MET A 39 2.65 5.37 -10.45
CA MET A 39 2.65 5.11 -9.01
C MET A 39 3.08 6.34 -8.19
N GLY A 40 4.37 6.68 -8.24
CA GLY A 40 4.87 7.82 -7.49
C GLY A 40 5.34 7.46 -6.07
N GLY A 41 5.94 8.42 -5.38
CA GLY A 41 6.42 8.19 -4.02
C GLY A 41 5.29 8.07 -3.00
N TRP A 42 4.79 6.86 -2.79
CA TRP A 42 3.83 6.58 -1.70
C TRP A 42 4.54 5.88 -0.53
N GLU A 43 3.98 6.00 0.67
CA GLU A 43 4.59 5.40 1.87
C GLU A 43 3.53 4.94 2.87
N MET A 44 3.46 3.63 3.10
CA MET A 44 2.49 3.05 4.03
C MET A 44 3.09 2.87 5.44
N ILE A 45 2.57 3.62 6.41
CA ILE A 45 3.00 3.49 7.82
C ILE A 45 1.97 2.69 8.62
N ARG A 46 2.31 1.45 8.97
CA ARG A 46 1.40 0.57 9.69
C ARG A 46 1.71 0.55 11.20
N LYS A 47 0.72 0.88 12.02
CA LYS A 47 0.88 0.88 13.49
C LYS A 47 -0.13 -0.05 14.16
N ILE A 48 0.37 -1.08 14.83
CA ILE A 48 -0.47 -2.00 15.61
C ILE A 48 -0.35 -1.71 17.12
N GLY A 49 0.81 -1.17 17.51
CA GLY A 49 1.05 -0.82 18.91
C GLY A 49 1.88 0.45 19.04
N ASP A 50 2.84 0.43 19.96
CA ASP A 50 3.71 1.59 20.20
C ASP A 50 4.70 1.80 19.03
N THR A 51 5.24 0.71 18.50
CA THR A 51 6.16 0.76 17.36
C THR A 51 5.42 0.93 16.03
N SER A 52 6.12 1.46 15.03
CA SER A 52 5.55 1.66 13.68
C SER A 52 6.50 1.17 12.59
N VAL A 53 5.95 0.78 11.45
CA VAL A 53 6.75 0.32 10.30
C VAL A 53 6.26 0.93 8.99
N SER A 54 7.18 1.32 8.11
CA SER A 54 6.82 2.01 6.85
C SER A 54 7.12 1.14 5.61
N TYR A 55 6.66 1.61 4.46
CA TYR A 55 6.87 0.90 3.18
C TYR A 55 6.69 1.85 1.99
N LYS A 56 7.77 2.11 1.24
CA LYS A 56 7.69 2.96 0.04
C LYS A 56 7.24 2.15 -1.18
N TYR A 57 6.21 2.64 -1.86
CA TYR A 57 5.69 1.99 -3.07
C TYR A 57 6.63 2.21 -4.27
N THR A 58 7.11 1.12 -4.86
CA THR A 58 8.08 1.20 -5.97
C THR A 58 7.44 1.78 -7.25
N SER A 59 7.99 2.88 -7.73
CA SER A 59 7.47 3.56 -8.93
C SER A 59 8.04 2.97 -10.22
N ARG A 60 8.29 1.67 -10.23
CA ARG A 60 8.86 1.00 -11.41
C ARG A 60 7.78 0.74 -12.49
N TYR A 61 6.52 1.07 -12.21
CA TYR A 61 5.43 0.91 -13.18
C TYR A 61 4.24 1.81 -12.83
N VAL A 62 3.26 1.87 -13.73
CA VAL A 62 2.04 2.65 -13.51
C VAL A 62 0.92 1.79 -12.89
N LEU A 63 0.19 2.37 -11.93
CA LEU A 63 -0.92 1.66 -11.30
C LEU A 63 -2.18 1.80 -12.17
N LYS A 64 -2.54 0.70 -12.86
CA LYS A 64 -3.66 0.73 -13.81
C LYS A 64 -5.01 0.89 -13.11
N ALA A 65 -5.97 1.45 -13.84
CA ALA A 65 -7.33 1.71 -13.32
C ALA A 65 -8.08 0.39 -13.00
N GLY A 66 -8.77 0.37 -11.86
CA GLY A 66 -9.58 -0.79 -11.48
C GLY A 66 -8.75 -1.92 -10.84
N GLN A 67 -7.45 -1.68 -10.65
CA GLN A 67 -6.57 -2.68 -10.02
C GLN A 67 -6.55 -2.55 -8.50
N THR A 68 -6.70 -3.67 -7.80
CA THR A 68 -6.63 -3.69 -6.33
C THR A 68 -5.26 -4.19 -5.85
N VAL A 69 -4.29 -3.26 -5.80
CA VAL A 69 -2.93 -3.60 -5.37
C VAL A 69 -2.94 -4.21 -3.95
N THR A 70 -2.70 -5.51 -3.87
CA THR A 70 -2.71 -6.23 -2.60
C THR A 70 -1.31 -6.32 -1.99
N ILE A 71 -1.14 -5.79 -0.78
CA ILE A 71 0.15 -5.83 -0.08
C ILE A 71 0.33 -7.18 0.65
N TRP A 72 1.20 -8.04 0.12
CA TRP A 72 1.47 -9.35 0.73
C TRP A 72 2.50 -9.24 1.87
N ALA A 73 2.34 -10.06 2.91
CA ALA A 73 3.29 -10.09 4.03
C ALA A 73 4.68 -10.60 3.58
N ALA A 74 5.72 -10.24 4.34
CA ALA A 74 7.10 -10.66 4.01
C ALA A 74 7.23 -12.17 3.78
N ASN A 75 6.39 -12.96 4.46
CA ASN A 75 6.39 -14.42 4.32
C ASN A 75 5.60 -14.88 3.07
N ALA A 76 5.55 -14.03 2.04
CA ALA A 76 4.86 -14.37 0.79
C ALA A 76 5.49 -15.57 0.08
N GLY A 77 6.82 -15.67 0.12
CA GLY A 77 7.52 -16.80 -0.50
C GLY A 77 7.74 -16.64 -2.00
N VAL A 78 6.75 -16.09 -2.69
CA VAL A 78 6.82 -15.87 -4.14
C VAL A 78 7.70 -14.66 -4.51
N THR A 79 7.73 -14.32 -5.80
CA THR A 79 8.52 -13.18 -6.30
C THR A 79 8.25 -11.90 -5.50
N ALA A 80 9.19 -11.52 -4.64
CA ALA A 80 9.02 -10.35 -3.75
C ALA A 80 9.34 -9.02 -4.46
N SER A 81 9.68 -9.09 -5.75
CA SER A 81 10.03 -7.89 -6.52
C SER A 81 9.04 -7.66 -7.68
N PRO A 82 8.30 -6.52 -7.67
CA PRO A 82 7.31 -6.16 -8.72
C PRO A 82 7.89 -6.15 -10.15
N PRO A 83 7.09 -5.87 -11.22
CA PRO A 83 5.68 -5.44 -11.14
C PRO A 83 4.67 -6.56 -10.82
N THR A 84 3.87 -6.34 -9.78
CA THR A 84 2.81 -7.28 -9.35
C THR A 84 2.14 -6.74 -8.07
N ASP A 85 1.29 -7.54 -7.43
CA ASP A 85 0.76 -7.19 -6.11
C ASP A 85 1.92 -6.97 -5.12
N LEU A 86 2.16 -5.71 -4.75
CA LEU A 86 3.35 -5.33 -3.99
C LEU A 86 3.58 -6.17 -2.73
N ILE A 87 4.61 -7.02 -2.76
CA ILE A 87 5.01 -7.80 -1.58
C ILE A 87 5.76 -6.92 -0.57
N TRP A 88 5.19 -6.80 0.62
CA TRP A 88 5.80 -6.04 1.71
C TRP A 88 7.05 -6.79 2.25
N LYS A 89 8.14 -6.06 2.46
CA LYS A 89 9.40 -6.68 2.89
C LYS A 89 9.97 -6.00 4.15
N ASN A 90 9.08 -5.43 4.97
CA ASN A 90 9.49 -4.73 6.20
C ASN A 90 8.83 -5.37 7.44
N GLN A 91 7.67 -5.99 7.26
CA GLN A 91 6.99 -6.71 8.37
C GLN A 91 6.51 -8.11 7.90
N ASN A 92 6.52 -9.08 8.81
CA ASN A 92 6.17 -10.46 8.47
C ASN A 92 4.69 -10.77 8.78
N SER A 93 4.31 -12.05 8.66
CA SER A 93 2.93 -12.49 8.95
C SER A 93 2.54 -12.16 10.41
N TRP A 94 1.42 -11.48 10.58
CA TRP A 94 0.99 -11.01 11.90
C TRP A 94 -0.11 -11.89 12.52
N GLY A 95 0.20 -12.50 13.66
CA GLY A 95 -0.78 -13.27 14.41
C GLY A 95 -0.99 -12.73 15.81
N THR A 96 -1.86 -11.74 15.94
CA THR A 96 -2.07 -11.04 17.23
C THR A 96 -3.55 -10.93 17.60
N GLY A 97 -4.39 -10.69 16.60
CA GLY A 97 -5.82 -10.48 16.84
C GLY A 97 -6.15 -9.06 17.31
N GLU A 98 -5.14 -8.18 17.30
CA GLU A 98 -5.31 -6.78 17.72
C GLU A 98 -5.54 -5.86 16.52
N ASP A 99 -6.36 -4.82 16.73
CA ASP A 99 -6.65 -3.83 15.69
C ASP A 99 -5.40 -3.04 15.27
N VAL A 100 -5.17 -2.95 13.97
CA VAL A 100 -4.00 -2.27 13.42
C VAL A 100 -4.41 -1.07 12.53
N LYS A 101 -3.87 0.11 12.83
CA LYS A 101 -4.14 1.33 12.06
C LYS A 101 -3.10 1.50 10.94
N VAL A 102 -3.54 1.44 9.69
CA VAL A 102 -2.64 1.57 8.53
C VAL A 102 -2.76 2.96 7.87
N ILE A 103 -1.63 3.66 7.77
CA ILE A 103 -1.60 5.02 7.21
C ILE A 103 -0.99 5.05 5.79
N LEU A 104 -1.66 5.73 4.87
CA LEU A 104 -1.12 5.97 3.52
C LEU A 104 -0.65 7.41 3.37
N LYS A 105 0.66 7.60 3.22
CA LYS A 105 1.24 8.92 2.97
C LYS A 105 1.90 8.97 1.58
N ASN A 106 2.32 10.16 1.16
CA ASN A 106 3.06 10.32 -0.09
C ASN A 106 4.51 10.80 0.17
N SER A 107 5.19 11.22 -0.89
CA SER A 107 6.62 11.59 -0.82
C SER A 107 6.91 12.71 0.20
N GLN A 108 5.93 13.56 0.49
CA GLN A 108 6.14 14.68 1.43
C GLN A 108 5.68 14.31 2.85
N GLY A 109 5.00 13.17 2.98
CA GLY A 109 4.55 12.70 4.29
C GLY A 109 3.10 13.05 4.61
N GLU A 110 2.36 13.55 3.62
CA GLU A 110 0.96 13.93 3.81
C GLU A 110 0.05 12.70 3.96
N GLU A 111 -0.70 12.64 5.05
CA GLU A 111 -1.66 11.56 5.30
C GLU A 111 -2.91 11.72 4.42
N VAL A 112 -3.04 10.86 3.39
CA VAL A 112 -4.17 10.95 2.46
C VAL A 112 -5.27 9.92 2.76
N ALA A 113 -4.88 8.71 3.18
CA ALA A 113 -5.85 7.64 3.43
C ALA A 113 -5.47 6.80 4.66
N GLN A 114 -6.39 6.73 5.63
CA GLN A 114 -6.19 5.92 6.83
C GLN A 114 -7.35 4.93 7.02
N ARG A 115 -7.02 3.71 7.48
CA ARG A 115 -8.03 2.66 7.68
C ARG A 115 -7.50 1.55 8.61
N SER A 116 -8.39 0.88 9.33
CA SER A 116 -7.99 -0.18 10.27
C SER A 116 -8.97 -1.36 10.24
N THR A 117 -8.63 -2.42 10.97
CA THR A 117 -9.53 -3.57 11.14
C THR A 117 -10.75 -3.22 12.01
N VAL A 118 -11.69 -4.15 12.16
CA VAL A 118 -12.89 -3.91 12.97
C VAL A 118 -13.09 -5.00 14.05
N PHE A 119 -12.34 -4.89 15.14
CA PHE A 119 -12.49 -5.73 16.36
C PHE A 119 -13.04 -7.14 16.06
N LYS A 120 -12.20 -8.01 15.53
CA LYS A 120 -12.63 -9.38 15.20
C LYS A 120 -11.88 -10.43 16.03
N THR A 121 -12.62 -11.25 16.77
CA THR A 121 -12.04 -12.28 17.64
C THR A 121 -11.60 -13.52 16.83
N THR A 122 -10.30 -13.59 16.53
CA THR A 122 -9.73 -14.72 15.78
C THR A 122 -9.11 -15.77 16.71
N MET A 1 12.70 20.89 3.19
CA MET A 1 13.06 19.60 3.86
C MET A 1 13.39 18.51 2.83
N GLY A 2 14.64 18.04 2.84
CA GLY A 2 15.07 16.98 1.93
C GLY A 2 15.25 17.47 0.49
N HIS A 3 16.37 17.09 -0.13
CA HIS A 3 16.67 17.48 -1.52
C HIS A 3 15.55 17.07 -2.49
N HIS A 4 15.00 18.05 -3.21
CA HIS A 4 13.92 17.82 -4.18
C HIS A 4 13.92 18.88 -5.28
N HIS A 5 13.19 18.60 -6.36
CA HIS A 5 12.95 19.59 -7.42
C HIS A 5 11.51 20.11 -7.35
N HIS A 6 11.29 21.34 -7.80
CA HIS A 6 9.97 21.96 -7.70
C HIS A 6 8.92 21.23 -8.57
N HIS A 7 8.21 20.30 -7.93
CA HIS A 7 7.17 19.51 -8.59
C HIS A 7 5.85 19.60 -7.79
N HIS A 8 4.81 20.15 -8.40
CA HIS A 8 3.52 20.32 -7.71
C HIS A 8 2.33 20.13 -8.67
N SER A 9 1.31 19.43 -8.20
CA SER A 9 0.10 19.16 -8.98
C SER A 9 -1.03 18.65 -8.08
N HIS A 10 -2.28 18.92 -8.45
CA HIS A 10 -3.44 18.54 -7.63
C HIS A 10 -3.96 17.14 -8.01
N MET A 11 -3.48 16.11 -7.30
CA MET A 11 -3.91 14.73 -7.53
C MET A 11 -4.99 14.33 -6.52
N THR A 12 -6.13 13.85 -7.01
CA THR A 12 -7.27 13.46 -6.17
C THR A 12 -6.91 12.38 -5.13
N GLY A 13 -6.24 11.30 -5.57
CA GLY A 13 -5.84 10.24 -4.66
C GLY A 13 -6.99 9.37 -4.18
N ASN A 14 -7.30 8.30 -4.91
CA ASN A 14 -8.40 7.40 -4.54
C ASN A 14 -7.94 5.93 -4.41
N VAL A 15 -6.64 5.73 -4.17
CA VAL A 15 -6.12 4.40 -3.91
C VAL A 15 -6.41 3.98 -2.46
N CYS A 16 -7.59 3.43 -2.23
CA CYS A 16 -8.04 3.07 -0.88
C CYS A 16 -7.83 1.58 -0.59
N ILE A 17 -7.55 1.25 0.67
CA ILE A 17 -7.38 -0.15 1.07
C ILE A 17 -8.75 -0.80 1.32
N GLU A 18 -9.25 -1.50 0.32
CA GLU A 18 -10.57 -2.15 0.41
C GLU A 18 -10.60 -3.27 1.45
N GLU A 19 -9.50 -4.03 1.53
CA GLU A 19 -9.47 -5.24 2.36
C GLU A 19 -8.08 -5.53 2.94
N ILE A 20 -8.02 -5.76 4.25
CA ILE A 20 -6.80 -6.21 4.92
C ILE A 20 -7.02 -7.61 5.53
N ASP A 21 -6.13 -8.54 5.23
CA ASP A 21 -6.26 -9.91 5.74
C ASP A 21 -6.01 -9.98 7.26
N VAL A 22 -7.05 -10.33 8.02
CA VAL A 22 -6.97 -10.39 9.48
C VAL A 22 -6.05 -11.52 9.97
N ASP A 23 -5.99 -12.62 9.21
CA ASP A 23 -5.17 -13.78 9.56
C ASP A 23 -3.69 -13.38 9.74
N GLY A 24 -3.16 -12.63 8.78
CA GLY A 24 -1.80 -12.12 8.87
C GLY A 24 -1.00 -12.26 7.58
N LYS A 25 -1.69 -12.33 6.44
CA LYS A 25 -1.02 -12.57 5.15
C LYS A 25 -0.71 -11.29 4.37
N PHE A 26 -1.75 -10.54 3.99
CA PHE A 26 -1.57 -9.44 3.02
C PHE A 26 -2.49 -8.22 3.28
N ILE A 27 -2.10 -7.08 2.70
CA ILE A 27 -2.92 -5.87 2.66
C ILE A 27 -3.28 -5.52 1.21
N ARG A 28 -4.56 -5.61 0.85
CA ARG A 28 -4.98 -5.43 -0.56
C ARG A 28 -5.59 -4.03 -0.82
N LEU A 29 -4.88 -3.23 -1.61
CA LEU A 29 -5.35 -1.88 -1.99
C LEU A 29 -6.15 -1.93 -3.31
N LYS A 30 -7.04 -0.96 -3.50
CA LYS A 30 -7.87 -0.88 -4.70
C LYS A 30 -8.24 0.58 -5.03
N ASN A 31 -7.91 1.02 -6.24
CA ASN A 31 -8.20 2.39 -6.67
C ASN A 31 -9.64 2.52 -7.21
N THR A 32 -10.37 3.50 -6.70
CA THR A 32 -11.77 3.71 -7.09
C THR A 32 -11.97 4.97 -7.95
N SER A 33 -10.87 5.57 -8.41
CA SER A 33 -10.94 6.79 -9.23
C SER A 33 -11.26 6.49 -10.70
N GLU A 34 -11.68 7.52 -11.42
CA GLU A 34 -11.99 7.41 -12.85
C GLU A 34 -10.72 7.58 -13.72
N GLN A 35 -9.67 8.17 -13.13
CA GLN A 35 -8.41 8.43 -13.86
C GLN A 35 -7.21 7.80 -13.14
N ASP A 36 -6.19 7.42 -13.91
CA ASP A 36 -5.00 6.75 -13.37
C ASP A 36 -4.31 7.59 -12.27
N GLN A 37 -3.85 6.92 -11.21
CA GLN A 37 -3.22 7.57 -10.06
C GLN A 37 -1.69 7.39 -10.10
N PRO A 38 -0.93 8.50 -10.21
CA PRO A 38 0.54 8.45 -10.22
C PRO A 38 1.14 8.09 -8.85
N MET A 39 2.02 7.08 -8.82
CA MET A 39 2.64 6.63 -7.58
C MET A 39 3.81 7.55 -7.18
N GLY A 40 4.91 7.49 -7.92
CA GLY A 40 6.09 8.26 -7.56
C GLY A 40 6.86 7.67 -6.37
N GLY A 41 6.16 7.45 -5.26
CA GLY A 41 6.78 6.84 -4.08
C GLY A 41 6.00 7.10 -2.80
N TRP A 42 4.75 6.62 -2.74
CA TRP A 42 3.92 6.74 -1.53
C TRP A 42 4.56 5.97 -0.35
N GLU A 43 4.27 6.39 0.87
CA GLU A 43 4.83 5.72 2.05
C GLU A 43 3.75 5.39 3.07
N MET A 44 3.56 4.10 3.31
CA MET A 44 2.56 3.60 4.26
C MET A 44 3.11 3.53 5.69
N ILE A 45 2.62 4.41 6.55
CA ILE A 45 2.92 4.33 7.98
C ILE A 45 1.96 3.32 8.64
N ARG A 46 2.36 2.05 8.66
CA ARG A 46 1.49 0.99 9.17
C ARG A 46 1.44 0.98 10.70
N LYS A 47 0.37 1.53 11.26
CA LYS A 47 0.15 1.51 12.71
C LYS A 47 -0.52 0.20 13.14
N ILE A 48 -0.79 0.06 14.43
CA ILE A 48 -1.47 -1.11 14.99
C ILE A 48 -1.85 -0.87 16.46
N GLY A 49 -0.99 -0.16 17.18
CA GLY A 49 -1.24 0.16 18.58
C GLY A 49 -0.03 0.81 19.26
N ASP A 50 0.84 -0.02 19.83
CA ASP A 50 2.01 0.47 20.55
C ASP A 50 3.22 0.69 19.61
N THR A 51 3.04 0.41 18.32
CA THR A 51 4.14 0.52 17.34
C THR A 51 3.62 0.75 15.91
N SER A 52 4.54 1.17 15.04
CA SER A 52 4.23 1.43 13.63
C SER A 52 5.48 1.27 12.76
N VAL A 53 5.29 0.83 11.50
CA VAL A 53 6.40 0.66 10.57
C VAL A 53 6.09 1.31 9.20
N SER A 54 7.07 2.04 8.66
CA SER A 54 6.89 2.75 7.38
C SER A 54 7.37 1.93 6.18
N TYR A 55 6.43 1.49 5.34
CA TYR A 55 6.77 0.81 4.07
C TYR A 55 6.58 1.75 2.88
N LYS A 56 7.64 1.97 2.11
CA LYS A 56 7.57 2.88 0.97
C LYS A 56 7.26 2.11 -0.34
N TYR A 57 6.11 2.41 -0.94
CA TYR A 57 5.68 1.74 -2.17
C TYR A 57 6.68 1.98 -3.32
N THR A 58 7.21 0.90 -3.86
CA THR A 58 8.17 0.98 -4.96
C THR A 58 7.53 1.51 -6.25
N SER A 59 8.19 2.47 -6.89
CA SER A 59 7.69 3.15 -8.09
C SER A 59 7.75 2.26 -9.36
N ARG A 60 7.78 0.94 -9.19
CA ARG A 60 7.84 0.01 -10.32
C ARG A 60 6.50 -0.06 -11.09
N TYR A 61 5.46 0.57 -10.55
CA TYR A 61 4.13 0.51 -11.14
C TYR A 61 3.33 1.81 -10.95
N VAL A 62 2.53 2.16 -11.95
CA VAL A 62 1.57 3.27 -11.83
C VAL A 62 0.16 2.72 -11.57
N LEU A 63 -0.48 3.17 -10.49
CA LEU A 63 -1.77 2.61 -10.08
C LEU A 63 -2.91 3.08 -11.00
N LYS A 64 -3.29 2.23 -11.96
CA LYS A 64 -4.35 2.55 -12.91
C LYS A 64 -5.74 2.69 -12.26
N ALA A 65 -6.68 3.27 -13.00
CA ALA A 65 -8.07 3.35 -12.55
C ALA A 65 -8.70 1.96 -12.41
N GLY A 66 -9.25 1.67 -11.22
CA GLY A 66 -9.85 0.36 -10.98
C GLY A 66 -8.82 -0.76 -10.82
N GLN A 67 -7.56 -0.40 -10.61
CA GLN A 67 -6.48 -1.37 -10.44
C GLN A 67 -6.27 -1.75 -8.96
N THR A 68 -5.75 -2.96 -8.73
CA THR A 68 -5.50 -3.46 -7.36
C THR A 68 -4.04 -3.84 -7.15
N VAL A 69 -3.53 -3.62 -5.94
CA VAL A 69 -2.18 -4.03 -5.56
C VAL A 69 -2.18 -4.68 -4.18
N THR A 70 -1.43 -5.77 -4.01
CA THR A 70 -1.47 -6.55 -2.77
C THR A 70 -0.09 -6.58 -2.07
N ILE A 71 -0.05 -6.13 -0.82
CA ILE A 71 1.20 -6.14 -0.03
C ILE A 71 1.29 -7.39 0.86
N TRP A 72 2.14 -8.34 0.48
CA TRP A 72 2.33 -9.58 1.26
C TRP A 72 3.47 -9.44 2.28
N ALA A 73 3.16 -9.67 3.56
CA ALA A 73 4.12 -9.45 4.64
C ALA A 73 5.16 -10.58 4.77
N ALA A 74 6.18 -10.55 3.92
CA ALA A 74 7.34 -11.47 3.98
C ALA A 74 6.97 -12.96 3.80
N ASN A 75 6.29 -13.54 4.78
CA ASN A 75 5.99 -14.99 4.80
C ASN A 75 4.91 -15.41 3.78
N ALA A 76 4.90 -14.77 2.61
CA ALA A 76 3.92 -15.09 1.57
C ALA A 76 4.24 -16.41 0.85
N GLY A 77 5.49 -16.55 0.40
CA GLY A 77 5.88 -17.74 -0.37
C GLY A 77 5.46 -17.67 -1.84
N VAL A 78 5.53 -16.48 -2.44
CA VAL A 78 5.12 -16.27 -3.83
C VAL A 78 6.33 -16.17 -4.80
N THR A 79 6.03 -16.12 -6.09
CA THR A 79 7.08 -16.08 -7.13
C THR A 79 7.89 -14.77 -7.11
N ALA A 80 9.02 -14.78 -6.40
CA ALA A 80 9.97 -13.65 -6.39
C ALA A 80 9.31 -12.30 -6.09
N SER A 81 8.80 -11.64 -7.12
CA SER A 81 8.17 -10.32 -6.97
C SER A 81 7.45 -9.87 -8.26
N PRO A 82 6.11 -9.83 -8.22
CA PRO A 82 5.28 -9.12 -9.24
C PRO A 82 5.84 -7.71 -9.56
N PRO A 83 5.51 -7.02 -10.70
CA PRO A 83 4.25 -6.93 -11.49
C PRO A 83 2.93 -7.53 -10.96
N THR A 84 2.45 -6.94 -9.84
CA THR A 84 1.04 -7.02 -9.34
C THR A 84 0.99 -6.99 -7.80
N ASP A 85 1.51 -8.03 -7.13
CA ASP A 85 1.66 -8.03 -5.68
C ASP A 85 3.03 -7.42 -5.29
N LEU A 86 3.27 -7.25 -3.99
CA LEU A 86 4.55 -6.74 -3.49
C LEU A 86 4.97 -7.48 -2.21
N ILE A 87 6.22 -7.95 -2.18
CA ILE A 87 6.75 -8.66 -1.00
C ILE A 87 7.35 -7.68 0.02
N TRP A 88 6.62 -7.48 1.10
CA TRP A 88 7.04 -6.58 2.19
C TRP A 88 8.17 -7.22 3.02
N LYS A 89 9.42 -6.84 2.74
CA LYS A 89 10.58 -7.39 3.46
C LYS A 89 10.68 -6.83 4.89
N ASN A 90 10.20 -5.61 5.11
CA ASN A 90 10.37 -4.90 6.38
C ASN A 90 9.51 -5.51 7.52
N GLN A 91 8.51 -6.31 7.18
CA GLN A 91 7.65 -6.94 8.19
C GLN A 91 7.19 -8.33 7.76
N ASN A 92 7.18 -9.27 8.72
CA ASN A 92 6.63 -10.60 8.48
C ASN A 92 5.13 -10.66 8.82
N SER A 93 4.55 -11.86 8.75
CA SER A 93 3.13 -12.06 9.05
C SER A 93 2.77 -11.56 10.46
N TRP A 94 1.84 -10.61 10.54
CA TRP A 94 1.45 -10.01 11.83
C TRP A 94 0.65 -10.98 12.72
N GLY A 95 -0.24 -11.77 12.11
CA GLY A 95 -1.02 -12.75 12.86
C GLY A 95 -1.80 -12.14 14.03
N THR A 96 -2.74 -11.25 13.74
CA THR A 96 -3.50 -10.55 14.80
C THR A 96 -4.74 -9.81 14.24
N GLY A 97 -4.50 -8.81 13.39
CA GLY A 97 -5.60 -8.00 12.85
C GLY A 97 -6.19 -7.04 13.87
N GLU A 98 -5.55 -6.90 15.04
CA GLU A 98 -6.02 -5.98 16.08
C GLU A 98 -5.84 -4.50 15.68
N ASP A 99 -6.75 -4.02 14.84
CA ASP A 99 -6.80 -2.61 14.41
C ASP A 99 -5.49 -2.17 13.69
N VAL A 100 -4.85 -3.11 12.99
CA VAL A 100 -3.69 -2.76 12.16
C VAL A 100 -4.09 -1.71 11.11
N LYS A 101 -3.44 -0.54 11.15
CA LYS A 101 -3.94 0.63 10.43
C LYS A 101 -2.94 1.14 9.37
N VAL A 102 -3.40 1.18 8.13
CA VAL A 102 -2.62 1.71 7.01
C VAL A 102 -2.78 3.24 6.86
N ILE A 103 -1.69 3.98 7.05
CA ILE A 103 -1.70 5.44 6.86
C ILE A 103 -1.00 5.83 5.53
N LEU A 104 -1.75 6.39 4.60
CA LEU A 104 -1.21 6.73 3.27
C LEU A 104 -0.70 8.18 3.19
N LYS A 105 0.62 8.35 3.23
CA LYS A 105 1.24 9.66 3.00
C LYS A 105 2.07 9.63 1.71
N ASN A 106 2.27 10.79 1.10
CA ASN A 106 2.92 10.88 -0.22
C ASN A 106 4.41 11.25 -0.11
N SER A 107 4.99 11.66 -1.25
CA SER A 107 6.44 11.92 -1.40
C SER A 107 7.02 12.88 -0.35
N GLN A 108 6.40 14.05 -0.18
CA GLN A 108 6.95 15.10 0.68
C GLN A 108 6.48 14.95 2.14
N GLY A 109 5.17 15.03 2.34
CA GLY A 109 4.59 14.93 3.66
C GLY A 109 3.09 15.22 3.68
N GLU A 110 2.43 14.95 2.56
CA GLU A 110 0.98 15.18 2.44
C GLU A 110 0.22 13.84 2.54
N GLU A 111 -0.87 13.85 3.31
CA GLU A 111 -1.62 12.63 3.59
C GLU A 111 -2.90 12.53 2.73
N VAL A 112 -3.11 11.35 2.14
CA VAL A 112 -4.29 11.10 1.31
C VAL A 112 -5.47 10.57 2.15
N ALA A 113 -5.28 9.40 2.77
CA ALA A 113 -6.33 8.78 3.59
C ALA A 113 -5.75 7.72 4.54
N GLN A 114 -6.64 7.11 5.34
CA GLN A 114 -6.25 6.06 6.28
C GLN A 114 -7.27 4.91 6.26
N ARG A 115 -6.83 3.70 6.59
CA ARG A 115 -7.73 2.54 6.64
C ARG A 115 -7.24 1.50 7.66
N SER A 116 -8.16 0.72 8.23
CA SER A 116 -7.79 -0.33 9.20
C SER A 116 -8.70 -1.55 9.09
N THR A 117 -8.33 -2.63 9.78
CA THR A 117 -9.12 -3.88 9.77
C THR A 117 -10.47 -3.73 10.46
N VAL A 118 -11.55 -3.84 9.67
CA VAL A 118 -12.91 -3.81 10.22
C VAL A 118 -13.22 -5.09 11.00
N PHE A 119 -13.78 -4.95 12.20
CA PHE A 119 -14.08 -6.10 13.06
C PHE A 119 -15.49 -6.64 12.79
N LYS A 120 -15.61 -7.51 11.79
CA LYS A 120 -16.89 -8.13 11.43
C LYS A 120 -17.19 -9.33 12.34
N THR A 121 -16.12 -9.88 12.94
CA THR A 121 -16.21 -11.09 13.77
C THR A 121 -16.61 -12.32 12.94
N THR A 122 -15.59 -13.11 12.56
CA THR A 122 -15.78 -14.32 11.74
C THR A 122 -16.54 -14.05 10.43
N MET A 1 19.28 -4.13 -8.35
CA MET A 1 19.63 -3.40 -9.60
C MET A 1 18.87 -2.07 -9.72
N GLY A 2 17.56 -2.10 -9.47
CA GLY A 2 16.75 -0.89 -9.50
C GLY A 2 16.37 -0.45 -10.92
N HIS A 3 15.67 0.68 -11.02
CA HIS A 3 15.26 1.23 -12.32
C HIS A 3 15.49 2.75 -12.37
N HIS A 4 15.54 3.29 -13.58
CA HIS A 4 15.71 4.74 -13.78
C HIS A 4 14.92 5.24 -14.99
N HIS A 5 13.79 5.90 -14.72
CA HIS A 5 12.96 6.50 -15.78
C HIS A 5 12.33 7.82 -15.31
N HIS A 6 12.48 8.86 -16.14
CA HIS A 6 12.02 10.20 -15.80
C HIS A 6 10.59 10.47 -16.29
N HIS A 7 9.68 10.74 -15.37
CA HIS A 7 8.30 11.08 -15.72
C HIS A 7 7.67 12.03 -14.69
N HIS A 8 7.27 13.22 -15.16
CA HIS A 8 6.70 14.26 -14.29
C HIS A 8 5.31 14.70 -14.77
N SER A 9 4.29 14.47 -13.95
CA SER A 9 2.89 14.81 -14.33
C SER A 9 2.19 15.62 -13.23
N HIS A 10 1.03 16.18 -13.56
CA HIS A 10 0.21 16.91 -12.58
C HIS A 10 -0.84 15.97 -11.94
N MET A 11 -0.99 14.77 -12.49
CA MET A 11 -1.92 13.78 -11.97
C MET A 11 -1.39 13.11 -10.69
N THR A 12 -2.10 13.27 -9.59
CA THR A 12 -1.71 12.68 -8.30
C THR A 12 -2.23 11.24 -8.18
N GLY A 13 -3.55 11.07 -8.17
CA GLY A 13 -4.14 9.74 -8.10
C GLY A 13 -4.52 9.33 -6.67
N ASN A 14 -5.82 9.30 -6.39
CA ASN A 14 -6.30 8.90 -5.06
C ASN A 14 -6.26 7.37 -4.87
N VAL A 15 -5.26 6.90 -4.12
CA VAL A 15 -5.12 5.49 -3.79
C VAL A 15 -5.55 5.23 -2.33
N CYS A 16 -6.48 4.29 -2.15
CA CYS A 16 -7.01 4.00 -0.80
C CYS A 16 -7.11 2.48 -0.56
N ILE A 17 -7.17 2.09 0.72
CA ILE A 17 -7.30 0.68 1.08
C ILE A 17 -8.77 0.26 1.11
N GLU A 18 -9.12 -0.86 0.47
CA GLU A 18 -10.51 -1.34 0.44
C GLU A 18 -10.71 -2.53 1.38
N GLU A 19 -9.70 -3.39 1.52
CA GLU A 19 -9.78 -4.53 2.43
C GLU A 19 -8.42 -4.85 3.06
N ILE A 20 -8.44 -5.28 4.32
CA ILE A 20 -7.22 -5.64 5.06
C ILE A 20 -7.36 -7.00 5.73
N ASP A 21 -6.38 -7.89 5.53
CA ASP A 21 -6.38 -9.18 6.21
C ASP A 21 -5.99 -9.04 7.68
N VAL A 22 -6.56 -9.89 8.53
CA VAL A 22 -6.31 -9.84 9.98
C VAL A 22 -5.37 -10.96 10.44
N ASP A 23 -5.34 -12.07 9.68
CA ASP A 23 -4.52 -13.23 10.01
C ASP A 23 -3.02 -12.90 9.98
N GLY A 24 -2.55 -12.40 8.84
CA GLY A 24 -1.14 -12.05 8.69
C GLY A 24 -0.61 -12.32 7.30
N LYS A 25 -1.42 -12.00 6.28
CA LYS A 25 -1.06 -12.30 4.89
C LYS A 25 -0.80 -11.04 4.05
N PHE A 26 -1.82 -10.17 3.90
CA PHE A 26 -1.71 -9.04 2.96
C PHE A 26 -2.59 -7.83 3.33
N ILE A 27 -2.33 -6.72 2.65
CA ILE A 27 -3.18 -5.52 2.69
C ILE A 27 -3.57 -5.12 1.25
N ARG A 28 -4.86 -4.87 1.01
CA ARG A 28 -5.34 -4.59 -0.36
C ARG A 28 -5.55 -3.08 -0.60
N LEU A 29 -4.60 -2.45 -1.28
CA LEU A 29 -4.74 -1.05 -1.71
C LEU A 29 -5.44 -0.98 -3.07
N LYS A 30 -6.06 0.15 -3.38
CA LYS A 30 -6.88 0.27 -4.60
C LYS A 30 -6.83 1.69 -5.18
N ASN A 31 -6.50 1.78 -6.47
CA ASN A 31 -6.48 3.07 -7.18
C ASN A 31 -7.89 3.44 -7.68
N THR A 32 -8.49 4.46 -7.08
CA THR A 32 -9.83 4.90 -7.48
C THR A 32 -9.76 6.07 -8.49
N SER A 33 -8.55 6.34 -8.98
CA SER A 33 -8.32 7.39 -9.98
C SER A 33 -8.63 6.89 -11.40
N GLU A 34 -9.06 7.80 -12.26
CA GLU A 34 -9.44 7.47 -13.64
C GLU A 34 -8.23 7.48 -14.58
N GLN A 35 -7.10 6.90 -14.12
CA GLN A 35 -5.86 6.89 -14.89
C GLN A 35 -4.82 5.94 -14.27
N ASP A 36 -3.90 5.45 -15.11
CA ASP A 36 -2.81 4.58 -14.65
C ASP A 36 -1.82 5.36 -13.77
N GLN A 37 -1.89 5.16 -12.46
CA GLN A 37 -1.04 5.90 -11.51
C GLN A 37 0.25 5.11 -11.16
N PRO A 38 1.43 5.66 -11.47
CA PRO A 38 2.72 5.03 -11.10
C PRO A 38 2.97 5.04 -9.58
N MET A 39 3.07 3.86 -8.98
CA MET A 39 3.24 3.74 -7.52
C MET A 39 4.69 4.07 -7.10
N GLY A 40 5.03 5.35 -7.07
CA GLY A 40 6.39 5.77 -6.72
C GLY A 40 6.49 6.64 -5.48
N GLY A 41 5.98 7.87 -5.57
CA GLY A 41 6.05 8.83 -4.46
C GLY A 41 5.04 8.55 -3.35
N TRP A 42 4.94 7.30 -2.92
CA TRP A 42 4.00 6.89 -1.87
C TRP A 42 4.71 6.09 -0.77
N GLU A 43 4.33 6.34 0.49
CA GLU A 43 4.90 5.62 1.62
C GLU A 43 3.78 5.22 2.61
N MET A 44 3.71 3.94 2.93
CA MET A 44 2.66 3.41 3.81
C MET A 44 3.19 3.14 5.23
N ILE A 45 2.44 3.57 6.23
CA ILE A 45 2.79 3.32 7.64
C ILE A 45 1.61 2.69 8.39
N ARG A 46 1.79 1.46 8.87
CA ARG A 46 0.75 0.78 9.64
C ARG A 46 1.03 0.86 11.15
N LYS A 47 0.07 1.41 11.90
CA LYS A 47 0.22 1.62 13.34
C LYS A 47 -0.47 0.50 14.15
N ILE A 48 0.20 0.03 15.19
CA ILE A 48 -0.36 -1.02 16.08
C ILE A 48 -0.23 -0.63 17.56
N GLY A 49 -1.28 0.02 18.09
CA GLY A 49 -1.30 0.43 19.48
C GLY A 49 -0.12 1.32 19.88
N ASP A 50 0.98 0.69 20.27
CA ASP A 50 2.20 1.40 20.69
C ASP A 50 3.07 1.79 19.48
N THR A 51 3.61 0.78 18.78
CA THR A 51 4.60 1.02 17.72
C THR A 51 3.97 1.11 16.31
N SER A 52 4.80 1.35 15.30
CA SER A 52 4.35 1.48 13.91
C SER A 52 5.43 1.01 12.93
N VAL A 53 5.02 0.55 11.75
CA VAL A 53 5.97 0.08 10.72
C VAL A 53 5.67 0.73 9.36
N SER A 54 6.73 1.14 8.64
CA SER A 54 6.56 1.89 7.37
C SER A 54 7.22 1.16 6.18
N TYR A 55 6.81 1.55 4.97
CA TYR A 55 7.33 1.00 3.72
C TYR A 55 7.01 1.90 2.52
N LYS A 56 8.03 2.41 1.85
CA LYS A 56 7.84 3.22 0.64
C LYS A 56 7.80 2.34 -0.62
N TYR A 57 7.08 2.80 -1.65
CA TYR A 57 6.93 2.06 -2.90
C TYR A 57 7.91 2.58 -3.99
N THR A 58 8.02 1.83 -5.09
CA THR A 58 8.93 2.18 -6.20
C THR A 58 8.22 2.13 -7.55
N SER A 59 8.40 3.17 -8.37
CA SER A 59 7.68 3.30 -9.65
C SER A 59 8.20 2.32 -10.71
N ARG A 60 7.66 1.10 -10.72
CA ARG A 60 7.99 0.12 -11.77
C ARG A 60 6.71 -0.52 -12.35
N TYR A 61 5.55 -0.01 -11.93
CA TYR A 61 4.25 -0.49 -12.45
C TYR A 61 3.17 0.58 -12.24
N VAL A 62 2.13 0.54 -13.07
CA VAL A 62 1.06 1.54 -13.02
C VAL A 62 -0.28 0.93 -12.59
N LEU A 63 -0.94 1.55 -11.61
CA LEU A 63 -2.25 1.08 -11.14
C LEU A 63 -3.37 1.61 -12.03
N LYS A 64 -4.06 0.70 -12.72
CA LYS A 64 -5.19 1.06 -13.58
C LYS A 64 -6.39 1.60 -12.77
N ALA A 65 -7.37 2.17 -13.47
CA ALA A 65 -8.58 2.70 -12.83
C ALA A 65 -9.38 1.57 -12.14
N GLY A 66 -9.36 1.55 -10.82
CA GLY A 66 -10.05 0.51 -10.05
C GLY A 66 -9.18 -0.71 -9.77
N GLN A 67 -7.89 -0.62 -10.11
CA GLN A 67 -6.96 -1.74 -9.92
C GLN A 67 -6.47 -1.83 -8.46
N THR A 68 -6.43 -3.05 -7.94
CA THR A 68 -5.96 -3.29 -6.55
C THR A 68 -4.53 -3.85 -6.54
N VAL A 69 -3.71 -3.38 -5.60
CA VAL A 69 -2.38 -3.95 -5.39
C VAL A 69 -2.32 -4.67 -4.04
N THR A 70 -1.95 -5.95 -4.07
CA THR A 70 -1.96 -6.80 -2.88
C THR A 70 -0.59 -6.83 -2.20
N ILE A 71 -0.45 -6.08 -1.11
CA ILE A 71 0.82 -6.02 -0.37
C ILE A 71 0.93 -7.19 0.63
N TRP A 72 1.63 -8.25 0.23
CA TRP A 72 1.83 -9.43 1.10
C TRP A 72 2.92 -9.19 2.14
N ALA A 73 2.91 -9.99 3.19
CA ALA A 73 3.97 -9.94 4.21
C ALA A 73 5.21 -10.73 3.77
N ALA A 74 6.33 -10.52 4.46
CA ALA A 74 7.60 -11.20 4.12
C ALA A 74 7.44 -12.74 4.08
N ASN A 75 6.50 -13.27 4.85
CA ASN A 75 6.26 -14.72 4.90
C ASN A 75 5.26 -15.19 3.83
N ALA A 76 5.16 -14.42 2.74
CA ALA A 76 4.23 -14.73 1.65
C ALA A 76 4.40 -16.15 1.08
N GLY A 77 5.65 -16.64 1.05
CA GLY A 77 5.92 -17.99 0.54
C GLY A 77 5.72 -18.14 -0.96
N VAL A 78 5.71 -17.02 -1.68
CA VAL A 78 5.54 -17.01 -3.14
C VAL A 78 6.65 -16.20 -3.82
N THR A 79 6.53 -15.98 -5.14
CA THR A 79 7.43 -15.07 -5.85
C THR A 79 7.28 -13.65 -5.28
N ALA A 80 8.23 -13.26 -4.44
CA ALA A 80 8.10 -12.04 -3.63
C ALA A 80 8.65 -10.78 -4.33
N SER A 81 8.37 -10.64 -5.63
CA SER A 81 8.85 -9.48 -6.40
C SER A 81 8.01 -9.21 -7.66
N PRO A 82 7.72 -7.91 -7.96
CA PRO A 82 7.12 -7.48 -9.25
C PRO A 82 7.78 -8.18 -10.47
N PRO A 83 7.21 -8.20 -11.72
CA PRO A 83 6.12 -7.38 -12.32
C PRO A 83 5.26 -6.43 -11.45
N THR A 84 4.23 -6.96 -10.76
CA THR A 84 3.21 -6.07 -10.18
C THR A 84 3.28 -5.90 -8.64
N ASP A 85 2.79 -6.88 -7.89
CA ASP A 85 2.57 -6.70 -6.45
C ASP A 85 3.89 -6.58 -5.65
N LEU A 86 3.96 -5.55 -4.82
CA LEU A 86 5.12 -5.33 -3.92
C LEU A 86 4.94 -6.06 -2.59
N ILE A 87 5.63 -7.18 -2.42
CA ILE A 87 5.59 -7.92 -1.15
C ILE A 87 6.40 -7.20 -0.07
N TRP A 88 5.74 -6.86 1.04
CA TRP A 88 6.39 -6.14 2.15
C TRP A 88 7.47 -7.02 2.81
N LYS A 89 8.63 -7.10 2.16
CA LYS A 89 9.75 -7.93 2.65
C LYS A 89 10.55 -7.23 3.76
N ASN A 90 9.92 -6.27 4.44
CA ASN A 90 10.51 -5.60 5.60
C ASN A 90 9.63 -5.78 6.86
N GLN A 91 8.66 -6.68 6.76
CA GLN A 91 7.76 -6.98 7.88
C GLN A 91 7.26 -8.44 7.83
N ASN A 92 7.34 -9.13 8.96
CA ASN A 92 6.84 -10.51 9.05
C ASN A 92 5.31 -10.54 9.24
N SER A 93 4.74 -11.73 9.32
CA SER A 93 3.30 -11.88 9.59
C SER A 93 2.95 -11.41 11.02
N TRP A 94 2.14 -10.36 11.11
CA TRP A 94 1.79 -9.78 12.42
C TRP A 94 1.06 -10.79 13.33
N GLY A 95 0.07 -11.49 12.79
CA GLY A 95 -0.66 -12.51 13.55
C GLY A 95 -1.34 -11.98 14.83
N THR A 96 -1.41 -10.67 14.99
CA THR A 96 -1.91 -10.05 16.23
C THR A 96 -3.43 -10.21 16.40
N GLY A 97 -4.16 -10.26 15.29
CA GLY A 97 -5.61 -10.35 15.34
C GLY A 97 -6.28 -9.07 15.87
N GLU A 98 -5.50 -7.98 15.92
CA GLU A 98 -6.01 -6.70 16.41
C GLU A 98 -6.46 -5.79 15.26
N ASP A 99 -6.95 -4.60 15.62
CA ASP A 99 -7.40 -3.61 14.65
C ASP A 99 -6.26 -3.17 13.71
N VAL A 100 -5.09 -2.90 14.32
CA VAL A 100 -3.86 -2.51 13.60
C VAL A 100 -4.13 -1.73 12.29
N LYS A 101 -4.22 -0.41 12.42
CA LYS A 101 -4.68 0.48 11.34
C LYS A 101 -3.54 0.93 10.41
N VAL A 102 -3.82 0.96 9.11
CA VAL A 102 -2.80 1.34 8.10
C VAL A 102 -3.02 2.77 7.57
N ILE A 103 -1.92 3.49 7.33
CA ILE A 103 -1.96 4.88 6.85
C ILE A 103 -1.21 5.04 5.51
N LEU A 104 -1.78 5.82 4.59
CA LEU A 104 -1.10 6.15 3.32
C LEU A 104 -0.63 7.61 3.29
N LYS A 105 0.68 7.80 3.13
CA LYS A 105 1.27 9.14 3.01
C LYS A 105 1.88 9.36 1.61
N ASN A 106 1.87 10.61 1.14
CA ASN A 106 2.53 10.95 -0.13
C ASN A 106 4.01 11.28 0.09
N SER A 107 4.69 11.67 -0.99
CA SER A 107 6.05 12.20 -0.90
C SER A 107 6.11 13.41 0.06
N GLN A 108 5.04 14.20 0.06
CA GLN A 108 4.92 15.36 0.97
C GLN A 108 4.68 14.94 2.43
N GLY A 109 4.35 13.66 2.63
CA GLY A 109 4.21 13.13 4.00
C GLY A 109 2.83 13.30 4.62
N GLU A 110 1.88 13.88 3.88
CA GLU A 110 0.52 14.08 4.42
C GLU A 110 -0.41 12.91 4.07
N GLU A 111 -1.67 12.99 4.55
CA GLU A 111 -2.61 11.87 4.47
C GLU A 111 -3.49 11.90 3.21
N VAL A 112 -3.61 10.74 2.55
CA VAL A 112 -4.58 10.56 1.47
C VAL A 112 -5.76 9.69 1.93
N ALA A 113 -5.44 8.54 2.54
CA ALA A 113 -6.46 7.61 3.01
C ALA A 113 -5.91 6.66 4.08
N GLN A 114 -6.82 6.03 4.83
CA GLN A 114 -6.44 5.05 5.87
C GLN A 114 -7.56 4.02 6.09
N ARG A 115 -7.27 2.99 6.88
CA ARG A 115 -8.28 1.96 7.24
C ARG A 115 -7.72 0.94 8.23
N SER A 116 -8.58 0.42 9.11
CA SER A 116 -8.21 -0.65 10.06
C SER A 116 -8.90 -1.97 9.69
N THR A 117 -8.64 -3.03 10.46
CA THR A 117 -9.26 -4.34 10.21
C THR A 117 -10.72 -4.36 10.68
N VAL A 118 -11.65 -4.56 9.74
CA VAL A 118 -13.07 -4.67 10.07
C VAL A 118 -13.43 -6.10 10.47
N PHE A 119 -13.76 -6.31 11.74
CA PHE A 119 -14.04 -7.65 12.26
C PHE A 119 -15.43 -8.15 11.82
N LYS A 120 -15.55 -8.47 10.53
CA LYS A 120 -16.78 -9.04 9.98
C LYS A 120 -16.80 -10.57 10.12
N THR A 121 -15.63 -11.19 9.90
CA THR A 121 -15.46 -12.65 10.04
C THR A 121 -16.41 -13.44 9.13
N THR A 122 -15.86 -13.96 8.01
CA THR A 122 -16.65 -14.74 7.05
C THR A 122 -15.87 -15.96 6.53
N MET A 1 10.38 6.64 -28.62
CA MET A 1 10.93 7.23 -27.37
C MET A 1 9.83 7.84 -26.50
N GLY A 2 8.93 8.62 -27.12
CA GLY A 2 7.80 9.20 -26.38
C GLY A 2 8.08 10.59 -25.83
N HIS A 3 7.90 11.62 -26.66
CA HIS A 3 8.04 13.01 -26.22
C HIS A 3 6.74 13.52 -25.57
N HIS A 4 6.62 13.32 -24.27
CA HIS A 4 5.43 13.74 -23.52
C HIS A 4 5.64 15.12 -22.89
N HIS A 5 4.73 16.06 -23.18
CA HIS A 5 4.87 17.45 -22.74
C HIS A 5 3.58 17.97 -22.09
N HIS A 6 3.50 17.86 -20.75
CA HIS A 6 2.36 18.38 -19.99
C HIS A 6 2.83 19.06 -18.69
N HIS A 7 2.86 20.39 -18.69
CA HIS A 7 3.35 21.15 -17.53
C HIS A 7 2.22 21.69 -16.65
N HIS A 8 0.97 21.49 -17.05
CA HIS A 8 -0.17 21.87 -16.20
C HIS A 8 -0.35 20.86 -15.06
N SER A 9 0.04 21.26 -13.86
CA SER A 9 0.10 20.34 -12.71
C SER A 9 -1.21 20.30 -11.92
N HIS A 10 -2.03 19.29 -12.21
CA HIS A 10 -3.24 19.01 -11.43
C HIS A 10 -3.35 17.50 -11.15
N MET A 11 -2.76 17.07 -10.04
CA MET A 11 -2.66 15.64 -9.70
C MET A 11 -3.90 15.17 -8.91
N THR A 12 -4.17 13.87 -8.98
CA THR A 12 -5.29 13.26 -8.26
C THR A 12 -4.94 11.88 -7.69
N GLY A 13 -4.90 11.76 -6.37
CA GLY A 13 -4.59 10.49 -5.73
C GLY A 13 -5.83 9.64 -5.48
N ASN A 14 -6.06 8.64 -6.33
CA ASN A 14 -7.23 7.77 -6.20
C ASN A 14 -6.89 6.43 -5.52
N VAL A 15 -5.68 6.31 -5.00
CA VAL A 15 -5.24 5.09 -4.32
C VAL A 15 -5.79 5.04 -2.88
N CYS A 16 -6.49 3.95 -2.55
CA CYS A 16 -7.06 3.75 -1.21
C CYS A 16 -7.03 2.28 -0.81
N ILE A 17 -7.41 1.97 0.42
CA ILE A 17 -7.38 0.58 0.93
C ILE A 17 -8.69 -0.15 0.64
N GLU A 18 -8.62 -1.30 -0.04
CA GLU A 18 -9.80 -2.11 -0.31
C GLU A 18 -10.19 -2.95 0.91
N GLU A 19 -9.22 -3.71 1.43
CA GLU A 19 -9.47 -4.57 2.59
C GLU A 19 -8.16 -5.06 3.24
N ILE A 20 -8.11 -5.04 4.56
CA ILE A 20 -6.95 -5.53 5.31
C ILE A 20 -7.26 -6.90 5.92
N ASP A 21 -6.40 -7.89 5.65
CA ASP A 21 -6.62 -9.25 6.13
C ASP A 21 -6.51 -9.34 7.67
N VAL A 22 -7.58 -9.81 8.31
CA VAL A 22 -7.62 -9.93 9.77
C VAL A 22 -6.72 -11.07 10.28
N ASP A 23 -6.48 -12.08 9.43
CA ASP A 23 -5.62 -13.20 9.80
C ASP A 23 -4.15 -12.74 9.90
N GLY A 24 -3.77 -11.78 9.06
CA GLY A 24 -2.46 -11.15 9.15
C GLY A 24 -1.50 -11.54 8.02
N LYS A 25 -2.04 -11.83 6.85
CA LYS A 25 -1.22 -12.26 5.70
C LYS A 25 -0.91 -11.12 4.72
N PHE A 26 -1.89 -10.26 4.45
CA PHE A 26 -1.72 -9.22 3.42
C PHE A 26 -2.60 -7.98 3.66
N ILE A 27 -2.20 -6.86 3.07
CA ILE A 27 -2.97 -5.62 3.09
C ILE A 27 -3.34 -5.21 1.65
N ARG A 28 -4.61 -5.35 1.29
CA ARG A 28 -5.02 -5.17 -0.11
C ARG A 28 -5.61 -3.77 -0.37
N LEU A 29 -4.93 -3.01 -1.26
CA LEU A 29 -5.37 -1.67 -1.64
C LEU A 29 -6.16 -1.68 -2.96
N LYS A 30 -6.47 -0.49 -3.48
CA LYS A 30 -7.24 -0.35 -4.73
C LYS A 30 -7.02 1.01 -5.38
N ASN A 31 -6.88 1.02 -6.71
CA ASN A 31 -6.90 2.28 -7.48
C ASN A 31 -8.27 2.44 -8.18
N THR A 32 -9.14 3.26 -7.59
CA THR A 32 -10.47 3.49 -8.17
C THR A 32 -10.54 4.84 -8.89
N SER A 33 -10.40 4.79 -10.22
CA SER A 33 -10.38 6.01 -11.04
C SER A 33 -10.54 5.70 -12.52
N GLU A 34 -10.50 6.73 -13.35
CA GLU A 34 -10.55 6.58 -14.81
C GLU A 34 -9.19 6.91 -15.44
N GLN A 35 -8.20 7.13 -14.57
CA GLN A 35 -6.83 7.46 -15.02
C GLN A 35 -5.79 6.65 -14.23
N ASP A 36 -4.81 6.11 -14.94
CA ASP A 36 -3.81 5.22 -14.33
C ASP A 36 -2.88 5.99 -13.37
N GLN A 37 -2.65 5.41 -12.19
CA GLN A 37 -1.79 6.02 -11.18
C GLN A 37 -0.31 5.61 -11.36
N PRO A 38 0.57 6.56 -11.74
CA PRO A 38 2.01 6.28 -11.91
C PRO A 38 2.78 6.15 -10.58
N MET A 39 2.03 6.05 -9.47
CA MET A 39 2.60 5.96 -8.12
C MET A 39 3.37 7.24 -7.74
N GLY A 40 4.55 7.42 -8.33
CA GLY A 40 5.36 8.60 -8.03
C GLY A 40 6.08 8.50 -6.69
N GLY A 41 5.33 8.69 -5.60
CA GLY A 41 5.93 8.65 -4.28
C GLY A 41 4.90 8.59 -3.15
N TRP A 42 4.58 7.37 -2.71
CA TRP A 42 3.67 7.15 -1.56
C TRP A 42 4.41 6.47 -0.41
N GLU A 43 3.79 6.44 0.77
CA GLU A 43 4.37 5.77 1.94
C GLU A 43 3.28 5.11 2.80
N MET A 44 3.52 3.85 3.17
CA MET A 44 2.59 3.08 3.99
C MET A 44 3.07 2.97 5.45
N ILE A 45 2.40 3.68 6.35
CA ILE A 45 2.73 3.65 7.77
C ILE A 45 1.87 2.63 8.53
N ARG A 46 2.42 1.44 8.79
CA ARG A 46 1.71 0.39 9.52
C ARG A 46 1.86 0.58 11.04
N LYS A 47 0.83 1.10 11.70
CA LYS A 47 0.83 1.28 13.15
C LYS A 47 0.10 0.12 13.83
N ILE A 48 0.81 -0.64 14.66
CA ILE A 48 0.22 -1.78 15.37
C ILE A 48 0.89 -2.04 16.72
N GLY A 49 0.10 -2.03 17.79
CA GLY A 49 0.59 -2.35 19.12
C GLY A 49 1.72 -1.43 19.60
N ASP A 50 2.93 -1.98 19.69
CA ASP A 50 4.08 -1.26 20.23
C ASP A 50 5.13 -0.95 19.14
N THR A 51 4.69 -0.84 17.89
CA THR A 51 5.59 -0.49 16.78
C THR A 51 4.85 0.21 15.63
N SER A 52 5.61 0.87 14.76
CA SER A 52 5.05 1.53 13.57
C SER A 52 6.12 1.64 12.48
N VAL A 53 5.91 0.93 11.37
CA VAL A 53 6.89 0.87 10.29
C VAL A 53 6.36 1.56 9.00
N SER A 54 7.22 2.38 8.38
CA SER A 54 6.85 3.14 7.18
C SER A 54 7.55 2.60 5.92
N TYR A 55 6.76 2.24 4.90
CA TYR A 55 7.30 1.75 3.62
C TYR A 55 7.00 2.73 2.47
N LYS A 56 8.04 3.40 1.99
CA LYS A 56 7.89 4.31 0.83
C LYS A 56 7.83 3.50 -0.48
N TYR A 57 6.65 3.47 -1.10
CA TYR A 57 6.40 2.66 -2.29
C TYR A 57 7.39 2.97 -3.44
N THR A 58 7.90 1.90 -4.07
CA THR A 58 8.78 2.06 -5.22
C THR A 58 8.01 1.89 -6.54
N SER A 59 8.09 2.91 -7.40
CA SER A 59 7.35 2.92 -8.68
C SER A 59 7.97 1.95 -9.71
N ARG A 60 7.86 0.64 -9.45
CA ARG A 60 8.43 -0.36 -10.37
C ARG A 60 7.42 -0.74 -11.48
N TYR A 61 6.16 -0.32 -11.31
CA TYR A 61 5.13 -0.52 -12.34
C TYR A 61 4.04 0.54 -12.19
N VAL A 62 3.17 0.65 -13.20
CA VAL A 62 2.06 1.62 -13.16
C VAL A 62 0.79 1.00 -12.58
N LEU A 63 0.28 1.59 -11.48
CA LEU A 63 -0.97 1.13 -10.88
C LEU A 63 -2.17 1.58 -11.72
N LYS A 64 -2.53 0.78 -12.70
CA LYS A 64 -3.57 1.13 -13.66
C LYS A 64 -4.97 1.20 -13.02
N ALA A 65 -5.87 1.93 -13.69
CA ALA A 65 -7.21 2.19 -13.17
C ALA A 65 -8.04 0.92 -12.95
N GLY A 66 -8.42 0.65 -11.70
CA GLY A 66 -9.27 -0.49 -11.38
C GLY A 66 -8.54 -1.64 -10.70
N GLN A 67 -7.21 -1.68 -10.82
CA GLN A 67 -6.42 -2.77 -10.23
C GLN A 67 -6.22 -2.59 -8.72
N THR A 68 -6.27 -3.70 -7.99
CA THR A 68 -6.12 -3.69 -6.53
C THR A 68 -4.74 -4.23 -6.11
N VAL A 69 -3.80 -3.32 -5.83
CA VAL A 69 -2.45 -3.70 -5.40
C VAL A 69 -2.46 -4.31 -3.98
N THR A 70 -2.06 -5.57 -3.87
CA THR A 70 -2.00 -6.27 -2.58
C THR A 70 -0.59 -6.24 -1.98
N ILE A 71 -0.48 -5.72 -0.77
CA ILE A 71 0.79 -5.74 -0.03
C ILE A 71 0.96 -7.07 0.73
N TRP A 72 1.80 -7.95 0.19
CA TRP A 72 2.07 -9.25 0.81
C TRP A 72 3.18 -9.12 1.87
N ALA A 73 2.85 -9.42 3.13
CA ALA A 73 3.79 -9.24 4.24
C ALA A 73 4.94 -10.27 4.23
N ALA A 74 5.91 -10.04 3.34
CA ALA A 74 7.12 -10.88 3.22
C ALA A 74 6.79 -12.37 2.95
N ASN A 75 6.30 -13.07 3.96
CA ASN A 75 5.97 -14.50 3.85
C ASN A 75 4.54 -14.71 3.35
N ALA A 76 4.40 -15.01 2.06
CA ALA A 76 3.07 -15.21 1.46
C ALA A 76 3.12 -16.12 0.21
N GLY A 77 4.27 -16.75 -0.04
CA GLY A 77 4.40 -17.66 -1.17
C GLY A 77 4.59 -16.96 -2.52
N VAL A 78 3.93 -15.82 -2.71
CA VAL A 78 3.99 -15.06 -3.96
C VAL A 78 5.45 -14.71 -4.38
N THR A 79 5.68 -14.62 -5.69
CA THR A 79 7.02 -14.33 -6.23
C THR A 79 7.53 -12.94 -5.80
N ALA A 80 8.77 -12.62 -6.17
CA ALA A 80 9.44 -11.39 -5.72
C ALA A 80 8.85 -10.12 -6.36
N SER A 81 7.68 -9.71 -5.86
CA SER A 81 7.03 -8.44 -6.25
C SER A 81 6.59 -8.41 -7.73
N PRO A 82 5.27 -8.56 -7.98
CA PRO A 82 4.63 -8.25 -9.29
C PRO A 82 5.12 -6.88 -9.87
N PRO A 83 4.84 -6.47 -11.16
CA PRO A 83 3.64 -6.62 -12.04
C PRO A 83 2.29 -7.13 -11.48
N THR A 84 1.70 -6.31 -10.58
CA THR A 84 0.26 -6.34 -10.16
C THR A 84 0.13 -5.97 -8.66
N ASP A 85 0.76 -6.76 -7.78
CA ASP A 85 0.83 -6.48 -6.35
C ASP A 85 2.26 -6.09 -5.94
N LEU A 86 2.54 -6.03 -4.63
CA LEU A 86 3.88 -5.73 -4.12
C LEU A 86 4.22 -6.56 -2.88
N ILE A 87 5.45 -7.08 -2.82
CA ILE A 87 5.93 -7.82 -1.66
C ILE A 87 6.63 -6.89 -0.65
N TRP A 88 6.13 -6.90 0.58
CA TRP A 88 6.61 -6.01 1.64
C TRP A 88 7.73 -6.70 2.46
N LYS A 89 8.96 -6.22 2.31
CA LYS A 89 10.13 -6.86 2.95
C LYS A 89 10.49 -6.24 4.32
N ASN A 90 9.72 -5.27 4.78
CA ASN A 90 9.99 -4.62 6.08
C ASN A 90 9.62 -5.55 7.27
N GLN A 91 8.50 -6.24 7.15
CA GLN A 91 8.04 -7.14 8.21
C GLN A 91 7.27 -8.33 7.63
N ASN A 92 7.23 -9.44 8.35
CA ASN A 92 6.64 -10.68 7.84
C ASN A 92 5.14 -10.81 8.21
N SER A 93 4.51 -11.88 7.70
CA SER A 93 3.09 -12.16 7.97
C SER A 93 2.83 -12.34 9.48
N TRP A 94 1.88 -11.57 10.01
CA TRP A 94 1.59 -11.57 11.45
C TRP A 94 0.29 -12.34 11.76
N GLY A 95 -0.14 -12.29 13.02
CA GLY A 95 -1.38 -12.94 13.42
C GLY A 95 -1.92 -12.42 14.75
N THR A 96 -2.84 -11.47 14.69
CA THR A 96 -3.44 -10.88 15.90
C THR A 96 -4.68 -10.04 15.56
N GLY A 97 -5.52 -9.80 16.57
CA GLY A 97 -6.73 -9.01 16.38
C GLY A 97 -6.56 -7.54 16.77
N GLU A 98 -5.34 -7.16 17.16
CA GLU A 98 -5.04 -5.78 17.56
C GLU A 98 -5.12 -4.80 16.37
N ASP A 99 -5.34 -3.52 16.69
CA ASP A 99 -5.47 -2.47 15.68
C ASP A 99 -4.23 -2.37 14.78
N VAL A 100 -4.22 -3.10 13.67
CA VAL A 100 -3.23 -2.88 12.61
C VAL A 100 -3.69 -1.71 11.73
N LYS A 101 -3.44 -0.50 12.22
CA LYS A 101 -3.92 0.72 11.56
C LYS A 101 -2.92 1.23 10.52
N VAL A 102 -3.25 1.03 9.25
CA VAL A 102 -2.40 1.43 8.14
C VAL A 102 -2.72 2.85 7.66
N ILE A 103 -1.71 3.71 7.67
CA ILE A 103 -1.86 5.11 7.24
C ILE A 103 -1.20 5.34 5.86
N LEU A 104 -2.00 5.70 4.86
CA LEU A 104 -1.47 5.98 3.52
C LEU A 104 -1.13 7.47 3.34
N LYS A 105 0.13 7.76 3.02
CA LYS A 105 0.60 9.13 2.79
C LYS A 105 1.38 9.25 1.49
N ASN A 106 1.64 10.49 1.05
CA ASN A 106 2.51 10.74 -0.10
C ASN A 106 3.94 11.08 0.35
N SER A 107 4.85 11.23 -0.60
CA SER A 107 6.29 11.43 -0.33
C SER A 107 6.55 12.67 0.57
N GLN A 108 5.74 13.72 0.43
CA GLN A 108 5.92 14.93 1.24
C GLN A 108 5.43 14.76 2.69
N GLY A 109 4.93 13.57 3.02
CA GLY A 109 4.43 13.31 4.37
C GLY A 109 3.01 13.80 4.60
N GLU A 110 2.21 13.80 3.54
CA GLU A 110 0.81 14.24 3.60
C GLU A 110 -0.15 13.04 3.62
N GLU A 111 -1.05 13.00 4.60
CA GLU A 111 -1.97 11.88 4.79
C GLU A 111 -3.12 11.90 3.77
N VAL A 112 -3.47 10.73 3.24
CA VAL A 112 -4.58 10.60 2.28
C VAL A 112 -5.75 9.79 2.88
N ALA A 113 -5.48 8.53 3.21
CA ALA A 113 -6.51 7.64 3.76
C ALA A 113 -5.92 6.67 4.81
N GLN A 114 -6.79 6.09 5.64
CA GLN A 114 -6.35 5.13 6.66
C GLN A 114 -7.43 4.10 6.99
N ARG A 115 -7.02 2.95 7.53
CA ARG A 115 -7.94 1.87 7.90
C ARG A 115 -7.25 0.86 8.84
N SER A 116 -8.05 0.13 9.63
CA SER A 116 -7.51 -0.89 10.55
C SER A 116 -8.43 -2.13 10.61
N THR A 117 -8.26 -2.95 11.64
CA THR A 117 -9.10 -4.14 11.83
C THR A 117 -10.58 -3.78 12.00
N VAL A 118 -11.33 -3.82 10.90
CA VAL A 118 -12.77 -3.56 10.96
C VAL A 118 -13.50 -4.69 11.69
N PHE A 119 -13.59 -4.57 13.01
CA PHE A 119 -14.23 -5.57 13.87
C PHE A 119 -15.77 -5.47 13.84
N LYS A 120 -16.32 -4.94 12.75
CA LYS A 120 -17.77 -4.73 12.63
C LYS A 120 -18.24 -5.06 11.20
N THR A 121 -19.32 -5.83 11.09
CA THR A 121 -19.86 -6.21 9.78
C THR A 121 -20.97 -5.25 9.32
N THR A 122 -20.84 -4.73 8.10
CA THR A 122 -21.78 -3.73 7.57
C THR A 122 -22.57 -4.26 6.36
N MET A 1 25.11 9.00 -14.62
CA MET A 1 24.17 8.15 -15.41
C MET A 1 22.79 8.06 -14.76
N GLY A 2 21.77 7.83 -15.58
CA GLY A 2 20.39 7.76 -15.11
C GLY A 2 19.36 7.90 -16.22
N HIS A 3 18.15 7.43 -15.97
CA HIS A 3 17.07 7.48 -16.98
C HIS A 3 15.73 7.90 -16.39
N HIS A 4 15.75 8.59 -15.25
CA HIS A 4 14.52 9.11 -14.62
C HIS A 4 14.39 10.63 -14.82
N HIS A 5 13.65 11.03 -15.85
CA HIS A 5 13.43 12.46 -16.14
C HIS A 5 11.99 12.90 -15.82
N HIS A 6 11.09 11.95 -15.66
CA HIS A 6 9.67 12.26 -15.43
C HIS A 6 9.41 12.77 -14.00
N HIS A 7 9.65 14.06 -13.77
CA HIS A 7 9.44 14.68 -12.45
C HIS A 7 8.58 15.95 -12.57
N HIS A 8 7.36 15.90 -12.04
CA HIS A 8 6.51 17.10 -11.96
C HIS A 8 5.91 17.23 -10.55
N SER A 9 6.32 18.27 -9.82
CA SER A 9 5.93 18.44 -8.41
C SER A 9 4.54 19.09 -8.26
N HIS A 10 3.53 18.44 -8.84
CA HIS A 10 2.13 18.88 -8.71
C HIS A 10 1.19 17.66 -8.81
N MET A 11 0.99 16.96 -7.70
CA MET A 11 0.18 15.73 -7.69
C MET A 11 -0.71 15.62 -6.44
N THR A 12 -1.83 14.91 -6.58
CA THR A 12 -2.73 14.62 -5.44
C THR A 12 -3.03 13.10 -5.37
N GLY A 13 -3.68 12.68 -4.29
CA GLY A 13 -3.92 11.26 -4.04
C GLY A 13 -5.03 10.66 -4.91
N ASN A 14 -4.73 9.54 -5.58
CA ASN A 14 -5.73 8.81 -6.39
C ASN A 14 -6.03 7.42 -5.80
N VAL A 15 -4.99 6.60 -5.65
CA VAL A 15 -5.13 5.25 -5.09
C VAL A 15 -5.44 5.31 -3.58
N CYS A 16 -6.26 4.38 -3.10
CA CYS A 16 -6.67 4.35 -1.68
C CYS A 16 -6.76 2.92 -1.15
N ILE A 17 -6.98 2.78 0.15
CA ILE A 17 -7.09 1.46 0.78
C ILE A 17 -8.50 0.87 0.62
N GLU A 18 -8.59 -0.35 0.12
CA GLU A 18 -9.86 -1.08 0.08
C GLU A 18 -10.12 -1.72 1.45
N GLU A 19 -9.19 -2.57 1.89
CA GLU A 19 -9.16 -3.10 3.26
C GLU A 19 -8.07 -4.17 3.42
N ILE A 20 -7.56 -4.31 4.64
CA ILE A 20 -6.49 -5.28 4.95
C ILE A 20 -7.02 -6.72 4.92
N ASP A 21 -6.12 -7.70 4.83
CA ASP A 21 -6.51 -9.12 4.83
C ASP A 21 -7.23 -9.53 6.12
N VAL A 22 -8.12 -10.51 6.01
CA VAL A 22 -8.94 -10.94 7.15
C VAL A 22 -8.12 -11.70 8.20
N ASP A 23 -7.10 -12.44 7.76
CA ASP A 23 -6.23 -13.20 8.68
C ASP A 23 -5.05 -12.34 9.16
N GLY A 24 -4.61 -11.41 8.31
CA GLY A 24 -3.48 -10.55 8.64
C GLY A 24 -2.20 -10.98 7.95
N LYS A 25 -2.32 -11.48 6.72
CA LYS A 25 -1.15 -11.90 5.92
C LYS A 25 -0.68 -10.79 4.96
N PHE A 26 -1.62 -9.95 4.53
CA PHE A 26 -1.31 -8.91 3.54
C PHE A 26 -2.27 -7.71 3.65
N ILE A 27 -2.00 -6.69 2.84
CA ILE A 27 -2.85 -5.49 2.76
C ILE A 27 -3.38 -5.32 1.33
N ARG A 28 -4.66 -4.96 1.18
CA ARG A 28 -5.27 -4.83 -0.14
C ARG A 28 -5.76 -3.39 -0.41
N LEU A 29 -5.08 -2.69 -1.32
CA LEU A 29 -5.49 -1.35 -1.75
C LEU A 29 -6.08 -1.41 -3.18
N LYS A 30 -6.57 -0.27 -3.66
CA LYS A 30 -7.20 -0.21 -5.00
C LYS A 30 -7.06 1.18 -5.63
N ASN A 31 -6.77 1.23 -6.92
CA ASN A 31 -6.69 2.50 -7.64
C ASN A 31 -8.09 3.05 -7.93
N THR A 32 -8.65 3.76 -6.95
CA THR A 32 -9.96 4.41 -7.10
C THR A 32 -9.84 5.70 -7.92
N SER A 33 -9.96 5.57 -9.24
CA SER A 33 -9.86 6.72 -10.15
C SER A 33 -10.54 6.44 -11.49
N GLU A 34 -10.42 7.38 -12.43
CA GLU A 34 -11.05 7.24 -13.75
C GLU A 34 -10.06 6.76 -14.83
N GLN A 35 -8.78 6.63 -14.47
CA GLN A 35 -7.75 6.19 -15.43
C GLN A 35 -6.55 5.57 -14.70
N ASP A 36 -5.68 4.90 -15.46
CA ASP A 36 -4.49 4.23 -14.89
C ASP A 36 -3.63 5.21 -14.07
N GLN A 37 -3.49 4.94 -12.78
CA GLN A 37 -2.68 5.77 -11.88
C GLN A 37 -1.67 4.91 -11.09
N PRO A 38 -0.36 5.07 -11.36
CA PRO A 38 0.67 4.32 -10.63
C PRO A 38 0.84 4.76 -9.17
N MET A 39 0.97 3.79 -8.26
CA MET A 39 1.16 4.07 -6.83
C MET A 39 2.52 4.76 -6.59
N GLY A 40 3.58 3.96 -6.44
CA GLY A 40 4.94 4.50 -6.35
C GLY A 40 5.19 5.48 -5.20
N GLY A 41 4.83 6.74 -5.38
CA GLY A 41 5.22 7.79 -4.43
C GLY A 41 4.34 7.87 -3.19
N TRP A 42 4.06 6.74 -2.57
CA TRP A 42 3.26 6.68 -1.34
C TRP A 42 4.05 6.05 -0.19
N GLU A 43 3.79 6.52 1.02
CA GLU A 43 4.43 5.99 2.22
C GLU A 43 3.40 5.28 3.13
N MET A 44 3.51 3.96 3.21
CA MET A 44 2.60 3.15 4.02
C MET A 44 3.14 2.95 5.45
N ILE A 45 2.42 3.46 6.44
CA ILE A 45 2.76 3.22 7.85
C ILE A 45 1.76 2.24 8.46
N ARG A 46 2.16 0.97 8.64
CA ARG A 46 1.23 -0.04 9.15
C ARG A 46 1.26 -0.11 10.69
N LYS A 47 0.15 0.25 11.31
CA LYS A 47 -0.01 0.13 12.76
C LYS A 47 -0.67 -1.20 13.14
N ILE A 48 -0.64 -1.52 14.44
CA ILE A 48 -1.34 -2.69 14.98
C ILE A 48 -1.35 -2.66 16.51
N GLY A 49 -0.17 -2.65 17.12
CA GLY A 49 -0.07 -2.68 18.58
C GLY A 49 1.28 -2.18 19.08
N ASP A 50 1.26 -1.06 19.81
CA ASP A 50 2.46 -0.45 20.38
C ASP A 50 3.40 0.11 19.29
N THR A 51 4.13 -0.78 18.60
CA THR A 51 5.11 -0.36 17.59
C THR A 51 4.51 -0.35 16.17
N SER A 52 5.03 0.53 15.31
CA SER A 52 4.59 0.61 13.91
C SER A 52 5.76 0.89 12.96
N VAL A 53 5.66 0.41 11.72
CA VAL A 53 6.74 0.53 10.75
C VAL A 53 6.24 1.06 9.39
N SER A 54 7.08 1.85 8.69
CA SER A 54 6.69 2.47 7.42
C SER A 54 7.44 1.89 6.21
N TYR A 55 6.92 2.18 5.01
CA TYR A 55 7.49 1.66 3.75
C TYR A 55 7.02 2.48 2.53
N LYS A 56 7.94 2.81 1.63
CA LYS A 56 7.58 3.49 0.37
C LYS A 56 7.33 2.46 -0.74
N TYR A 57 6.25 2.64 -1.50
CA TYR A 57 5.90 1.72 -2.59
C TYR A 57 6.92 1.78 -3.75
N THR A 58 7.14 0.64 -4.41
CA THR A 58 8.08 0.56 -5.53
C THR A 58 7.46 1.06 -6.85
N SER A 59 8.13 2.00 -7.51
CA SER A 59 7.67 2.54 -8.79
C SER A 59 8.16 1.67 -9.96
N ARG A 60 7.44 0.58 -10.23
CA ARG A 60 7.85 -0.36 -11.30
C ARG A 60 6.67 -0.77 -12.20
N TYR A 61 5.54 -0.06 -12.10
CA TYR A 61 4.34 -0.42 -12.87
C TYR A 61 3.30 0.71 -12.89
N VAL A 62 2.41 0.68 -13.87
CA VAL A 62 1.27 1.61 -13.94
C VAL A 62 -0.03 0.90 -13.54
N LEU A 63 -0.61 1.30 -12.41
CA LEU A 63 -1.79 0.62 -11.85
C LEU A 63 -3.08 1.05 -12.59
N LYS A 64 -3.76 0.08 -13.21
CA LYS A 64 -4.99 0.36 -13.96
C LYS A 64 -6.14 0.85 -13.05
N ALA A 65 -7.05 1.63 -13.63
CA ALA A 65 -8.20 2.17 -12.89
C ALA A 65 -9.13 1.05 -12.41
N GLY A 66 -9.45 1.05 -11.11
CA GLY A 66 -10.35 0.05 -10.54
C GLY A 66 -9.65 -1.26 -10.18
N GLN A 67 -8.35 -1.34 -10.44
CA GLN A 67 -7.56 -2.53 -10.12
C GLN A 67 -6.99 -2.47 -8.69
N THR A 68 -6.83 -3.64 -8.06
CA THR A 68 -6.31 -3.71 -6.69
C THR A 68 -4.80 -3.99 -6.66
N VAL A 69 -4.16 -3.63 -5.56
CA VAL A 69 -2.74 -3.94 -5.34
C VAL A 69 -2.56 -4.67 -3.99
N THR A 70 -1.93 -5.84 -4.04
CA THR A 70 -1.80 -6.69 -2.85
C THR A 70 -0.40 -6.59 -2.22
N ILE A 71 -0.32 -5.94 -1.06
CA ILE A 71 0.94 -5.79 -0.34
C ILE A 71 1.15 -6.92 0.67
N TRP A 72 2.00 -7.88 0.32
CA TRP A 72 2.28 -9.04 1.19
C TRP A 72 3.37 -8.73 2.23
N ALA A 73 3.55 -9.64 3.18
CA ALA A 73 4.63 -9.52 4.17
C ALA A 73 5.89 -10.28 3.71
N ALA A 74 7.02 -10.03 4.39
CA ALA A 74 8.31 -10.64 4.03
C ALA A 74 8.21 -12.17 3.87
N ASN A 75 7.49 -12.81 4.79
CA ASN A 75 7.34 -14.27 4.77
C ASN A 75 6.08 -14.72 4.00
N ALA A 76 5.74 -13.98 2.93
CA ALA A 76 4.58 -14.30 2.09
C ALA A 76 4.74 -15.65 1.36
N GLY A 77 5.91 -15.86 0.77
CA GLY A 77 6.17 -17.09 0.03
C GLY A 77 6.07 -16.91 -1.49
N VAL A 78 5.10 -16.10 -1.93
CA VAL A 78 4.90 -15.82 -3.36
C VAL A 78 6.05 -14.99 -3.96
N THR A 79 6.07 -14.85 -5.28
CA THR A 79 7.11 -14.09 -5.98
C THR A 79 7.14 -12.62 -5.52
N ALA A 80 8.34 -12.15 -5.15
CA ALA A 80 8.50 -10.78 -4.60
C ALA A 80 7.85 -9.70 -5.49
N SER A 81 7.97 -9.85 -6.81
CA SER A 81 7.34 -8.91 -7.75
C SER A 81 6.91 -9.61 -9.04
N PRO A 82 5.65 -10.14 -9.06
CA PRO A 82 5.07 -10.85 -10.22
C PRO A 82 4.97 -10.06 -11.57
N PRO A 83 4.76 -8.71 -11.61
CA PRO A 83 4.66 -7.79 -10.46
C PRO A 83 3.22 -7.40 -10.08
N THR A 84 2.28 -8.34 -10.18
CA THR A 84 0.90 -8.11 -9.73
C THR A 84 0.84 -7.83 -8.22
N ASP A 85 1.51 -8.68 -7.44
CA ASP A 85 1.63 -8.50 -5.99
C ASP A 85 2.90 -7.73 -5.63
N LEU A 86 2.94 -7.16 -4.42
CA LEU A 86 4.13 -6.48 -3.91
C LEU A 86 4.49 -6.98 -2.50
N ILE A 87 5.59 -7.73 -2.39
CA ILE A 87 6.00 -8.31 -1.11
C ILE A 87 6.84 -7.32 -0.28
N TRP A 88 6.25 -6.85 0.81
CA TRP A 88 6.89 -5.91 1.74
C TRP A 88 7.87 -6.64 2.68
N LYS A 89 9.16 -6.63 2.33
CA LYS A 89 10.16 -7.40 3.07
C LYS A 89 10.87 -6.59 4.18
N ASN A 90 10.23 -5.52 4.65
CA ASN A 90 10.75 -4.76 5.81
C ASN A 90 10.19 -5.34 7.13
N GLN A 91 9.23 -6.25 7.00
CA GLN A 91 8.58 -6.86 8.17
C GLN A 91 8.10 -8.28 7.85
N ASN A 92 8.37 -9.22 8.76
CA ASN A 92 8.05 -10.64 8.55
C ASN A 92 6.53 -10.89 8.44
N SER A 93 5.79 -10.48 9.47
CA SER A 93 4.32 -10.65 9.50
C SER A 93 3.72 -10.05 10.79
N TRP A 94 2.40 -10.17 10.96
CA TRP A 94 1.73 -9.71 12.18
C TRP A 94 0.59 -10.66 12.60
N GLY A 95 -0.59 -10.52 12.00
CA GLY A 95 -1.75 -11.37 12.29
C GLY A 95 -1.90 -11.83 13.75
N THR A 96 -1.81 -10.90 14.71
CA THR A 96 -1.91 -11.28 16.14
C THR A 96 -2.36 -10.13 17.05
N GLY A 97 -3.25 -10.46 17.98
CA GLY A 97 -3.60 -9.56 19.07
C GLY A 97 -4.44 -8.34 18.69
N GLU A 98 -3.76 -7.20 18.50
CA GLU A 98 -4.44 -5.91 18.40
C GLU A 98 -4.95 -5.60 16.97
N ASP A 99 -5.63 -4.46 16.84
CA ASP A 99 -6.21 -4.02 15.58
C ASP A 99 -5.16 -3.48 14.60
N VAL A 100 -5.07 -4.09 13.42
CA VAL A 100 -4.17 -3.63 12.37
C VAL A 100 -4.79 -2.44 11.61
N LYS A 101 -4.02 -1.35 11.49
CA LYS A 101 -4.52 -0.12 10.85
C LYS A 101 -3.45 0.54 9.98
N VAL A 102 -3.72 0.68 8.69
CA VAL A 102 -2.75 1.20 7.73
C VAL A 102 -2.88 2.72 7.51
N ILE A 103 -1.74 3.40 7.47
CA ILE A 103 -1.67 4.85 7.23
C ILE A 103 -1.06 5.16 5.85
N LEU A 104 -1.70 6.05 5.08
CA LEU A 104 -1.16 6.45 3.76
C LEU A 104 -0.72 7.92 3.71
N LYS A 105 0.59 8.15 3.62
CA LYS A 105 1.14 9.50 3.39
C LYS A 105 1.70 9.62 1.96
N ASN A 106 1.87 10.86 1.50
CA ASN A 106 2.37 11.11 0.12
C ASN A 106 3.74 11.80 0.12
N SER A 107 4.80 11.01 -0.04
CA SER A 107 6.18 11.52 -0.23
C SER A 107 6.58 12.62 0.79
N GLN A 108 6.09 13.84 0.56
CA GLN A 108 6.49 15.01 1.36
C GLN A 108 6.12 14.88 2.84
N GLY A 109 4.99 14.24 3.13
CA GLY A 109 4.56 14.06 4.52
C GLY A 109 3.06 14.18 4.72
N GLU A 110 2.38 14.87 3.82
CA GLU A 110 0.92 15.00 3.88
C GLU A 110 0.23 13.63 3.83
N GLU A 111 -0.93 13.51 4.46
CA GLU A 111 -1.61 12.22 4.62
C GLU A 111 -3.01 12.22 4.00
N VAL A 112 -3.36 11.14 3.30
CA VAL A 112 -4.67 11.04 2.62
C VAL A 112 -5.69 10.23 3.45
N ALA A 113 -5.45 8.92 3.59
CA ALA A 113 -6.43 8.03 4.21
C ALA A 113 -5.80 7.02 5.17
N GLN A 114 -6.64 6.42 6.02
CA GLN A 114 -6.23 5.38 6.95
C GLN A 114 -7.42 4.46 7.27
N ARG A 115 -7.17 3.16 7.44
CA ARG A 115 -8.26 2.21 7.68
C ARG A 115 -7.79 0.97 8.48
N SER A 116 -8.67 0.49 9.36
CA SER A 116 -8.44 -0.74 10.13
C SER A 116 -9.41 -1.86 9.70
N THR A 117 -9.38 -2.99 10.40
CA THR A 117 -10.27 -4.12 10.08
C THR A 117 -11.14 -4.53 11.30
N VAL A 118 -11.95 -5.58 11.11
CA VAL A 118 -12.82 -6.09 12.17
C VAL A 118 -12.04 -6.95 13.17
N PHE A 119 -12.46 -6.95 14.44
CA PHE A 119 -11.77 -7.73 15.49
C PHE A 119 -12.14 -9.23 15.44
N LYS A 120 -11.12 -10.09 15.39
CA LYS A 120 -11.32 -11.55 15.44
C LYS A 120 -10.85 -12.12 16.79
N THR A 121 -11.67 -12.98 17.40
CA THR A 121 -11.32 -13.58 18.69
C THR A 121 -10.29 -14.71 18.53
N THR A 122 -9.02 -14.33 18.47
CA THR A 122 -7.92 -15.30 18.26
C THR A 122 -6.54 -14.68 18.51
N MET A 1 28.65 3.62 -8.90
CA MET A 1 27.30 3.12 -9.27
C MET A 1 26.58 4.09 -10.23
N GLY A 2 25.28 3.85 -10.45
CA GLY A 2 24.49 4.74 -11.30
C GLY A 2 23.49 3.97 -12.17
N HIS A 3 22.74 3.06 -11.54
CA HIS A 3 21.78 2.21 -12.25
C HIS A 3 20.34 2.73 -12.07
N HIS A 4 19.85 3.50 -13.04
CA HIS A 4 18.49 4.08 -12.97
C HIS A 4 17.81 4.13 -14.36
N HIS A 5 16.54 4.55 -14.36
CA HIS A 5 15.78 4.73 -15.60
C HIS A 5 15.01 6.06 -15.59
N HIS A 6 15.36 6.96 -16.51
CA HIS A 6 14.75 8.29 -16.57
C HIS A 6 13.24 8.25 -16.88
N HIS A 7 12.42 8.55 -15.87
CA HIS A 7 10.97 8.67 -16.04
C HIS A 7 10.42 9.78 -15.10
N HIS A 8 9.51 10.61 -15.61
CA HIS A 8 8.94 11.71 -14.82
C HIS A 8 7.44 11.88 -15.08
N SER A 9 6.69 12.21 -14.04
CA SER A 9 5.24 12.41 -14.15
C SER A 9 4.60 12.82 -12.82
N HIS A 10 4.12 14.06 -12.72
CA HIS A 10 3.41 14.50 -11.52
C HIS A 10 1.98 13.93 -11.48
N MET A 11 1.84 12.76 -10.86
CA MET A 11 0.55 12.07 -10.78
C MET A 11 -0.12 12.29 -9.43
N THR A 12 -1.46 12.34 -9.45
CA THR A 12 -2.25 12.54 -8.22
C THR A 12 -2.22 11.31 -7.31
N GLY A 13 -2.24 10.12 -7.92
CA GLY A 13 -2.25 8.88 -7.14
C GLY A 13 -3.49 8.74 -6.27
N ASN A 14 -4.65 8.54 -6.90
CA ASN A 14 -5.91 8.36 -6.17
C ASN A 14 -6.10 6.89 -5.77
N VAL A 15 -5.59 6.53 -4.59
CA VAL A 15 -5.66 5.15 -4.08
C VAL A 15 -6.28 5.10 -2.66
N CYS A 16 -7.13 4.11 -2.42
CA CYS A 16 -7.78 3.93 -1.12
C CYS A 16 -7.45 2.55 -0.51
N ILE A 17 -7.60 2.43 0.81
CA ILE A 17 -7.32 1.17 1.51
C ILE A 17 -8.59 0.31 1.64
N GLU A 18 -8.52 -0.96 1.23
CA GLU A 18 -9.66 -1.86 1.35
C GLU A 18 -9.76 -2.44 2.77
N GLU A 19 -8.91 -3.42 3.06
CA GLU A 19 -8.92 -4.11 4.36
C GLU A 19 -7.67 -5.01 4.52
N ILE A 20 -7.32 -5.31 5.75
CA ILE A 20 -6.17 -6.18 6.04
C ILE A 20 -6.58 -7.66 6.13
N ASP A 21 -5.70 -8.56 5.68
CA ASP A 21 -5.98 -9.99 5.67
C ASP A 21 -6.15 -10.57 7.09
N VAL A 22 -7.08 -11.53 7.22
CA VAL A 22 -7.39 -12.15 8.51
C VAL A 22 -6.28 -13.11 8.96
N ASP A 23 -5.56 -13.71 8.01
CA ASP A 23 -4.44 -14.60 8.33
C ASP A 23 -3.17 -13.80 8.63
N GLY A 24 -3.04 -12.64 7.98
CA GLY A 24 -1.87 -11.79 8.18
C GLY A 24 -0.83 -11.92 7.07
N LYS A 25 -1.23 -12.50 5.93
CA LYS A 25 -0.32 -12.67 4.79
C LYS A 25 -0.14 -11.36 4.00
N PHE A 26 -1.17 -10.52 3.95
CA PHE A 26 -1.15 -9.34 3.08
C PHE A 26 -2.09 -8.21 3.52
N ILE A 27 -1.89 -7.04 2.92
CA ILE A 27 -2.81 -5.89 3.06
C ILE A 27 -3.21 -5.39 1.65
N ARG A 28 -4.46 -5.58 1.27
CA ARG A 28 -4.89 -5.24 -0.10
C ARG A 28 -5.45 -3.81 -0.20
N LEU A 29 -4.77 -2.98 -0.98
CA LEU A 29 -5.24 -1.62 -1.29
C LEU A 29 -5.91 -1.59 -2.66
N LYS A 30 -6.76 -0.59 -2.90
CA LYS A 30 -7.44 -0.46 -4.19
C LYS A 30 -7.18 0.91 -4.83
N ASN A 31 -6.53 0.90 -5.99
CA ASN A 31 -6.30 2.14 -6.75
C ASN A 31 -7.62 2.68 -7.31
N THR A 32 -8.11 3.78 -6.73
CA THR A 32 -9.42 4.33 -7.08
C THR A 32 -9.33 5.46 -8.12
N SER A 33 -8.20 5.54 -8.83
CA SER A 33 -8.02 6.58 -9.86
C SER A 33 -8.88 6.30 -11.10
N GLU A 34 -9.08 7.34 -11.91
CA GLU A 34 -9.91 7.25 -13.12
C GLU A 34 -9.10 6.73 -14.31
N GLN A 35 -7.77 6.84 -14.20
CA GLN A 35 -6.85 6.39 -15.25
C GLN A 35 -5.60 5.75 -14.63
N ASP A 36 -4.90 4.91 -15.39
CA ASP A 36 -3.69 4.23 -14.94
C ASP A 36 -2.68 5.19 -14.26
N GLN A 37 -2.12 4.76 -13.13
CA GLN A 37 -1.19 5.59 -12.34
C GLN A 37 0.04 4.77 -11.91
N PRO A 38 1.27 5.31 -12.09
CA PRO A 38 2.52 4.64 -11.66
C PRO A 38 2.73 4.65 -10.13
N MET A 39 1.64 4.84 -9.37
CA MET A 39 1.65 4.85 -7.90
C MET A 39 2.51 6.01 -7.33
N GLY A 40 3.83 5.85 -7.34
CA GLY A 40 4.72 6.87 -6.80
C GLY A 40 5.30 6.53 -5.42
N GLY A 41 5.96 7.50 -4.80
CA GLY A 41 6.58 7.28 -3.50
C GLY A 41 5.61 7.49 -2.33
N TRP A 42 4.91 6.43 -1.93
CA TRP A 42 3.99 6.47 -0.78
C TRP A 42 4.66 5.90 0.48
N GLU A 43 4.24 6.38 1.64
CA GLU A 43 4.65 5.76 2.92
C GLU A 43 3.41 5.21 3.64
N MET A 44 3.35 3.88 3.79
CA MET A 44 2.22 3.23 4.47
C MET A 44 2.57 2.90 5.92
N ILE A 45 1.96 3.63 6.86
CA ILE A 45 2.24 3.46 8.29
C ILE A 45 1.20 2.55 8.96
N ARG A 46 1.60 1.33 9.33
CA ARG A 46 0.70 0.40 10.00
C ARG A 46 0.94 0.39 11.52
N LYS A 47 0.08 1.09 12.27
CA LYS A 47 0.20 1.13 13.74
C LYS A 47 -0.42 -0.11 14.38
N ILE A 48 0.37 -1.19 14.46
CA ILE A 48 -0.10 -2.47 15.00
C ILE A 48 0.43 -2.70 16.42
N GLY A 49 -0.48 -2.82 17.38
CA GLY A 49 -0.08 -2.96 18.78
C GLY A 49 0.53 -1.68 19.32
N ASP A 50 -0.13 -0.55 19.05
CA ASP A 50 0.33 0.79 19.45
C ASP A 50 1.53 1.27 18.60
N THR A 51 2.60 0.47 18.57
CA THR A 51 3.80 0.81 17.78
C THR A 51 3.49 0.89 16.27
N SER A 52 4.37 1.54 15.51
CA SER A 52 4.13 1.76 14.07
C SER A 52 5.28 1.21 13.21
N VAL A 53 4.92 0.45 12.18
CA VAL A 53 5.89 -0.02 11.19
C VAL A 53 5.44 0.41 9.77
N SER A 54 6.36 0.94 8.98
CA SER A 54 6.00 1.59 7.70
C SER A 54 6.65 0.92 6.48
N TYR A 55 5.90 0.88 5.37
CA TYR A 55 6.41 0.37 4.09
C TYR A 55 6.49 1.51 3.04
N LYS A 56 7.67 1.69 2.45
CA LYS A 56 7.86 2.71 1.42
C LYS A 56 7.64 2.13 0.02
N TYR A 57 6.81 2.79 -0.78
CA TYR A 57 6.51 2.34 -2.14
C TYR A 57 7.55 2.84 -3.14
N THR A 58 7.54 2.25 -4.34
CA THR A 58 8.48 2.61 -5.41
C THR A 58 7.79 2.55 -6.77
N SER A 59 8.50 2.95 -7.83
CA SER A 59 7.92 2.99 -9.18
C SER A 59 8.72 2.15 -10.18
N ARG A 60 8.15 0.99 -10.54
CA ARG A 60 8.71 0.13 -11.60
C ARG A 60 7.59 -0.45 -12.46
N TYR A 61 6.40 0.16 -12.39
CA TYR A 61 5.19 -0.34 -13.05
C TYR A 61 4.11 0.74 -13.15
N VAL A 62 3.04 0.44 -13.88
CA VAL A 62 1.88 1.34 -13.96
C VAL A 62 0.61 0.63 -13.46
N LEU A 63 0.05 1.12 -12.34
CA LEU A 63 -1.13 0.50 -11.73
C LEU A 63 -2.39 0.79 -12.57
N LYS A 64 -3.15 -0.27 -12.87
CA LYS A 64 -4.33 -0.18 -13.73
C LYS A 64 -5.51 0.55 -13.05
N ALA A 65 -6.32 1.23 -13.85
CA ALA A 65 -7.48 1.97 -13.33
C ALA A 65 -8.47 1.07 -12.58
N GLY A 66 -8.73 1.40 -11.31
CA GLY A 66 -9.66 0.62 -10.50
C GLY A 66 -9.10 -0.70 -9.98
N GLN A 67 -7.84 -0.99 -10.32
CA GLN A 67 -7.21 -2.26 -9.94
C GLN A 67 -6.73 -2.26 -8.47
N THR A 68 -6.75 -3.43 -7.84
CA THR A 68 -6.30 -3.58 -6.45
C THR A 68 -4.81 -3.98 -6.39
N VAL A 69 -4.06 -3.33 -5.51
CA VAL A 69 -2.66 -3.66 -5.28
C VAL A 69 -2.47 -4.32 -3.89
N THR A 70 -2.11 -5.60 -3.89
CA THR A 70 -1.98 -6.36 -2.64
C THR A 70 -0.54 -6.30 -2.09
N ILE A 71 -0.41 -5.85 -0.84
CA ILE A 71 0.89 -5.81 -0.15
C ILE A 71 1.16 -7.12 0.60
N TRP A 72 1.94 -8.00 0.01
CA TRP A 72 2.24 -9.31 0.61
C TRP A 72 3.40 -9.25 1.62
N ALA A 73 3.49 -10.25 2.48
CA ALA A 73 4.60 -10.34 3.45
C ALA A 73 5.83 -11.06 2.86
N ALA A 74 6.97 -10.97 3.56
CA ALA A 74 8.22 -11.59 3.11
C ALA A 74 8.05 -13.09 2.75
N ASN A 75 7.63 -13.90 3.71
CA ASN A 75 7.40 -15.32 3.46
C ASN A 75 5.93 -15.60 3.05
N ALA A 76 5.38 -14.73 2.20
CA ALA A 76 4.02 -14.93 1.67
C ALA A 76 3.98 -16.03 0.60
N GLY A 77 5.15 -16.46 0.14
CA GLY A 77 5.23 -17.55 -0.84
C GLY A 77 5.28 -17.08 -2.28
N VAL A 78 4.43 -16.11 -2.62
CA VAL A 78 4.37 -15.57 -3.99
C VAL A 78 5.71 -14.95 -4.44
N THR A 79 5.80 -14.60 -5.72
CA THR A 79 7.01 -13.97 -6.28
C THR A 79 7.42 -12.73 -5.47
N ALA A 80 8.69 -12.66 -5.09
CA ALA A 80 9.18 -11.61 -4.19
C ALA A 80 9.41 -10.26 -4.90
N SER A 81 8.96 -10.13 -6.15
CA SER A 81 9.19 -8.89 -6.90
C SER A 81 8.10 -8.65 -7.97
N PRO A 82 7.56 -7.41 -8.04
CA PRO A 82 6.63 -6.96 -9.10
C PRO A 82 7.19 -7.18 -10.53
N PRO A 83 6.47 -6.78 -11.62
CA PRO A 83 5.19 -6.04 -11.58
C PRO A 83 3.92 -6.91 -11.63
N THR A 84 3.30 -7.10 -10.46
CA THR A 84 1.98 -7.75 -10.33
C THR A 84 1.34 -7.33 -9.01
N ASP A 85 2.01 -7.66 -7.92
CA ASP A 85 1.64 -7.21 -6.57
C ASP A 85 2.81 -6.44 -5.95
N LEU A 86 2.73 -6.16 -4.65
CA LEU A 86 3.83 -5.52 -3.91
C LEU A 86 4.19 -6.33 -2.67
N ILE A 87 5.35 -7.00 -2.70
CA ILE A 87 5.77 -7.87 -1.60
C ILE A 87 6.69 -7.15 -0.61
N TRP A 88 6.17 -6.86 0.57
CA TRP A 88 6.94 -6.21 1.63
C TRP A 88 7.93 -7.20 2.27
N LYS A 89 9.09 -7.35 1.64
CA LYS A 89 10.11 -8.34 2.06
C LYS A 89 10.82 -7.93 3.36
N ASN A 90 10.41 -6.83 3.97
CA ASN A 90 11.05 -6.32 5.19
C ASN A 90 10.39 -6.85 6.47
N GLN A 91 9.20 -7.44 6.35
CA GLN A 91 8.49 -8.00 7.51
C GLN A 91 7.59 -9.18 7.11
N ASN A 92 7.24 -10.02 8.07
CA ASN A 92 6.39 -11.18 7.82
C ASN A 92 4.99 -11.04 8.45
N SER A 93 4.23 -12.14 8.44
CA SER A 93 2.85 -12.15 8.91
C SER A 93 2.70 -11.73 10.38
N TRP A 94 1.49 -11.26 10.72
CA TRP A 94 1.18 -10.78 12.07
C TRP A 94 -0.08 -11.46 12.62
N GLY A 95 -0.25 -11.43 13.94
CA GLY A 95 -1.42 -12.04 14.56
C GLY A 95 -1.68 -11.54 15.98
N THR A 96 -1.66 -10.22 16.15
CA THR A 96 -1.83 -9.58 17.47
C THR A 96 -3.24 -9.81 18.05
N GLY A 97 -4.21 -10.10 17.19
CA GLY A 97 -5.59 -10.31 17.65
C GLY A 97 -6.39 -9.03 17.79
N GLU A 98 -5.73 -7.95 18.18
CA GLU A 98 -6.37 -6.63 18.29
C GLU A 98 -6.44 -5.91 16.93
N ASP A 99 -7.17 -4.80 16.89
CA ASP A 99 -7.34 -4.01 15.68
C ASP A 99 -6.07 -3.20 15.34
N VAL A 100 -5.99 -2.71 14.11
CA VAL A 100 -4.83 -1.91 13.67
C VAL A 100 -5.26 -0.79 12.69
N LYS A 101 -4.64 0.38 12.84
CA LYS A 101 -4.91 1.53 11.94
C LYS A 101 -3.74 1.78 10.99
N VAL A 102 -4.03 1.87 9.70
CA VAL A 102 -3.00 2.08 8.66
C VAL A 102 -3.16 3.45 7.97
N ILE A 103 -2.02 4.13 7.76
CA ILE A 103 -2.00 5.50 7.23
C ILE A 103 -1.34 5.56 5.84
N LEU A 104 -1.86 6.41 4.94
CA LEU A 104 -1.27 6.61 3.62
C LEU A 104 -0.91 8.09 3.37
N LYS A 105 0.39 8.41 3.38
CA LYS A 105 0.86 9.76 3.03
C LYS A 105 1.68 9.76 1.74
N ASN A 106 1.42 10.73 0.88
CA ASN A 106 2.00 10.79 -0.46
C ASN A 106 3.29 11.62 -0.52
N SER A 107 4.43 10.94 -0.68
CA SER A 107 5.73 11.59 -0.92
C SER A 107 6.15 12.55 0.22
N GLN A 108 5.56 13.74 0.26
CA GLN A 108 5.94 14.78 1.22
C GLN A 108 5.30 14.53 2.60
N GLY A 109 4.00 14.77 2.67
CA GLY A 109 3.25 14.64 3.91
C GLY A 109 1.75 14.70 3.68
N GLU A 110 1.37 15.31 2.55
CA GLU A 110 -0.02 15.31 2.07
C GLU A 110 -0.65 13.92 2.17
N GLU A 111 -1.87 13.85 2.69
CA GLU A 111 -2.50 12.57 2.99
C GLU A 111 -3.83 12.39 2.22
N VAL A 112 -3.97 11.26 1.54
CA VAL A 112 -5.22 10.94 0.80
C VAL A 112 -6.27 10.28 1.71
N ALA A 113 -5.82 9.45 2.65
CA ALA A 113 -6.72 8.73 3.55
C ALA A 113 -5.99 7.93 4.63
N GLN A 114 -6.67 7.71 5.75
CA GLN A 114 -6.19 6.82 6.81
C GLN A 114 -7.35 5.99 7.37
N ARG A 115 -7.16 4.68 7.47
CA ARG A 115 -8.25 3.76 7.81
C ARG A 115 -7.80 2.63 8.73
N SER A 116 -8.71 2.16 9.59
CA SER A 116 -8.43 1.05 10.51
C SER A 116 -9.15 -0.24 10.07
N THR A 117 -8.80 -1.36 10.70
CA THR A 117 -9.43 -2.65 10.40
C THR A 117 -10.82 -2.78 11.05
N VAL A 118 -11.79 -3.25 10.28
CA VAL A 118 -13.17 -3.43 10.79
C VAL A 118 -13.26 -4.62 11.76
N PHE A 119 -13.96 -4.43 12.88
CA PHE A 119 -14.14 -5.50 13.87
C PHE A 119 -15.06 -6.61 13.34
N LYS A 120 -14.48 -7.58 12.63
CA LYS A 120 -15.24 -8.73 12.13
C LYS A 120 -15.10 -9.92 13.09
N THR A 121 -16.17 -10.23 13.81
CA THR A 121 -16.16 -11.31 14.81
C THR A 121 -16.48 -12.67 14.19
N THR A 122 -17.03 -12.67 12.98
CA THR A 122 -17.33 -13.91 12.25
C THR A 122 -17.17 -13.70 10.74
N MET A 1 13.67 6.17 -6.23
CA MET A 1 14.35 5.62 -7.44
C MET A 1 14.15 6.54 -8.65
N GLY A 2 15.09 6.49 -9.59
CA GLY A 2 15.02 7.32 -10.79
C GLY A 2 13.83 6.97 -11.70
N HIS A 3 12.91 7.92 -11.87
CA HIS A 3 11.72 7.70 -12.69
C HIS A 3 11.41 8.92 -13.57
N HIS A 4 10.56 8.74 -14.57
CA HIS A 4 10.17 9.81 -15.48
C HIS A 4 9.35 10.89 -14.75
N HIS A 5 10.05 11.91 -14.24
CA HIS A 5 9.40 13.00 -13.50
C HIS A 5 8.83 14.05 -14.47
N HIS A 6 7.55 14.39 -14.29
CA HIS A 6 6.87 15.36 -15.15
C HIS A 6 6.66 16.69 -14.42
N HIS A 7 6.14 17.69 -15.12
CA HIS A 7 5.85 19.01 -14.52
C HIS A 7 4.34 19.22 -14.36
N HIS A 8 3.94 19.84 -13.24
CA HIS A 8 2.53 19.99 -12.86
C HIS A 8 1.90 18.64 -12.48
N SER A 9 2.74 17.62 -12.30
CA SER A 9 2.27 16.27 -11.94
C SER A 9 1.97 16.15 -10.43
N HIS A 10 0.72 16.40 -10.06
CA HIS A 10 0.31 16.35 -8.65
C HIS A 10 -1.10 15.77 -8.48
N MET A 11 -1.22 14.71 -7.68
CA MET A 11 -2.52 14.10 -7.35
C MET A 11 -2.67 13.92 -5.84
N THR A 12 -3.90 14.09 -5.35
CA THR A 12 -4.17 14.02 -3.90
C THR A 12 -4.12 12.57 -3.36
N GLY A 13 -5.15 11.79 -3.67
CA GLY A 13 -5.21 10.41 -3.21
C GLY A 13 -6.16 9.54 -4.02
N ASN A 14 -5.60 8.73 -4.93
CA ASN A 14 -6.40 7.83 -5.77
C ASN A 14 -6.34 6.38 -5.28
N VAL A 15 -5.14 5.91 -4.92
CA VAL A 15 -4.96 4.52 -4.47
C VAL A 15 -5.27 4.37 -2.97
N CYS A 16 -6.45 3.83 -2.65
CA CYS A 16 -6.86 3.63 -1.26
C CYS A 16 -7.16 2.17 -0.96
N ILE A 17 -6.93 1.75 0.29
CA ILE A 17 -7.11 0.35 0.70
C ILE A 17 -8.57 -0.12 0.53
N GLU A 18 -8.75 -1.30 -0.08
CA GLU A 18 -10.08 -1.91 -0.17
C GLU A 18 -10.38 -2.71 1.11
N GLU A 19 -9.56 -3.74 1.35
CA GLU A 19 -9.72 -4.59 2.54
C GLU A 19 -8.36 -5.13 2.99
N ILE A 20 -8.11 -5.12 4.29
CA ILE A 20 -6.90 -5.71 4.87
C ILE A 20 -7.19 -7.15 5.32
N ASP A 21 -6.21 -8.03 5.21
CA ASP A 21 -6.38 -9.44 5.57
C ASP A 21 -6.63 -9.62 7.09
N VAL A 22 -7.69 -10.37 7.42
CA VAL A 22 -8.05 -10.64 8.81
C VAL A 22 -7.11 -11.67 9.45
N ASP A 23 -6.48 -12.50 8.62
CA ASP A 23 -5.49 -13.48 9.11
C ASP A 23 -4.14 -12.80 9.41
N GLY A 24 -3.83 -11.75 8.65
CA GLY A 24 -2.66 -10.92 8.92
C GLY A 24 -1.47 -11.20 8.02
N LYS A 25 -1.72 -11.39 6.71
CA LYS A 25 -0.63 -11.71 5.77
C LYS A 25 -0.63 -10.81 4.51
N PHE A 26 -1.64 -9.94 4.32
CA PHE A 26 -1.66 -9.05 3.16
C PHE A 26 -2.65 -7.88 3.29
N ILE A 27 -2.45 -6.86 2.44
CA ILE A 27 -3.33 -5.67 2.39
C ILE A 27 -3.68 -5.33 0.92
N ARG A 28 -4.95 -5.42 0.53
CA ARG A 28 -5.32 -5.15 -0.87
C ARG A 28 -5.78 -3.70 -1.07
N LEU A 29 -4.96 -2.92 -1.78
CA LEU A 29 -5.31 -1.53 -2.14
C LEU A 29 -5.95 -1.47 -3.54
N LYS A 30 -6.90 -0.55 -3.72
CA LYS A 30 -7.59 -0.41 -5.00
C LYS A 30 -7.50 1.03 -5.52
N ASN A 31 -7.02 1.20 -6.74
CA ASN A 31 -6.93 2.52 -7.36
C ASN A 31 -8.33 3.02 -7.76
N THR A 32 -8.67 4.24 -7.33
CA THR A 32 -10.00 4.81 -7.60
C THR A 32 -10.00 5.67 -8.87
N SER A 33 -8.81 6.06 -9.35
CA SER A 33 -8.72 6.92 -10.54
C SER A 33 -9.15 6.18 -11.81
N GLU A 34 -9.96 6.81 -12.64
CA GLU A 34 -10.43 6.22 -13.90
C GLU A 34 -9.37 6.34 -15.01
N GLN A 35 -8.11 6.45 -14.61
CA GLN A 35 -6.99 6.61 -15.54
C GLN A 35 -5.71 5.94 -14.99
N ASP A 36 -4.92 5.35 -15.88
CA ASP A 36 -3.66 4.69 -15.50
C ASP A 36 -2.64 5.68 -14.89
N GLN A 37 -2.47 5.62 -13.57
CA GLN A 37 -1.55 6.53 -12.87
C GLN A 37 -0.22 5.82 -12.53
N PRO A 38 0.93 6.48 -12.76
CA PRO A 38 2.26 5.91 -12.44
C PRO A 38 2.59 6.01 -10.93
N MET A 39 1.65 5.60 -10.09
CA MET A 39 1.80 5.62 -8.61
C MET A 39 1.88 7.06 -8.06
N GLY A 40 2.99 7.76 -8.34
CA GLY A 40 3.15 9.13 -7.86
C GLY A 40 3.95 9.22 -6.56
N GLY A 41 4.45 8.08 -6.08
CA GLY A 41 5.24 8.06 -4.85
C GLY A 41 4.39 8.15 -3.58
N TRP A 42 4.16 7.02 -2.93
CA TRP A 42 3.37 6.96 -1.68
C TRP A 42 4.20 6.39 -0.53
N GLU A 43 3.60 6.38 0.67
CA GLU A 43 4.25 5.78 1.85
C GLU A 43 3.22 5.12 2.78
N MET A 44 3.41 3.82 3.04
CA MET A 44 2.52 3.05 3.92
C MET A 44 3.13 2.90 5.33
N ILE A 45 2.44 3.45 6.34
CA ILE A 45 2.90 3.35 7.73
C ILE A 45 2.06 2.32 8.51
N ARG A 46 2.64 1.14 8.77
CA ARG A 46 1.97 0.09 9.52
C ARG A 46 2.07 0.31 11.03
N LYS A 47 0.95 0.66 11.67
CA LYS A 47 0.89 0.80 13.13
C LYS A 47 -0.09 -0.20 13.74
N ILE A 48 0.27 -0.74 14.91
CA ILE A 48 -0.55 -1.76 15.57
C ILE A 48 -0.12 -1.98 17.04
N GLY A 49 1.19 -2.11 17.26
CA GLY A 49 1.71 -2.30 18.62
C GLY A 49 2.30 -1.02 19.21
N ASP A 50 3.32 -1.17 20.06
CA ASP A 50 3.96 -0.02 20.73
C ASP A 50 4.96 0.70 19.80
N THR A 51 4.95 0.33 18.52
CA THR A 51 5.90 0.88 17.54
C THR A 51 5.28 0.91 16.14
N SER A 52 5.91 1.64 15.23
CA SER A 52 5.41 1.78 13.85
C SER A 52 6.52 1.46 12.83
N VAL A 53 6.12 1.23 11.58
CA VAL A 53 7.08 0.96 10.50
C VAL A 53 6.52 1.42 9.14
N SER A 54 7.34 2.13 8.37
CA SER A 54 6.89 2.72 7.09
C SER A 54 7.41 1.94 5.88
N TYR A 55 6.77 2.16 4.73
CA TYR A 55 7.26 1.63 3.45
C TYR A 55 7.01 2.64 2.31
N LYS A 56 8.08 3.09 1.67
CA LYS A 56 7.97 4.05 0.59
C LYS A 56 7.84 3.33 -0.77
N TYR A 57 6.78 3.62 -1.51
CA TYR A 57 6.45 2.89 -2.75
C TYR A 57 7.36 3.28 -3.94
N THR A 58 7.13 2.60 -5.08
CA THR A 58 7.95 2.82 -6.29
C THR A 58 7.07 3.14 -7.51
N SER A 59 7.71 3.64 -8.58
CA SER A 59 7.00 4.04 -9.81
C SER A 59 7.20 3.05 -10.96
N ARG A 60 7.78 1.88 -10.65
CA ARG A 60 8.05 0.85 -11.66
C ARG A 60 6.75 0.28 -12.26
N TYR A 61 5.71 0.15 -11.44
CA TYR A 61 4.42 -0.39 -11.89
C TYR A 61 3.39 0.73 -12.12
N VAL A 62 2.49 0.51 -13.06
CA VAL A 62 1.44 1.49 -13.38
C VAL A 62 0.09 1.08 -12.77
N LEU A 63 -0.52 1.98 -12.01
CA LEU A 63 -1.83 1.73 -11.40
C LEU A 63 -2.95 1.97 -12.41
N LYS A 64 -3.41 0.90 -13.04
CA LYS A 64 -4.48 0.99 -14.04
C LYS A 64 -5.84 1.39 -13.41
N ALA A 65 -6.80 1.71 -14.27
CA ALA A 65 -8.14 2.09 -13.81
C ALA A 65 -8.80 0.97 -13.00
N GLY A 66 -8.90 1.16 -11.68
CA GLY A 66 -9.50 0.16 -10.80
C GLY A 66 -8.51 -0.90 -10.32
N GLN A 67 -7.23 -0.75 -10.69
CA GLN A 67 -6.19 -1.74 -10.37
C GLN A 67 -6.09 -2.02 -8.86
N THR A 68 -6.29 -3.29 -8.49
CA THR A 68 -6.09 -3.74 -7.11
C THR A 68 -4.68 -4.30 -6.91
N VAL A 69 -3.88 -3.61 -6.10
CA VAL A 69 -2.53 -4.07 -5.77
C VAL A 69 -2.46 -4.52 -4.30
N THR A 70 -1.94 -5.73 -4.07
CA THR A 70 -1.93 -6.31 -2.73
C THR A 70 -0.53 -6.32 -2.11
N ILE A 71 -0.40 -5.63 -0.98
CA ILE A 71 0.86 -5.61 -0.21
C ILE A 71 0.90 -6.80 0.76
N TRP A 72 1.69 -7.81 0.43
CA TRP A 72 1.83 -9.01 1.27
C TRP A 72 2.93 -8.81 2.32
N ALA A 73 2.88 -9.60 3.39
CA ALA A 73 3.92 -9.57 4.42
C ALA A 73 5.10 -10.48 4.05
N ALA A 74 6.16 -10.46 4.88
CA ALA A 74 7.34 -11.30 4.66
C ALA A 74 6.98 -12.80 4.53
N ASN A 75 5.82 -13.18 5.08
CA ASN A 75 5.34 -14.57 5.02
C ASN A 75 4.30 -14.75 3.90
N ALA A 76 4.41 -13.94 2.85
CA ALA A 76 3.47 -13.97 1.72
C ALA A 76 3.23 -15.37 1.16
N GLY A 77 4.29 -16.00 0.66
CA GLY A 77 4.18 -17.31 0.02
C GLY A 77 4.49 -17.25 -1.48
N VAL A 78 4.07 -16.17 -2.13
CA VAL A 78 4.32 -15.97 -3.56
C VAL A 78 5.77 -15.52 -3.82
N THR A 79 6.20 -15.57 -5.08
CA THR A 79 7.58 -15.21 -5.45
C THR A 79 7.87 -13.71 -5.25
N ALA A 80 9.15 -13.34 -5.36
CA ALA A 80 9.59 -11.97 -5.08
C ALA A 80 9.20 -10.97 -6.18
N SER A 81 8.05 -10.34 -6.02
CA SER A 81 7.59 -9.23 -6.88
C SER A 81 7.45 -9.64 -8.36
N PRO A 82 6.23 -10.03 -8.79
CA PRO A 82 5.92 -10.38 -10.20
C PRO A 82 6.31 -9.33 -11.28
N PRO A 83 6.12 -7.99 -11.07
CA PRO A 83 5.51 -7.38 -9.88
C PRO A 83 4.01 -7.03 -10.03
N THR A 84 3.24 -7.35 -9.00
CA THR A 84 1.83 -6.92 -8.87
C THR A 84 1.38 -7.11 -7.42
N ASP A 85 1.67 -8.29 -6.87
CA ASP A 85 1.62 -8.52 -5.43
C ASP A 85 2.97 -8.12 -4.82
N LEU A 86 2.99 -7.10 -3.98
CA LEU A 86 4.24 -6.60 -3.40
C LEU A 86 4.56 -7.27 -2.05
N ILE A 87 5.60 -8.08 -2.02
CA ILE A 87 6.01 -8.78 -0.80
C ILE A 87 6.84 -7.85 0.10
N TRP A 88 6.18 -7.24 1.07
CA TRP A 88 6.82 -6.32 2.01
C TRP A 88 7.72 -7.09 2.99
N LYS A 89 8.97 -7.33 2.59
CA LYS A 89 9.91 -8.13 3.38
C LYS A 89 10.57 -7.33 4.53
N ASN A 90 10.11 -6.11 4.76
CA ASN A 90 10.68 -5.26 5.82
C ASN A 90 10.33 -5.78 7.22
N GLN A 91 9.20 -6.49 7.34
CA GLN A 91 8.77 -7.05 8.64
C GLN A 91 7.76 -8.21 8.44
N ASN A 92 7.67 -9.09 9.43
CA ASN A 92 6.81 -10.28 9.35
C ASN A 92 5.30 -9.96 9.49
N SER A 93 4.50 -11.01 9.62
CA SER A 93 3.03 -10.89 9.63
C SER A 93 2.50 -10.16 10.88
N TRP A 94 1.18 -10.13 11.05
CA TRP A 94 0.56 -9.49 12.22
C TRP A 94 -0.65 -10.30 12.72
N GLY A 95 -0.88 -10.29 14.03
CA GLY A 95 -2.02 -10.98 14.62
C GLY A 95 -2.03 -10.91 16.15
N THR A 96 -1.75 -9.72 16.69
CA THR A 96 -1.66 -9.52 18.14
C THR A 96 -3.03 -9.30 18.80
N GLY A 97 -4.11 -9.68 18.11
CA GLY A 97 -5.46 -9.48 18.65
C GLY A 97 -6.05 -8.12 18.31
N GLU A 98 -5.21 -7.09 18.32
CA GLU A 98 -5.64 -5.74 17.95
C GLU A 98 -5.55 -5.50 16.43
N ASP A 99 -6.40 -4.63 15.93
CA ASP A 99 -6.46 -4.30 14.51
C ASP A 99 -5.25 -3.46 14.04
N VAL A 100 -4.63 -3.90 12.95
CA VAL A 100 -3.50 -3.14 12.37
C VAL A 100 -4.01 -1.91 11.62
N LYS A 101 -3.77 -0.73 12.17
CA LYS A 101 -4.23 0.52 11.57
C LYS A 101 -3.18 1.08 10.61
N VAL A 102 -3.42 0.91 9.32
CA VAL A 102 -2.47 1.30 8.28
C VAL A 102 -2.67 2.75 7.83
N ILE A 103 -1.58 3.52 7.87
CA ILE A 103 -1.60 4.93 7.48
C ILE A 103 -1.10 5.12 6.03
N LEU A 104 -1.83 5.89 5.23
CA LEU A 104 -1.44 6.19 3.85
C LEU A 104 -1.04 7.66 3.67
N LYS A 105 0.26 7.90 3.50
CA LYS A 105 0.79 9.26 3.26
C LYS A 105 1.33 9.40 1.83
N ASN A 106 1.47 10.65 1.38
CA ASN A 106 2.05 10.95 0.05
C ASN A 106 3.58 11.05 0.12
N SER A 107 4.22 11.25 -1.04
CA SER A 107 5.69 11.45 -1.10
C SER A 107 6.10 12.85 -0.61
N GLN A 108 5.31 13.41 0.31
CA GLN A 108 5.53 14.77 0.83
C GLN A 108 5.60 14.79 2.36
N GLY A 109 4.74 13.99 2.99
CA GLY A 109 4.62 14.00 4.44
C GLY A 109 3.17 14.05 4.90
N GLU A 110 2.34 14.73 4.11
CA GLU A 110 0.91 14.84 4.38
C GLU A 110 0.18 13.48 4.18
N GLU A 111 -1.02 13.36 4.75
CA GLU A 111 -1.72 12.07 4.81
C GLU A 111 -3.12 12.15 4.15
N VAL A 112 -3.48 11.10 3.41
CA VAL A 112 -4.75 11.09 2.65
C VAL A 112 -5.76 10.03 3.15
N ALA A 113 -5.27 8.89 3.66
CA ALA A 113 -6.17 7.80 4.06
C ALA A 113 -5.63 6.97 5.22
N GLN A 114 -6.52 6.24 5.88
CA GLN A 114 -6.15 5.35 7.00
C GLN A 114 -7.30 4.37 7.33
N ARG A 115 -6.97 3.10 7.55
CA ARG A 115 -7.98 2.09 7.93
C ARG A 115 -7.32 0.82 8.51
N SER A 116 -8.11 -0.04 9.17
CA SER A 116 -7.57 -1.22 9.86
C SER A 116 -8.31 -2.51 9.49
N THR A 117 -7.97 -3.61 10.19
CA THR A 117 -8.59 -4.92 9.96
C THR A 117 -9.95 -5.06 10.65
N VAL A 118 -10.96 -5.46 9.89
CA VAL A 118 -12.27 -5.77 10.45
C VAL A 118 -12.39 -7.26 10.80
N PHE A 119 -12.28 -7.59 12.08
CA PHE A 119 -12.36 -8.99 12.53
C PHE A 119 -13.77 -9.56 12.33
N LYS A 120 -13.90 -10.42 11.31
CA LYS A 120 -15.19 -11.01 10.94
C LYS A 120 -15.58 -12.17 11.86
N THR A 121 -16.53 -11.93 12.75
CA THR A 121 -17.00 -12.94 13.71
C THR A 121 -17.85 -14.02 13.04
N THR A 122 -17.30 -15.23 12.91
CA THR A 122 -18.02 -16.35 12.28
C THR A 122 -17.52 -17.70 12.81
N MET A 1 19.75 7.29 -34.51
CA MET A 1 20.09 8.03 -33.26
C MET A 1 19.06 9.14 -32.97
N GLY A 2 19.03 9.63 -31.73
CA GLY A 2 18.18 10.76 -31.38
C GLY A 2 16.75 10.40 -30.98
N HIS A 3 16.37 9.14 -31.17
CA HIS A 3 15.00 8.70 -30.89
C HIS A 3 14.80 8.35 -29.41
N HIS A 4 14.45 9.36 -28.60
CA HIS A 4 14.15 9.16 -27.17
C HIS A 4 13.61 10.44 -26.51
N HIS A 5 12.31 10.45 -26.21
CA HIS A 5 11.68 11.57 -25.49
C HIS A 5 10.71 11.05 -24.41
N HIS A 6 10.56 11.81 -23.32
CA HIS A 6 9.71 11.39 -22.20
C HIS A 6 8.85 12.55 -21.65
N HIS A 7 7.78 12.21 -20.95
CA HIS A 7 6.82 13.21 -20.44
C HIS A 7 6.64 13.12 -18.91
N HIS A 8 7.18 14.11 -18.19
CA HIS A 8 6.92 14.24 -16.75
C HIS A 8 5.46 14.66 -16.50
N SER A 9 4.67 13.76 -15.94
CA SER A 9 3.22 13.99 -15.77
C SER A 9 2.87 14.46 -14.35
N HIS A 10 1.65 15.01 -14.19
CA HIS A 10 1.16 15.42 -12.86
C HIS A 10 -0.29 14.94 -12.64
N MET A 11 -0.43 13.70 -12.16
CA MET A 11 -1.74 13.13 -11.81
C MET A 11 -1.64 12.34 -10.50
N THR A 12 -2.25 12.86 -9.43
CA THR A 12 -2.16 12.22 -8.10
C THR A 12 -2.83 10.83 -8.07
N GLY A 13 -3.98 10.72 -8.72
CA GLY A 13 -4.75 9.48 -8.66
C GLY A 13 -5.38 9.24 -7.28
N ASN A 14 -6.04 8.09 -7.10
CA ASN A 14 -6.67 7.77 -5.82
C ASN A 14 -6.49 6.28 -5.47
N VAL A 15 -5.44 5.98 -4.68
CA VAL A 15 -5.17 4.60 -4.24
C VAL A 15 -5.51 4.44 -2.74
N CYS A 16 -6.63 3.78 -2.46
CA CYS A 16 -7.09 3.60 -1.07
C CYS A 16 -7.18 2.12 -0.69
N ILE A 17 -7.11 1.84 0.61
CA ILE A 17 -7.25 0.46 1.11
C ILE A 17 -8.72 0.01 1.08
N GLU A 18 -9.00 -1.08 0.38
CA GLU A 18 -10.36 -1.65 0.35
C GLU A 18 -10.61 -2.55 1.56
N GLU A 19 -9.57 -3.27 2.00
CA GLU A 19 -9.68 -4.16 3.16
C GLU A 19 -8.30 -4.63 3.64
N ILE A 20 -8.16 -4.82 4.95
CA ILE A 20 -6.94 -5.37 5.54
C ILE A 20 -7.23 -6.75 6.16
N ASP A 21 -6.39 -7.73 5.85
CA ASP A 21 -6.60 -9.11 6.33
C ASP A 21 -6.49 -9.19 7.87
N VAL A 22 -7.52 -9.76 8.50
CA VAL A 22 -7.60 -9.85 9.97
C VAL A 22 -6.81 -11.05 10.52
N ASP A 23 -5.83 -11.53 9.75
CA ASP A 23 -4.91 -12.58 10.20
C ASP A 23 -3.46 -12.08 10.13
N GLY A 24 -3.07 -11.58 8.96
CA GLY A 24 -1.75 -11.00 8.77
C GLY A 24 -1.10 -11.33 7.43
N LYS A 25 -1.90 -11.86 6.49
CA LYS A 25 -1.37 -12.29 5.19
C LYS A 25 -1.08 -11.10 4.26
N PHE A 26 -2.07 -10.21 4.05
CA PHE A 26 -1.93 -9.14 3.05
C PHE A 26 -2.82 -7.92 3.35
N ILE A 27 -2.44 -6.78 2.77
CA ILE A 27 -3.24 -5.54 2.84
C ILE A 27 -3.74 -5.16 1.43
N ARG A 28 -5.06 -5.05 1.27
CA ARG A 28 -5.66 -4.84 -0.06
C ARG A 28 -5.90 -3.35 -0.37
N LEU A 29 -5.09 -2.79 -1.27
CA LEU A 29 -5.31 -1.41 -1.76
C LEU A 29 -5.99 -1.43 -3.15
N LYS A 30 -6.44 -0.27 -3.62
CA LYS A 30 -7.15 -0.17 -4.90
C LYS A 30 -7.08 1.24 -5.50
N ASN A 31 -6.67 1.32 -6.76
CA ASN A 31 -6.64 2.60 -7.49
C ASN A 31 -7.96 2.83 -8.24
N THR A 32 -8.72 3.83 -7.82
CA THR A 32 -10.03 4.13 -8.44
C THR A 32 -9.94 5.33 -9.40
N SER A 33 -8.72 5.66 -9.85
CA SER A 33 -8.52 6.77 -10.79
C SER A 33 -8.88 6.37 -12.23
N GLU A 34 -8.67 7.29 -13.17
CA GLU A 34 -9.05 7.07 -14.58
C GLU A 34 -7.99 6.29 -15.37
N GLN A 35 -6.72 6.57 -15.12
CA GLN A 35 -5.63 6.03 -15.94
C GLN A 35 -4.52 5.40 -15.08
N ASP A 36 -3.59 4.71 -15.73
CA ASP A 36 -2.42 4.12 -15.07
C ASP A 36 -1.67 5.17 -14.21
N GLN A 37 -1.84 5.08 -12.88
CA GLN A 37 -1.21 6.03 -11.95
C GLN A 37 0.17 5.55 -11.47
N PRO A 38 1.17 6.45 -11.41
CA PRO A 38 2.52 6.13 -10.89
C PRO A 38 2.50 5.69 -9.42
N MET A 39 2.81 4.43 -9.15
CA MET A 39 2.81 3.89 -7.79
C MET A 39 3.96 4.49 -6.94
N GLY A 40 5.05 4.86 -7.61
CA GLY A 40 6.21 5.42 -6.92
C GLY A 40 5.99 6.84 -6.41
N GLY A 41 5.25 6.96 -5.31
CA GLY A 41 5.03 8.26 -4.68
C GLY A 41 4.21 8.18 -3.39
N TRP A 42 4.04 6.96 -2.87
CA TRP A 42 3.24 6.72 -1.66
C TRP A 42 4.07 5.98 -0.59
N GLU A 43 3.62 6.02 0.66
CA GLU A 43 4.29 5.28 1.75
C GLU A 43 3.27 4.75 2.78
N MET A 44 3.45 3.50 3.18
CA MET A 44 2.55 2.85 4.15
C MET A 44 3.18 2.80 5.55
N ILE A 45 2.50 3.40 6.53
CA ILE A 45 2.92 3.35 7.94
C ILE A 45 1.99 2.46 8.77
N ARG A 46 2.50 1.38 9.34
CA ARG A 46 1.68 0.46 10.14
C ARG A 46 1.66 0.84 11.63
N LYS A 47 0.45 0.93 12.21
CA LYS A 47 0.30 1.18 13.65
C LYS A 47 -0.64 0.17 14.31
N ILE A 48 -0.37 -0.13 15.58
CA ILE A 48 -1.14 -1.10 16.37
C ILE A 48 -0.77 -1.00 17.86
N GLY A 49 0.53 -0.85 18.12
CA GLY A 49 1.03 -0.63 19.47
C GLY A 49 2.13 0.42 19.51
N ASP A 50 3.01 0.36 20.51
CA ASP A 50 4.13 1.29 20.61
C ASP A 50 5.20 1.02 19.54
N THR A 51 4.88 1.35 18.29
CA THR A 51 5.76 1.17 17.14
C THR A 51 5.16 1.76 15.86
N SER A 52 5.98 1.95 14.84
CA SER A 52 5.52 2.50 13.56
C SER A 52 6.54 2.25 12.45
N VAL A 53 6.25 1.25 11.61
CA VAL A 53 7.13 0.89 10.49
C VAL A 53 6.59 1.44 9.15
N SER A 54 7.51 1.85 8.28
CA SER A 54 7.13 2.45 6.98
C SER A 54 7.44 1.52 5.79
N TYR A 55 6.75 1.77 4.67
CA TYR A 55 7.00 1.03 3.43
C TYR A 55 6.73 1.91 2.20
N LYS A 56 7.79 2.30 1.49
CA LYS A 56 7.65 3.10 0.27
C LYS A 56 7.16 2.24 -0.91
N TYR A 57 6.15 2.72 -1.62
CA TYR A 57 5.65 2.04 -2.82
C TYR A 57 6.56 2.33 -4.02
N THR A 58 7.10 1.27 -4.62
CA THR A 58 8.04 1.41 -5.74
C THR A 58 7.33 1.69 -7.07
N SER A 59 8.07 2.26 -8.03
CA SER A 59 7.50 2.60 -9.35
C SER A 59 7.97 1.61 -10.43
N ARG A 60 8.34 0.39 -10.01
CA ARG A 60 8.79 -0.63 -10.97
C ARG A 60 7.70 -0.94 -12.02
N TYR A 61 6.44 -0.77 -11.64
CA TYR A 61 5.32 -0.86 -12.59
C TYR A 61 4.24 0.16 -12.23
N VAL A 62 3.44 0.55 -13.21
CA VAL A 62 2.42 1.58 -13.02
C VAL A 62 1.09 0.98 -12.53
N LEU A 63 0.43 1.68 -11.59
CA LEU A 63 -0.80 1.17 -10.96
C LEU A 63 -2.04 1.51 -11.83
N LYS A 64 -2.57 0.50 -12.52
CA LYS A 64 -3.67 0.70 -13.48
C LYS A 64 -4.99 1.15 -12.82
N ALA A 65 -5.94 1.56 -13.66
CA ALA A 65 -7.26 1.98 -13.20
C ALA A 65 -8.12 0.79 -12.77
N GLY A 66 -8.69 0.86 -11.57
CA GLY A 66 -9.48 -0.25 -11.05
C GLY A 66 -8.60 -1.42 -10.58
N GLN A 67 -7.29 -1.21 -10.55
CA GLN A 67 -6.33 -2.23 -10.13
C GLN A 67 -6.25 -2.33 -8.60
N THR A 68 -6.61 -3.49 -8.07
CA THR A 68 -6.47 -3.76 -6.63
C THR A 68 -5.06 -4.28 -6.31
N VAL A 69 -4.16 -3.39 -5.89
CA VAL A 69 -2.80 -3.77 -5.52
C VAL A 69 -2.77 -4.38 -4.10
N THR A 70 -2.35 -5.63 -4.02
CA THR A 70 -2.35 -6.37 -2.75
C THR A 70 -0.96 -6.40 -2.11
N ILE A 71 -0.80 -5.69 -0.99
CA ILE A 71 0.46 -5.69 -0.27
C ILE A 71 0.64 -7.01 0.50
N TRP A 72 1.36 -7.96 -0.12
CA TRP A 72 1.64 -9.25 0.51
C TRP A 72 2.79 -9.15 1.53
N ALA A 73 2.57 -9.63 2.75
CA ALA A 73 3.61 -9.59 3.79
C ALA A 73 4.86 -10.37 3.37
N ALA A 74 5.99 -10.13 4.04
CA ALA A 74 7.26 -10.80 3.71
C ALA A 74 7.13 -12.34 3.61
N ASN A 75 6.15 -12.91 4.31
CA ASN A 75 5.90 -14.36 4.26
C ASN A 75 4.89 -14.73 3.15
N ALA A 76 4.85 -13.92 2.09
CA ALA A 76 3.93 -14.14 0.97
C ALA A 76 4.15 -15.50 0.28
N GLY A 77 5.41 -15.93 0.18
CA GLY A 77 5.72 -17.19 -0.48
C GLY A 77 5.73 -17.08 -2.01
N VAL A 78 5.50 -15.87 -2.52
CA VAL A 78 5.47 -15.62 -3.96
C VAL A 78 6.68 -14.77 -4.41
N THR A 79 6.73 -14.47 -5.72
CA THR A 79 7.80 -13.65 -6.28
C THR A 79 7.62 -12.16 -5.94
N ALA A 80 8.72 -11.48 -5.62
CA ALA A 80 8.67 -10.04 -5.33
C ALA A 80 8.21 -9.23 -6.56
N SER A 81 6.89 -9.22 -6.77
CA SER A 81 6.25 -8.51 -7.88
C SER A 81 6.63 -9.14 -9.25
N PRO A 82 5.82 -10.13 -9.71
CA PRO A 82 6.03 -10.84 -11.01
C PRO A 82 5.98 -9.99 -12.32
N PRO A 83 5.21 -8.86 -12.45
CA PRO A 83 4.45 -8.22 -11.37
C PRO A 83 2.96 -8.57 -11.32
N THR A 84 2.29 -7.95 -10.35
CA THR A 84 0.85 -8.06 -10.12
C THR A 84 0.48 -7.28 -8.86
N ASP A 85 1.30 -7.46 -7.83
CA ASP A 85 1.14 -6.77 -6.55
C ASP A 85 2.51 -6.35 -5.99
N LEU A 86 2.53 -5.86 -4.75
CA LEU A 86 3.78 -5.46 -4.08
C LEU A 86 3.98 -6.23 -2.76
N ILE A 87 5.17 -6.77 -2.56
CA ILE A 87 5.49 -7.52 -1.34
C ILE A 87 6.19 -6.63 -0.30
N TRP A 88 5.61 -6.61 0.91
CA TRP A 88 6.15 -5.84 2.02
C TRP A 88 7.31 -6.59 2.70
N LYS A 89 8.52 -6.35 2.23
CA LYS A 89 9.71 -7.06 2.72
C LYS A 89 10.23 -6.49 4.05
N ASN A 90 9.64 -5.39 4.52
CA ASN A 90 10.11 -4.72 5.74
C ASN A 90 9.56 -5.38 7.03
N GLN A 91 8.55 -6.23 6.89
CA GLN A 91 8.00 -6.98 8.03
C GLN A 91 7.33 -8.29 7.60
N ASN A 92 7.50 -9.33 8.42
CA ASN A 92 6.84 -10.62 8.16
C ASN A 92 5.34 -10.56 8.51
N SER A 93 4.61 -11.62 8.18
CA SER A 93 3.17 -11.68 8.51
C SER A 93 2.97 -11.89 10.01
N TRP A 94 2.38 -10.89 10.68
CA TRP A 94 2.22 -10.94 12.15
C TRP A 94 1.40 -12.15 12.61
N GLY A 95 0.48 -12.60 11.75
CA GLY A 95 -0.24 -13.86 11.99
C GLY A 95 -0.82 -14.01 13.40
N THR A 96 -1.35 -12.91 13.95
CA THR A 96 -1.94 -12.92 15.29
C THR A 96 -3.30 -12.21 15.31
N GLY A 97 -3.83 -11.93 14.12
CA GLY A 97 -5.09 -11.19 14.01
C GLY A 97 -4.97 -9.75 14.49
N GLU A 98 -5.64 -9.43 15.60
CA GLU A 98 -5.58 -8.09 16.22
C GLU A 98 -6.23 -7.00 15.34
N ASP A 99 -6.54 -5.85 15.95
CA ASP A 99 -7.08 -4.71 15.22
C ASP A 99 -5.97 -3.71 14.84
N VAL A 100 -5.35 -3.95 13.68
CA VAL A 100 -4.26 -3.10 13.20
C VAL A 100 -4.78 -2.03 12.22
N LYS A 101 -4.32 -0.80 12.39
CA LYS A 101 -4.73 0.31 11.52
C LYS A 101 -3.55 0.85 10.71
N VAL A 102 -3.70 0.86 9.39
CA VAL A 102 -2.64 1.30 8.48
C VAL A 102 -2.84 2.75 8.03
N ILE A 103 -1.75 3.52 8.03
CA ILE A 103 -1.76 4.92 7.60
C ILE A 103 -1.17 5.09 6.19
N LEU A 104 -1.95 5.62 5.27
CA LEU A 104 -1.45 5.91 3.91
C LEU A 104 -1.04 7.38 3.77
N LYS A 105 0.23 7.62 3.41
CA LYS A 105 0.73 8.99 3.21
C LYS A 105 1.45 9.12 1.85
N ASN A 106 1.57 10.35 1.36
CA ASN A 106 2.28 10.61 0.10
C ASN A 106 3.76 10.95 0.37
N SER A 107 4.58 10.88 -0.68
CA SER A 107 6.02 11.17 -0.58
C SER A 107 6.29 12.59 -0.04
N GLN A 108 5.37 13.51 -0.31
CA GLN A 108 5.55 14.92 0.08
C GLN A 108 5.33 15.14 1.60
N GLY A 109 4.66 14.22 2.28
CA GLY A 109 4.57 14.29 3.74
C GLY A 109 3.19 14.04 4.34
N GLU A 110 2.15 14.68 3.79
CA GLU A 110 0.82 14.66 4.41
C GLU A 110 0.09 13.32 4.22
N GLU A 111 -1.03 13.16 4.95
CA GLU A 111 -1.76 11.89 5.00
C GLU A 111 -2.92 11.85 3.98
N VAL A 112 -3.19 10.65 3.46
CA VAL A 112 -4.31 10.43 2.53
C VAL A 112 -5.52 9.87 3.29
N ALA A 113 -5.34 8.71 3.91
CA ALA A 113 -6.43 8.04 4.64
C ALA A 113 -5.89 6.92 5.54
N GLN A 114 -6.68 6.53 6.54
CA GLN A 114 -6.33 5.42 7.43
C GLN A 114 -7.46 4.38 7.45
N ARG A 115 -7.10 3.13 7.70
CA ARG A 115 -8.09 2.04 7.76
C ARG A 115 -7.59 0.87 8.61
N SER A 116 -8.51 0.21 9.32
CA SER A 116 -8.16 -0.89 10.23
C SER A 116 -8.73 -2.24 9.77
N THR A 117 -8.36 -3.31 10.49
CA THR A 117 -8.95 -4.64 10.27
C THR A 117 -10.35 -4.73 10.90
N VAL A 118 -10.94 -5.92 10.86
CA VAL A 118 -12.26 -6.16 11.44
C VAL A 118 -12.18 -6.25 12.98
N PHE A 119 -12.78 -5.27 13.67
CA PHE A 119 -12.82 -5.28 15.14
C PHE A 119 -13.58 -6.52 15.66
N LYS A 120 -12.83 -7.55 16.04
CA LYS A 120 -13.42 -8.81 16.47
C LYS A 120 -12.82 -9.30 17.80
N THR A 121 -13.59 -9.13 18.88
CA THR A 121 -13.21 -9.66 20.19
C THR A 121 -14.23 -10.71 20.66
N THR A 122 -13.96 -11.98 20.35
CA THR A 122 -14.87 -13.09 20.70
C THR A 122 -14.30 -13.99 21.81
N MET A 1 17.20 13.75 -10.05
CA MET A 1 16.84 12.42 -10.61
C MET A 1 16.07 12.59 -11.92
N GLY A 2 14.75 12.76 -11.83
CA GLY A 2 13.92 12.99 -13.02
C GLY A 2 14.18 12.04 -14.18
N HIS A 3 14.46 10.77 -13.87
CA HIS A 3 14.76 9.76 -14.89
C HIS A 3 13.56 9.60 -15.85
N HIS A 4 12.36 9.58 -15.28
CA HIS A 4 11.12 9.57 -16.07
C HIS A 4 11.02 10.82 -16.97
N HIS A 5 10.85 10.59 -18.28
CA HIS A 5 10.81 11.69 -19.25
C HIS A 5 9.37 12.22 -19.44
N HIS A 6 9.25 13.40 -20.06
CA HIS A 6 7.95 14.07 -20.26
C HIS A 6 7.27 14.37 -18.91
N HIS A 7 7.61 15.51 -18.32
CA HIS A 7 7.15 15.86 -16.97
C HIS A 7 5.78 16.57 -16.97
N HIS A 8 4.87 16.06 -16.16
CA HIS A 8 3.59 16.71 -15.88
C HIS A 8 3.34 16.77 -14.36
N SER A 9 2.99 17.95 -13.84
CA SER A 9 2.80 18.13 -12.39
C SER A 9 1.31 18.05 -11.98
N HIS A 10 0.83 16.85 -11.72
CA HIS A 10 -0.53 16.65 -11.20
C HIS A 10 -0.58 15.47 -10.21
N MET A 11 -0.77 15.79 -8.92
CA MET A 11 -0.81 14.77 -7.87
C MET A 11 -2.25 14.32 -7.58
N THR A 12 -2.61 13.12 -8.02
CA THR A 12 -3.96 12.57 -7.79
C THR A 12 -3.94 11.36 -6.83
N GLY A 13 -4.21 11.61 -5.55
CA GLY A 13 -4.22 10.54 -4.55
C GLY A 13 -5.50 9.73 -4.54
N ASN A 14 -5.80 9.07 -5.66
CA ASN A 14 -7.04 8.29 -5.80
C ASN A 14 -6.79 6.78 -5.59
N VAL A 15 -5.72 6.44 -4.88
CA VAL A 15 -5.43 5.05 -4.52
C VAL A 15 -5.81 4.79 -3.05
N CYS A 16 -6.95 4.14 -2.85
CA CYS A 16 -7.50 3.94 -1.50
C CYS A 16 -7.34 2.48 -1.02
N ILE A 17 -7.22 2.30 0.29
CA ILE A 17 -7.15 0.97 0.88
C ILE A 17 -8.54 0.31 0.93
N GLU A 18 -8.72 -0.77 0.19
CA GLU A 18 -10.03 -1.44 0.13
C GLU A 18 -10.22 -2.41 1.31
N GLU A 19 -9.17 -3.17 1.64
CA GLU A 19 -9.25 -4.12 2.76
C GLU A 19 -7.87 -4.38 3.39
N ILE A 20 -7.87 -4.65 4.69
CA ILE A 20 -6.64 -4.96 5.44
C ILE A 20 -6.81 -6.29 6.20
N ASP A 21 -5.91 -7.24 5.95
CA ASP A 21 -6.03 -8.58 6.54
C ASP A 21 -5.57 -8.59 8.02
N VAL A 22 -6.30 -9.34 8.84
CA VAL A 22 -5.99 -9.48 10.28
C VAL A 22 -5.18 -10.77 10.55
N ASP A 23 -5.26 -11.72 9.62
CA ASP A 23 -4.49 -12.96 9.70
C ASP A 23 -2.99 -12.68 9.53
N GLY A 24 -2.67 -11.70 8.67
CA GLY A 24 -1.31 -11.22 8.56
C GLY A 24 -0.57 -11.69 7.32
N LYS A 25 -1.24 -11.64 6.16
CA LYS A 25 -0.63 -12.10 4.91
C LYS A 25 -0.72 -11.07 3.77
N PHE A 26 -1.72 -10.18 3.80
CA PHE A 26 -1.88 -9.21 2.70
C PHE A 26 -2.64 -7.92 3.10
N ILE A 27 -2.35 -6.84 2.39
CA ILE A 27 -3.11 -5.58 2.48
C ILE A 27 -3.54 -5.14 1.07
N ARG A 28 -4.86 -5.05 0.83
CA ARG A 28 -5.36 -4.82 -0.54
C ARG A 28 -5.78 -3.36 -0.78
N LEU A 29 -5.00 -2.65 -1.60
CA LEU A 29 -5.33 -1.29 -2.02
C LEU A 29 -6.00 -1.31 -3.42
N LYS A 30 -6.54 -0.18 -3.84
CA LYS A 30 -7.21 -0.09 -5.15
C LYS A 30 -7.12 1.32 -5.75
N ASN A 31 -6.91 1.39 -7.06
CA ASN A 31 -6.84 2.67 -7.79
C ASN A 31 -8.17 2.97 -8.50
N THR A 32 -8.73 4.15 -8.25
CA THR A 32 -9.98 4.55 -8.90
C THR A 32 -9.77 5.73 -9.87
N SER A 33 -8.51 6.06 -10.15
CA SER A 33 -8.17 7.14 -11.08
C SER A 33 -8.61 6.80 -12.51
N GLU A 34 -9.02 7.80 -13.29
CA GLU A 34 -9.48 7.58 -14.67
C GLU A 34 -8.34 7.20 -15.63
N GLN A 35 -7.10 7.50 -15.23
CA GLN A 35 -5.92 7.20 -16.05
C GLN A 35 -4.91 6.32 -15.30
N ASP A 36 -3.96 5.75 -16.03
CA ASP A 36 -2.89 4.92 -15.45
C ASP A 36 -2.13 5.65 -14.33
N GLN A 37 -1.97 5.00 -13.18
CA GLN A 37 -1.27 5.60 -12.01
C GLN A 37 0.02 4.84 -11.65
N PRO A 38 1.19 5.48 -11.83
CA PRO A 38 2.46 4.96 -11.31
C PRO A 38 2.53 5.11 -9.77
N MET A 39 2.80 4.00 -9.07
CA MET A 39 2.79 3.98 -7.60
C MET A 39 3.78 5.00 -6.98
N GLY A 40 4.78 5.41 -7.76
CA GLY A 40 5.75 6.39 -7.30
C GLY A 40 6.61 5.91 -6.12
N GLY A 41 6.12 6.16 -4.90
CA GLY A 41 6.86 5.76 -3.71
C GLY A 41 6.39 6.45 -2.44
N TRP A 42 5.11 6.25 -2.09
CA TRP A 42 4.56 6.81 -0.85
C TRP A 42 5.01 6.00 0.37
N GLU A 43 4.77 6.51 1.58
CA GLU A 43 5.19 5.82 2.81
C GLU A 43 3.98 5.26 3.58
N MET A 44 3.90 3.94 3.66
CA MET A 44 2.83 3.26 4.42
C MET A 44 3.28 2.97 5.87
N ILE A 45 2.50 3.43 6.84
CA ILE A 45 2.81 3.23 8.26
C ILE A 45 1.74 2.38 8.96
N ARG A 46 2.08 1.14 9.30
CA ARG A 46 1.14 0.27 10.02
C ARG A 46 1.29 0.43 11.54
N LYS A 47 0.31 1.07 12.17
CA LYS A 47 0.28 1.22 13.63
C LYS A 47 -0.58 0.12 14.28
N ILE A 48 -0.03 -0.56 15.28
CA ILE A 48 -0.76 -1.60 16.00
C ILE A 48 -0.56 -1.45 17.52
N GLY A 49 -1.57 -0.88 18.19
CA GLY A 49 -1.47 -0.61 19.62
C GLY A 49 -0.49 0.51 19.93
N ASP A 50 0.70 0.15 20.42
CA ASP A 50 1.72 1.13 20.78
C ASP A 50 2.84 1.21 19.72
N THR A 51 3.12 0.09 19.06
CA THR A 51 4.22 0.04 18.08
C THR A 51 3.75 0.33 16.65
N SER A 52 4.71 0.53 15.74
CA SER A 52 4.42 0.82 14.33
C SER A 52 5.58 0.41 13.43
N VAL A 53 5.26 0.06 12.18
CA VAL A 53 6.28 -0.29 11.17
C VAL A 53 5.98 0.39 9.83
N SER A 54 7.03 0.86 9.15
CA SER A 54 6.86 1.63 7.90
C SER A 54 7.29 0.83 6.66
N TYR A 55 6.76 1.24 5.50
CA TYR A 55 7.13 0.64 4.21
C TYR A 55 6.92 1.63 3.06
N LYS A 56 8.00 2.03 2.40
CA LYS A 56 7.90 2.91 1.24
C LYS A 56 7.66 2.10 -0.04
N TYR A 57 6.71 2.54 -0.85
CA TYR A 57 6.41 1.87 -2.12
C TYR A 57 7.52 2.11 -3.17
N THR A 58 7.31 1.57 -4.38
CA THR A 58 8.28 1.71 -5.47
C THR A 58 7.57 1.75 -6.83
N SER A 59 8.08 2.56 -7.76
CA SER A 59 7.44 2.71 -9.07
C SER A 59 8.07 1.80 -10.12
N ARG A 60 7.64 0.54 -10.16
CA ARG A 60 8.07 -0.42 -11.18
C ARG A 60 6.87 -0.97 -11.97
N TYR A 61 5.68 -0.43 -11.70
CA TYR A 61 4.45 -0.87 -12.34
C TYR A 61 3.43 0.28 -12.39
N VAL A 62 2.55 0.26 -13.38
CA VAL A 62 1.51 1.30 -13.52
C VAL A 62 0.11 0.68 -13.35
N LEU A 63 -0.60 1.13 -12.31
CA LEU A 63 -1.89 0.55 -11.94
C LEU A 63 -3.07 1.30 -12.60
N LYS A 64 -3.91 0.58 -13.35
CA LYS A 64 -5.07 1.18 -14.04
C LYS A 64 -6.28 1.37 -13.09
N ALA A 65 -7.42 1.71 -13.68
CA ALA A 65 -8.65 2.00 -12.91
C ALA A 65 -9.40 0.74 -12.50
N GLY A 66 -10.00 0.78 -11.30
CA GLY A 66 -10.83 -0.33 -10.83
C GLY A 66 -10.06 -1.61 -10.53
N GLN A 67 -8.73 -1.52 -10.49
CA GLN A 67 -7.88 -2.68 -10.22
C GLN A 67 -7.24 -2.59 -8.82
N THR A 68 -7.09 -3.73 -8.16
CA THR A 68 -6.52 -3.76 -6.80
C THR A 68 -5.04 -4.17 -6.81
N VAL A 69 -4.26 -3.56 -5.92
CA VAL A 69 -2.87 -3.96 -5.70
C VAL A 69 -2.69 -4.52 -4.29
N THR A 70 -2.18 -5.74 -4.20
CA THR A 70 -2.06 -6.44 -2.90
C THR A 70 -0.62 -6.40 -2.37
N ILE A 71 -0.48 -5.94 -1.13
CA ILE A 71 0.82 -5.94 -0.44
C ILE A 71 0.99 -7.24 0.36
N TRP A 72 1.78 -8.16 -0.17
CA TRP A 72 1.99 -9.48 0.47
C TRP A 72 3.09 -9.42 1.53
N ALA A 73 2.85 -10.03 2.68
CA ALA A 73 3.86 -10.10 3.75
C ALA A 73 5.08 -10.94 3.32
N ALA A 74 6.25 -10.66 3.90
CA ALA A 74 7.49 -11.36 3.53
C ALA A 74 7.37 -12.89 3.63
N ASN A 75 6.59 -13.37 4.59
CA ASN A 75 6.40 -14.82 4.79
C ASN A 75 5.35 -15.43 3.85
N ALA A 76 4.85 -14.64 2.90
CA ALA A 76 3.86 -15.13 1.93
C ALA A 76 4.47 -16.15 0.96
N GLY A 77 5.74 -15.97 0.61
CA GLY A 77 6.44 -16.92 -0.27
C GLY A 77 6.17 -16.70 -1.76
N VAL A 78 5.40 -15.67 -2.09
CA VAL A 78 5.07 -15.37 -3.49
C VAL A 78 6.20 -14.60 -4.19
N THR A 79 6.07 -14.42 -5.50
CA THR A 79 7.09 -13.70 -6.30
C THR A 79 7.12 -12.20 -5.97
N ALA A 80 8.31 -11.70 -5.63
CA ALA A 80 8.48 -10.30 -5.20
C ALA A 80 8.17 -9.28 -6.33
N SER A 81 8.09 -9.75 -7.57
CA SER A 81 7.80 -8.85 -8.71
C SER A 81 7.05 -9.59 -9.83
N PRO A 82 5.70 -9.65 -9.74
CA PRO A 82 4.86 -10.29 -10.78
C PRO A 82 5.08 -9.78 -12.24
N PRO A 83 5.18 -8.44 -12.52
CA PRO A 83 5.07 -7.36 -11.55
C PRO A 83 3.70 -6.66 -11.53
N THR A 84 3.15 -6.46 -10.33
CA THR A 84 1.90 -5.71 -10.13
C THR A 84 1.60 -5.54 -8.63
N ASP A 85 1.74 -6.64 -7.89
CA ASP A 85 1.65 -6.60 -6.43
C ASP A 85 3.05 -6.36 -5.82
N LEU A 86 3.10 -5.99 -4.54
CA LEU A 86 4.38 -5.73 -3.85
C LEU A 86 4.49 -6.54 -2.55
N ILE A 87 5.65 -7.18 -2.35
CA ILE A 87 5.90 -7.97 -1.15
C ILE A 87 6.61 -7.14 -0.07
N TRP A 88 5.92 -6.92 1.06
CA TRP A 88 6.47 -6.18 2.20
C TRP A 88 7.63 -6.96 2.85
N LYS A 89 8.86 -6.68 2.43
CA LYS A 89 10.04 -7.37 2.97
C LYS A 89 10.44 -6.82 4.36
N ASN A 90 10.14 -5.55 4.61
CA ASN A 90 10.49 -4.93 5.90
C ASN A 90 9.78 -5.59 7.10
N GLN A 91 8.69 -6.30 6.82
CA GLN A 91 7.95 -7.02 7.86
C GLN A 91 7.64 -8.45 7.42
N ASN A 92 8.01 -9.42 8.25
CA ASN A 92 7.78 -10.83 7.94
C ASN A 92 6.28 -11.17 7.92
N SER A 93 5.59 -10.81 9.00
CA SER A 93 4.14 -11.04 9.11
C SER A 93 3.56 -10.42 10.40
N TRP A 94 2.26 -10.60 10.59
CA TRP A 94 1.57 -10.15 11.81
C TRP A 94 0.33 -11.02 12.06
N GLY A 95 -0.42 -10.71 13.12
CA GLY A 95 -1.65 -11.46 13.40
C GLY A 95 -1.94 -11.59 14.89
N THR A 96 -2.00 -10.45 15.59
CA THR A 96 -2.29 -10.44 17.03
C THR A 96 -3.79 -10.60 17.31
N GLY A 97 -4.61 -9.92 16.50
CA GLY A 97 -6.06 -9.98 16.67
C GLY A 97 -6.64 -8.65 17.16
N GLU A 98 -5.81 -7.84 17.79
CA GLU A 98 -6.24 -6.52 18.31
C GLU A 98 -6.38 -5.48 17.18
N ASP A 99 -6.77 -4.27 17.56
CA ASP A 99 -7.00 -3.18 16.60
C ASP A 99 -5.69 -2.71 15.93
N VAL A 100 -5.66 -2.73 14.61
CA VAL A 100 -4.49 -2.27 13.85
C VAL A 100 -4.92 -1.37 12.67
N LYS A 101 -4.21 -0.26 12.49
CA LYS A 101 -4.53 0.73 11.47
C LYS A 101 -3.36 0.97 10.50
N VAL A 102 -3.65 1.04 9.20
CA VAL A 102 -2.63 1.28 8.18
C VAL A 102 -2.76 2.70 7.59
N ILE A 103 -1.68 3.47 7.67
CA ILE A 103 -1.66 4.86 7.22
C ILE A 103 -0.93 5.01 5.86
N LEU A 104 -1.53 5.78 4.96
CA LEU A 104 -0.88 6.11 3.68
C LEU A 104 -0.50 7.59 3.62
N LYS A 105 0.78 7.89 3.76
CA LYS A 105 1.27 9.28 3.69
C LYS A 105 2.03 9.54 2.39
N ASN A 106 1.68 10.62 1.72
CA ASN A 106 2.28 10.98 0.44
C ASN A 106 3.71 11.51 0.60
N SER A 107 4.50 11.41 -0.46
CA SER A 107 5.93 11.79 -0.43
C SER A 107 6.15 13.26 -0.02
N GLN A 108 5.09 14.08 -0.07
CA GLN A 108 5.20 15.51 0.29
C GLN A 108 4.68 15.80 1.71
N GLY A 109 4.44 14.75 2.50
CA GLY A 109 4.12 14.94 3.93
C GLY A 109 2.64 14.79 4.27
N GLU A 110 1.76 15.01 3.29
CA GLU A 110 0.31 14.91 3.53
C GLU A 110 -0.16 13.45 3.62
N GLU A 111 -1.44 13.26 3.93
CA GLU A 111 -2.02 11.92 4.13
C GLU A 111 -3.30 11.74 3.30
N VAL A 112 -3.50 10.54 2.74
CA VAL A 112 -4.69 10.26 1.92
C VAL A 112 -5.60 9.17 2.51
N ALA A 113 -5.03 8.19 3.22
CA ALA A 113 -5.82 7.08 3.76
C ALA A 113 -5.39 6.69 5.19
N GLN A 114 -6.33 6.13 5.96
CA GLN A 114 -6.10 5.76 7.35
C GLN A 114 -7.06 4.64 7.81
N ARG A 115 -7.20 3.61 6.98
CA ARG A 115 -8.16 2.52 7.25
C ARG A 115 -7.64 1.57 8.34
N SER A 116 -8.56 0.94 9.07
CA SER A 116 -8.21 -0.08 10.08
C SER A 116 -8.79 -1.44 9.70
N THR A 117 -8.43 -2.47 10.46
CA THR A 117 -8.99 -3.82 10.25
C THR A 117 -10.38 -3.95 10.88
N VAL A 118 -11.06 -5.04 10.56
CA VAL A 118 -12.39 -5.33 11.13
C VAL A 118 -12.39 -6.71 11.82
N PHE A 119 -12.89 -6.75 13.06
CA PHE A 119 -12.90 -7.99 13.84
C PHE A 119 -14.30 -8.33 14.36
N LYS A 120 -14.86 -9.42 13.84
CA LYS A 120 -16.19 -9.91 14.26
C LYS A 120 -16.22 -11.45 14.26
N THR A 121 -15.05 -12.07 14.49
CA THR A 121 -14.88 -13.53 14.37
C THR A 121 -15.51 -14.05 13.05
N THR A 122 -14.90 -13.68 11.93
CA THR A 122 -15.48 -13.98 10.61
C THR A 122 -14.41 -14.35 9.57
N MET A 1 24.70 14.98 -14.17
CA MET A 1 23.42 14.77 -14.89
C MET A 1 22.88 13.35 -14.68
N GLY A 2 21.72 13.25 -14.03
CA GLY A 2 21.06 11.98 -13.85
C GLY A 2 19.55 12.07 -14.07
N HIS A 3 18.76 11.57 -13.11
CA HIS A 3 17.30 11.62 -13.21
C HIS A 3 16.76 13.03 -12.87
N HIS A 4 16.04 13.63 -13.81
CA HIS A 4 15.49 14.99 -13.62
C HIS A 4 14.36 15.01 -12.57
N HIS A 5 13.55 13.94 -12.55
CA HIS A 5 12.52 13.76 -11.52
C HIS A 5 11.47 14.89 -11.54
N HIS A 6 11.02 15.28 -12.75
CA HIS A 6 9.99 16.31 -12.90
C HIS A 6 8.73 15.75 -13.58
N HIS A 7 7.61 15.74 -12.86
CA HIS A 7 6.34 15.23 -13.37
C HIS A 7 5.18 16.13 -12.89
N HIS A 8 4.68 16.98 -13.78
CA HIS A 8 3.76 18.07 -13.40
C HIS A 8 2.28 17.63 -13.34
N SER A 9 2.02 16.32 -13.27
CA SER A 9 0.64 15.81 -13.26
C SER A 9 -0.15 16.29 -12.04
N HIS A 10 -1.35 16.81 -12.27
CA HIS A 10 -2.24 17.27 -11.20
C HIS A 10 -3.22 16.17 -10.77
N MET A 11 -3.00 14.94 -11.24
CA MET A 11 -3.85 13.80 -10.87
C MET A 11 -3.66 13.40 -9.39
N THR A 12 -4.68 13.66 -8.58
CA THR A 12 -4.63 13.36 -7.15
C THR A 12 -4.57 11.85 -6.87
N GLY A 13 -4.04 11.49 -5.70
CA GLY A 13 -3.90 10.07 -5.34
C GLY A 13 -5.22 9.41 -4.94
N ASN A 14 -6.06 9.10 -5.93
CA ASN A 14 -7.36 8.47 -5.67
C ASN A 14 -7.23 6.95 -5.44
N VAL A 15 -6.37 6.57 -4.48
CA VAL A 15 -6.17 5.16 -4.12
C VAL A 15 -6.80 4.85 -2.76
N CYS A 16 -7.83 4.01 -2.76
CA CYS A 16 -8.57 3.69 -1.54
C CYS A 16 -8.09 2.39 -0.87
N ILE A 17 -8.23 2.31 0.45
CA ILE A 17 -7.93 1.09 1.20
C ILE A 17 -9.18 0.22 1.34
N GLU A 18 -9.20 -0.92 0.64
CA GLU A 18 -10.39 -1.78 0.65
C GLU A 18 -10.50 -2.60 1.95
N GLU A 19 -9.58 -3.54 2.15
CA GLU A 19 -9.65 -4.44 3.32
C GLU A 19 -8.27 -5.01 3.69
N ILE A 20 -8.08 -5.28 4.98
CA ILE A 20 -6.82 -5.84 5.48
C ILE A 20 -7.00 -7.32 5.90
N ASP A 21 -6.04 -8.16 5.54
CA ASP A 21 -6.09 -9.58 5.89
C ASP A 21 -5.87 -9.81 7.40
N VAL A 22 -6.52 -10.84 7.92
CA VAL A 22 -6.47 -11.17 9.36
C VAL A 22 -5.52 -12.37 9.62
N ASP A 23 -5.21 -13.13 8.57
CA ASP A 23 -4.34 -14.30 8.69
C ASP A 23 -2.86 -13.87 8.88
N GLY A 24 -2.53 -12.69 8.37
CA GLY A 24 -1.20 -12.12 8.56
C GLY A 24 -0.28 -12.35 7.36
N LYS A 25 -0.82 -12.20 6.15
CA LYS A 25 -0.05 -12.46 4.93
C LYS A 25 -0.05 -11.27 3.96
N PHE A 26 -1.18 -10.55 3.82
CA PHE A 26 -1.27 -9.50 2.80
C PHE A 26 -2.32 -8.41 3.13
N ILE A 27 -2.31 -7.35 2.31
CA ILE A 27 -3.31 -6.27 2.35
C ILE A 27 -3.74 -5.91 0.92
N ARG A 28 -5.02 -5.57 0.70
CA ARG A 28 -5.49 -5.29 -0.66
C ARG A 28 -6.08 -3.88 -0.80
N LEU A 29 -5.42 -3.04 -1.60
CA LEU A 29 -5.89 -1.67 -1.87
C LEU A 29 -6.49 -1.59 -3.29
N LYS A 30 -7.14 -0.47 -3.62
CA LYS A 30 -7.78 -0.30 -4.93
C LYS A 30 -7.66 1.15 -5.45
N ASN A 31 -7.17 1.31 -6.67
CA ASN A 31 -7.11 2.63 -7.31
C ASN A 31 -8.40 2.91 -8.11
N THR A 32 -8.98 4.09 -7.91
CA THR A 32 -10.25 4.44 -8.57
C THR A 32 -10.10 5.65 -9.51
N SER A 33 -8.86 6.06 -9.79
CA SER A 33 -8.60 7.23 -10.64
C SER A 33 -8.89 6.94 -12.12
N GLU A 34 -9.18 7.99 -12.90
CA GLU A 34 -9.43 7.87 -14.34
C GLU A 34 -8.18 7.44 -15.13
N GLN A 35 -7.01 7.78 -14.59
CA GLN A 35 -5.73 7.50 -15.26
C GLN A 35 -4.81 6.71 -14.32
N ASP A 36 -4.11 5.73 -14.88
CA ASP A 36 -3.24 4.84 -14.08
C ASP A 36 -2.22 5.64 -13.24
N GLN A 37 -2.20 5.38 -11.93
CA GLN A 37 -1.36 6.15 -11.00
C GLN A 37 0.03 5.50 -10.82
N PRO A 38 1.11 6.23 -11.13
CA PRO A 38 2.49 5.73 -10.90
C PRO A 38 2.75 5.37 -9.43
N MET A 39 2.84 4.08 -9.12
CA MET A 39 3.00 3.62 -7.74
C MET A 39 4.46 3.76 -7.28
N GLY A 40 4.79 4.90 -6.66
CA GLY A 40 6.15 5.14 -6.22
C GLY A 40 6.27 6.23 -5.14
N GLY A 41 5.69 7.40 -5.41
CA GLY A 41 5.76 8.51 -4.46
C GLY A 41 4.80 8.37 -3.28
N TRP A 42 4.81 7.21 -2.63
CA TRP A 42 3.93 6.92 -1.49
C TRP A 42 4.68 6.12 -0.41
N GLU A 43 4.41 6.42 0.86
CA GLU A 43 4.92 5.60 1.97
C GLU A 43 3.77 5.12 2.87
N MET A 44 3.71 3.81 3.07
CA MET A 44 2.64 3.17 3.86
C MET A 44 3.13 2.83 5.27
N ILE A 45 2.53 3.46 6.29
CA ILE A 45 2.87 3.20 7.70
C ILE A 45 1.83 2.26 8.35
N ARG A 46 2.19 1.63 9.47
CA ARG A 46 1.29 0.68 10.13
C ARG A 46 1.65 0.51 11.62
N LYS A 47 0.64 0.48 12.49
CA LYS A 47 0.86 0.35 13.94
C LYS A 47 0.13 -0.84 14.55
N ILE A 48 0.74 -1.43 15.58
CA ILE A 48 0.10 -2.48 16.39
C ILE A 48 0.44 -2.27 17.88
N GLY A 49 -0.56 -1.88 18.66
CA GLY A 49 -0.34 -1.60 20.08
C GLY A 49 0.44 -0.31 20.32
N ASP A 50 1.76 -0.37 20.12
CA ASP A 50 2.64 0.79 20.30
C ASP A 50 3.67 0.89 19.17
N THR A 51 4.27 -0.24 18.82
CA THR A 51 5.32 -0.29 17.79
C THR A 51 4.76 0.01 16.38
N SER A 52 5.51 0.81 15.61
CA SER A 52 5.11 1.18 14.25
C SER A 52 6.13 0.71 13.20
N VAL A 53 5.63 0.49 11.98
CA VAL A 53 6.48 0.10 10.84
C VAL A 53 6.00 0.79 9.56
N SER A 54 6.91 1.04 8.61
CA SER A 54 6.54 1.71 7.34
C SER A 54 7.14 1.01 6.12
N TYR A 55 6.64 1.37 4.94
CA TYR A 55 7.12 0.81 3.67
C TYR A 55 6.82 1.75 2.50
N LYS A 56 7.86 2.30 1.87
CA LYS A 56 7.68 3.15 0.70
C LYS A 56 7.56 2.32 -0.58
N TYR A 57 6.58 2.65 -1.41
CA TYR A 57 6.36 1.95 -2.67
C TYR A 57 7.51 2.25 -3.68
N THR A 58 7.69 1.37 -4.66
CA THR A 58 8.75 1.55 -5.66
C THR A 58 8.18 1.64 -7.09
N SER A 59 8.59 2.67 -7.83
CA SER A 59 8.04 2.92 -9.16
C SER A 59 8.61 1.98 -10.21
N ARG A 60 7.99 0.80 -10.35
CA ARG A 60 8.33 -0.14 -11.43
C ARG A 60 7.11 -0.41 -12.32
N TYR A 61 6.02 0.29 -12.05
CA TYR A 61 4.77 0.12 -12.80
C TYR A 61 3.76 1.21 -12.43
N VAL A 62 2.63 1.23 -13.12
CA VAL A 62 1.52 2.13 -12.80
C VAL A 62 0.32 1.35 -12.27
N LEU A 63 -0.21 1.76 -11.12
CA LEU A 63 -1.38 1.11 -10.52
C LEU A 63 -2.61 1.33 -11.43
N LYS A 64 -3.00 0.27 -12.14
CA LYS A 64 -4.08 0.36 -13.12
C LYS A 64 -5.38 0.94 -12.54
N ALA A 65 -6.00 1.83 -13.30
CA ALA A 65 -7.30 2.42 -12.93
C ALA A 65 -8.36 1.34 -12.71
N GLY A 66 -9.05 1.39 -11.57
CA GLY A 66 -10.08 0.40 -11.25
C GLY A 66 -9.50 -1.00 -10.98
N GLN A 67 -8.31 -1.05 -10.39
CA GLN A 67 -7.64 -2.33 -10.10
C GLN A 67 -7.20 -2.42 -8.64
N THR A 68 -7.18 -3.65 -8.11
CA THR A 68 -6.72 -3.91 -6.74
C THR A 68 -5.25 -4.35 -6.71
N VAL A 69 -4.48 -3.79 -5.78
CA VAL A 69 -3.08 -4.18 -5.58
C VAL A 69 -2.89 -4.88 -4.23
N THR A 70 -2.16 -5.99 -4.21
CA THR A 70 -1.97 -6.78 -2.98
C THR A 70 -0.56 -6.58 -2.39
N ILE A 71 -0.50 -6.06 -1.18
CA ILE A 71 0.76 -5.90 -0.46
C ILE A 71 1.07 -7.16 0.37
N TRP A 72 1.99 -8.00 -0.13
CA TRP A 72 2.39 -9.23 0.55
C TRP A 72 3.47 -8.97 1.60
N ALA A 73 3.25 -9.39 2.84
CA ALA A 73 4.23 -9.20 3.91
C ALA A 73 5.44 -10.15 3.74
N ALA A 74 6.38 -10.09 4.69
CA ALA A 74 7.56 -10.97 4.67
C ALA A 74 7.19 -12.46 4.66
N ASN A 75 5.95 -12.77 5.02
CA ASN A 75 5.44 -14.15 5.01
C ASN A 75 4.74 -14.47 3.67
N ALA A 76 5.04 -13.67 2.64
CA ALA A 76 4.42 -13.79 1.32
C ALA A 76 4.34 -15.23 0.80
N GLY A 77 5.50 -15.86 0.60
CA GLY A 77 5.54 -17.20 0.00
C GLY A 77 5.19 -17.19 -1.48
N VAL A 78 5.34 -16.02 -2.12
CA VAL A 78 5.05 -15.86 -3.54
C VAL A 78 6.23 -15.24 -4.28
N THR A 79 6.05 -14.89 -5.56
CA THR A 79 7.09 -14.22 -6.34
C THR A 79 7.47 -12.86 -5.73
N ALA A 80 8.75 -12.68 -5.42
CA ALA A 80 9.23 -11.47 -4.74
C ALA A 80 9.37 -10.28 -5.70
N SER A 81 8.87 -10.43 -6.92
CA SER A 81 8.96 -9.37 -7.93
C SER A 81 7.62 -9.16 -8.67
N PRO A 82 7.04 -7.95 -8.58
CA PRO A 82 5.90 -7.53 -9.42
C PRO A 82 6.27 -7.70 -10.91
N PRO A 83 5.38 -8.21 -11.81
CA PRO A 83 3.89 -8.24 -11.80
C PRO A 83 3.09 -7.60 -10.63
N THR A 84 2.53 -6.42 -10.94
CA THR A 84 1.44 -5.73 -10.20
C THR A 84 1.60 -5.57 -8.67
N ASP A 85 1.59 -6.66 -7.92
CA ASP A 85 1.55 -6.58 -6.45
C ASP A 85 2.87 -6.02 -5.86
N LEU A 86 2.95 -5.93 -4.54
CA LEU A 86 4.18 -5.43 -3.88
C LEU A 86 4.41 -6.15 -2.54
N ILE A 87 5.67 -6.41 -2.22
CA ILE A 87 6.03 -7.15 -1.01
C ILE A 87 6.57 -6.23 0.11
N TRP A 88 5.84 -6.17 1.23
CA TRP A 88 6.30 -5.43 2.42
C TRP A 88 7.41 -6.24 3.12
N LYS A 89 8.63 -6.10 2.63
CA LYS A 89 9.77 -6.90 3.08
C LYS A 89 10.32 -6.42 4.46
N ASN A 90 9.52 -5.64 5.19
CA ASN A 90 9.93 -5.10 6.49
C ASN A 90 8.90 -5.41 7.61
N GLN A 91 7.94 -6.30 7.33
CA GLN A 91 6.89 -6.63 8.32
C GLN A 91 6.43 -8.09 8.17
N ASN A 92 6.08 -8.73 9.29
CA ASN A 92 5.57 -10.11 9.27
C ASN A 92 4.03 -10.15 9.40
N SER A 93 3.50 -11.07 10.22
CA SER A 93 2.05 -11.35 10.28
C SER A 93 1.25 -10.27 11.04
N TRP A 94 1.94 -9.28 11.59
CA TRP A 94 1.31 -8.17 12.37
C TRP A 94 0.25 -8.64 13.39
N GLY A 95 0.32 -9.91 13.81
CA GLY A 95 -0.59 -10.43 14.85
C GLY A 95 -1.45 -11.60 14.37
N THR A 96 -2.58 -11.80 15.04
CA THR A 96 -3.53 -12.87 14.67
C THR A 96 -4.96 -12.31 14.47
N GLY A 97 -5.29 -11.26 15.22
CA GLY A 97 -6.59 -10.61 15.09
C GLY A 97 -6.65 -9.31 15.87
N GLU A 98 -5.62 -8.47 15.68
CA GLU A 98 -5.50 -7.22 16.43
C GLU A 98 -6.17 -6.06 15.69
N ASP A 99 -6.43 -4.97 16.41
CA ASP A 99 -6.98 -3.74 15.81
C ASP A 99 -5.88 -2.93 15.10
N VAL A 100 -5.03 -3.65 14.35
CA VAL A 100 -3.91 -3.04 13.62
C VAL A 100 -4.39 -2.10 12.50
N LYS A 101 -3.76 -0.94 12.39
CA LYS A 101 -4.24 0.12 11.49
C LYS A 101 -3.11 0.66 10.58
N VAL A 102 -3.48 1.13 9.38
CA VAL A 102 -2.49 1.52 8.34
C VAL A 102 -2.61 3.00 7.93
N ILE A 103 -1.51 3.57 7.42
CA ILE A 103 -1.43 4.99 7.00
C ILE A 103 -0.92 5.10 5.55
N LEU A 104 -1.56 5.94 4.73
CA LEU A 104 -1.08 6.23 3.36
C LEU A 104 -0.66 7.70 3.19
N LYS A 105 0.63 7.93 2.99
CA LYS A 105 1.16 9.28 2.75
C LYS A 105 1.91 9.35 1.42
N ASN A 106 2.00 10.56 0.84
CA ASN A 106 2.75 10.75 -0.41
C ASN A 106 4.21 11.14 -0.16
N SER A 107 4.98 11.30 -1.23
CA SER A 107 6.38 11.74 -1.15
C SER A 107 6.51 13.09 -0.44
N GLN A 108 5.43 13.86 -0.40
CA GLN A 108 5.42 15.18 0.25
C GLN A 108 5.18 15.08 1.78
N GLY A 109 4.91 13.86 2.26
CA GLY A 109 4.73 13.64 3.70
C GLY A 109 3.28 13.76 4.16
N GLU A 110 2.44 14.42 3.37
CA GLU A 110 1.02 14.60 3.72
C GLU A 110 0.23 13.30 3.50
N GLU A 111 -0.86 13.16 4.27
CA GLU A 111 -1.61 11.90 4.32
C GLU A 111 -2.88 11.94 3.43
N VAL A 112 -3.05 10.93 2.58
CA VAL A 112 -4.24 10.82 1.74
C VAL A 112 -5.38 10.12 2.49
N ALA A 113 -5.11 8.93 3.01
CA ALA A 113 -6.15 8.14 3.69
C ALA A 113 -5.55 7.13 4.69
N GLN A 114 -6.43 6.58 5.52
CA GLN A 114 -6.04 5.57 6.52
C GLN A 114 -7.25 4.69 6.90
N ARG A 115 -6.98 3.46 7.35
CA ARG A 115 -8.04 2.51 7.71
C ARG A 115 -7.53 1.40 8.62
N SER A 116 -8.42 0.83 9.45
CA SER A 116 -8.03 -0.24 10.38
C SER A 116 -8.74 -1.56 10.05
N THR A 117 -8.44 -2.60 10.82
CA THR A 117 -9.13 -3.89 10.69
C THR A 117 -10.53 -3.85 11.34
N VAL A 118 -11.44 -4.64 10.78
CA VAL A 118 -12.83 -4.68 11.28
C VAL A 118 -13.07 -5.93 12.15
N PHE A 119 -13.88 -5.78 13.20
CA PHE A 119 -14.25 -6.90 14.07
C PHE A 119 -15.02 -7.98 13.28
N LYS A 120 -14.33 -9.05 12.88
CA LYS A 120 -14.93 -10.11 12.08
C LYS A 120 -15.00 -11.44 12.84
N THR A 121 -16.07 -12.20 12.58
CA THR A 121 -16.24 -13.56 13.14
C THR A 121 -16.83 -14.49 12.08
N THR A 122 -16.50 -14.24 10.82
CA THR A 122 -17.02 -15.00 9.68
C THR A 122 -16.32 -16.37 9.52
N MET A 1 21.08 5.72 -13.52
CA MET A 1 19.62 5.58 -13.80
C MET A 1 19.31 5.70 -15.30
N GLY A 2 20.36 5.75 -16.13
CA GLY A 2 20.17 5.80 -17.57
C GLY A 2 19.92 7.21 -18.12
N HIS A 3 19.65 7.30 -19.41
CA HIS A 3 19.39 8.59 -20.09
C HIS A 3 17.90 8.96 -20.03
N HIS A 4 17.19 8.38 -19.06
CA HIS A 4 15.75 8.59 -18.88
C HIS A 4 15.43 10.01 -18.37
N HIS A 5 15.70 11.02 -19.21
CA HIS A 5 15.53 12.43 -18.82
C HIS A 5 14.46 13.14 -19.67
N HIS A 6 13.28 13.36 -19.08
CA HIS A 6 12.20 14.12 -19.72
C HIS A 6 11.40 14.90 -18.69
N HIS A 7 10.31 15.54 -19.11
CA HIS A 7 9.44 16.29 -18.21
C HIS A 7 8.50 15.37 -17.42
N HIS A 8 8.56 15.45 -16.09
CA HIS A 8 7.74 14.60 -15.21
C HIS A 8 6.35 15.23 -14.98
N SER A 9 5.43 14.44 -14.43
CA SER A 9 4.05 14.90 -14.18
C SER A 9 3.65 14.73 -12.70
N HIS A 10 2.96 15.74 -12.15
CA HIS A 10 2.54 15.72 -10.75
C HIS A 10 1.14 15.10 -10.58
N MET A 11 1.09 13.98 -9.87
CA MET A 11 -0.17 13.30 -9.56
C MET A 11 -0.36 13.13 -8.04
N THR A 12 -1.60 13.29 -7.56
CA THR A 12 -1.92 13.08 -6.15
C THR A 12 -2.13 11.58 -5.86
N GLY A 13 -2.99 10.95 -6.66
CA GLY A 13 -3.23 9.52 -6.54
C GLY A 13 -4.49 9.17 -5.75
N ASN A 14 -5.58 8.85 -6.45
CA ASN A 14 -6.83 8.48 -5.79
C ASN A 14 -6.87 6.95 -5.55
N VAL A 15 -6.51 6.54 -4.34
CA VAL A 15 -6.52 5.13 -3.96
C VAL A 15 -7.13 4.94 -2.56
N CYS A 16 -7.76 3.80 -2.33
CA CYS A 16 -8.41 3.53 -1.04
C CYS A 16 -8.10 2.12 -0.52
N ILE A 17 -7.99 1.98 0.80
CA ILE A 17 -7.77 0.67 1.42
C ILE A 17 -9.04 -0.19 1.37
N GLU A 18 -9.12 -1.05 0.35
CA GLU A 18 -10.31 -1.86 0.13
C GLU A 18 -10.57 -2.80 1.31
N GLU A 19 -9.56 -3.58 1.69
CA GLU A 19 -9.68 -4.51 2.82
C GLU A 19 -8.31 -4.87 3.40
N ILE A 20 -8.26 -5.09 4.71
CA ILE A 20 -7.05 -5.58 5.37
C ILE A 20 -7.30 -6.99 5.94
N ASP A 21 -6.49 -7.95 5.51
CA ASP A 21 -6.74 -9.36 5.83
C ASP A 21 -6.93 -9.61 7.34
N VAL A 22 -7.98 -10.38 7.67
CA VAL A 22 -8.35 -10.64 9.06
C VAL A 22 -7.38 -11.62 9.77
N ASP A 23 -6.66 -12.42 8.98
CA ASP A 23 -5.68 -13.37 9.55
C ASP A 23 -4.31 -12.71 9.75
N GLY A 24 -4.05 -11.65 8.99
CA GLY A 24 -2.81 -10.89 9.13
C GLY A 24 -1.74 -11.27 8.11
N LYS A 25 -2.18 -11.77 6.95
CA LYS A 25 -1.25 -12.24 5.90
C LYS A 25 -0.97 -11.15 4.83
N PHE A 26 -1.92 -10.24 4.60
CA PHE A 26 -1.74 -9.22 3.55
C PHE A 26 -2.72 -8.04 3.69
N ILE A 27 -2.54 -7.04 2.82
CA ILE A 27 -3.46 -5.90 2.72
C ILE A 27 -3.88 -5.73 1.25
N ARG A 28 -5.09 -5.22 1.00
CA ARG A 28 -5.57 -5.05 -0.37
C ARG A 28 -6.15 -3.64 -0.61
N LEU A 29 -5.49 -2.89 -1.50
CA LEU A 29 -5.93 -1.54 -1.88
C LEU A 29 -6.49 -1.54 -3.30
N LYS A 30 -7.38 -0.61 -3.61
CA LYS A 30 -7.96 -0.50 -4.96
C LYS A 30 -7.73 0.89 -5.57
N ASN A 31 -7.12 0.93 -6.75
CA ASN A 31 -6.90 2.18 -7.46
C ASN A 31 -8.20 2.67 -8.10
N THR A 32 -8.88 3.60 -7.42
CA THR A 32 -10.15 4.14 -7.92
C THR A 32 -9.92 5.21 -8.99
N SER A 33 -8.65 5.51 -9.27
CA SER A 33 -8.29 6.45 -10.34
C SER A 33 -8.45 5.80 -11.72
N GLU A 34 -9.33 6.36 -12.54
CA GLU A 34 -9.60 5.81 -13.87
C GLU A 34 -8.55 6.29 -14.88
N GLN A 35 -7.28 5.94 -14.62
CA GLN A 35 -6.17 6.30 -15.50
C GLN A 35 -4.89 5.54 -15.08
N ASP A 36 -3.93 5.44 -16.00
CA ASP A 36 -2.62 4.84 -15.67
C ASP A 36 -1.85 5.73 -14.70
N GLN A 37 -1.84 5.35 -13.42
CA GLN A 37 -1.23 6.18 -12.37
C GLN A 37 0.12 5.62 -11.89
N PRO A 38 1.20 6.41 -11.95
CA PRO A 38 2.51 6.04 -11.40
C PRO A 38 2.49 6.05 -9.86
N MET A 39 3.07 5.01 -9.25
CA MET A 39 3.10 4.88 -7.78
C MET A 39 3.95 6.00 -7.13
N GLY A 40 4.82 6.62 -7.91
CA GLY A 40 5.65 7.71 -7.40
C GLY A 40 6.65 7.26 -6.34
N GLY A 41 6.40 7.66 -5.09
CA GLY A 41 7.29 7.29 -3.99
C GLY A 41 6.70 7.62 -2.63
N TRP A 42 5.55 7.01 -2.33
CA TRP A 42 4.85 7.25 -1.06
C TRP A 42 5.47 6.44 0.08
N GLU A 43 4.88 6.55 1.27
CA GLU A 43 5.32 5.77 2.43
C GLU A 43 4.13 5.31 3.28
N MET A 44 3.98 3.99 3.41
CA MET A 44 2.92 3.40 4.22
C MET A 44 3.42 3.03 5.62
N ILE A 45 2.83 3.65 6.65
CA ILE A 45 3.23 3.40 8.05
C ILE A 45 2.22 2.50 8.76
N ARG A 46 2.71 1.47 9.47
CA ARG A 46 1.82 0.56 10.20
C ARG A 46 2.01 0.67 11.72
N LYS A 47 0.91 0.80 12.44
CA LYS A 47 0.92 0.79 13.91
C LYS A 47 0.06 -0.35 14.47
N ILE A 48 0.60 -1.10 15.44
CA ILE A 48 -0.10 -2.26 16.00
C ILE A 48 0.44 -2.64 17.40
N GLY A 49 1.77 -2.62 17.55
CA GLY A 49 2.38 -3.00 18.82
C GLY A 49 3.82 -2.53 18.96
N ASP A 50 4.01 -1.37 19.59
CA ASP A 50 5.35 -0.83 19.90
C ASP A 50 6.20 -0.61 18.63
N THR A 51 5.55 -0.42 17.48
CA THR A 51 6.25 -0.27 16.20
C THR A 51 5.52 0.70 15.24
N SER A 52 6.30 1.45 14.47
CA SER A 52 5.75 2.31 13.42
C SER A 52 6.35 1.94 12.06
N VAL A 53 6.65 0.64 11.89
CA VAL A 53 7.27 0.12 10.66
C VAL A 53 6.61 0.69 9.39
N SER A 54 7.42 1.31 8.54
CA SER A 54 6.91 1.96 7.32
C SER A 54 7.51 1.33 6.04
N TYR A 55 6.87 1.62 4.90
CA TYR A 55 7.30 1.07 3.61
C TYR A 55 7.26 2.13 2.50
N LYS A 56 8.43 2.53 2.03
CA LYS A 56 8.55 3.43 0.87
C LYS A 56 8.18 2.72 -0.43
N TYR A 57 7.11 3.19 -1.09
CA TYR A 57 6.65 2.60 -2.35
C TYR A 57 7.58 2.92 -3.52
N THR A 58 7.45 2.15 -4.61
CA THR A 58 8.28 2.32 -5.80
C THR A 58 7.42 2.43 -7.07
N SER A 59 7.75 3.41 -7.92
CA SER A 59 7.02 3.60 -9.19
C SER A 59 7.61 2.74 -10.31
N ARG A 60 8.08 1.54 -9.95
CA ARG A 60 8.68 0.61 -10.92
C ARG A 60 7.69 0.23 -12.05
N TYR A 61 6.39 0.37 -11.79
CA TYR A 61 5.36 0.14 -12.81
C TYR A 61 4.21 1.13 -12.66
N VAL A 62 3.56 1.46 -13.77
CA VAL A 62 2.40 2.37 -13.77
C VAL A 62 1.11 1.58 -13.55
N LEU A 63 0.44 1.82 -12.42
CA LEU A 63 -0.72 1.03 -12.00
C LEU A 63 -1.94 1.27 -12.91
N LYS A 64 -2.62 0.19 -13.29
CA LYS A 64 -3.77 0.24 -14.20
C LYS A 64 -5.02 0.85 -13.51
N ALA A 65 -5.96 1.32 -14.33
CA ALA A 65 -7.20 1.92 -13.83
C ALA A 65 -8.14 0.87 -13.20
N GLY A 66 -8.62 1.15 -11.99
CA GLY A 66 -9.54 0.23 -11.31
C GLY A 66 -8.87 -1.06 -10.86
N GLN A 67 -7.54 -1.07 -10.77
CA GLN A 67 -6.78 -2.27 -10.41
C GLN A 67 -6.72 -2.46 -8.88
N THR A 68 -6.94 -3.69 -8.44
CA THR A 68 -6.84 -4.05 -7.02
C THR A 68 -5.46 -4.64 -6.70
N VAL A 69 -4.66 -3.89 -5.96
CA VAL A 69 -3.29 -4.31 -5.61
C VAL A 69 -3.22 -4.92 -4.20
N THR A 70 -2.54 -6.05 -4.09
CA THR A 70 -2.42 -6.77 -2.81
C THR A 70 -1.02 -6.59 -2.21
N ILE A 71 -0.93 -5.87 -1.09
CA ILE A 71 0.33 -5.71 -0.38
C ILE A 71 0.61 -6.95 0.50
N TRP A 72 1.47 -7.84 0.00
CA TRP A 72 1.81 -9.07 0.71
C TRP A 72 2.81 -8.80 1.85
N ALA A 73 2.98 -9.77 2.73
CA ALA A 73 3.99 -9.70 3.80
C ALA A 73 5.21 -10.58 3.47
N ALA A 74 6.22 -10.57 4.33
CA ALA A 74 7.41 -11.42 4.16
C ALA A 74 7.03 -12.91 4.01
N ASN A 75 5.86 -13.28 4.52
CA ASN A 75 5.37 -14.66 4.44
C ASN A 75 4.57 -14.91 3.14
N ALA A 76 4.76 -14.05 2.14
CA ALA A 76 4.04 -14.16 0.87
C ALA A 76 4.26 -15.50 0.15
N GLY A 77 5.46 -16.06 0.30
CA GLY A 77 5.78 -17.33 -0.37
C GLY A 77 6.18 -17.15 -1.83
N VAL A 78 5.47 -16.28 -2.54
CA VAL A 78 5.78 -15.97 -3.93
C VAL A 78 7.02 -15.07 -4.07
N THR A 79 7.38 -14.72 -5.30
CA THR A 79 8.53 -13.86 -5.57
C THR A 79 8.20 -12.38 -5.27
N ALA A 80 9.24 -11.57 -5.10
CA ALA A 80 9.07 -10.15 -4.74
C ALA A 80 8.57 -9.30 -5.92
N SER A 81 8.33 -9.92 -7.07
CA SER A 81 7.86 -9.18 -8.26
C SER A 81 6.86 -10.02 -9.08
N PRO A 82 5.55 -9.93 -8.75
CA PRO A 82 4.48 -10.62 -9.51
C PRO A 82 4.42 -10.30 -11.03
N PRO A 83 4.58 -9.02 -11.50
CA PRO A 83 4.84 -7.82 -10.70
C PRO A 83 3.60 -6.96 -10.42
N THR A 84 2.42 -7.55 -10.56
CA THR A 84 1.15 -6.84 -10.31
C THR A 84 1.05 -6.31 -8.88
N ASP A 85 1.35 -7.17 -7.91
CA ASP A 85 1.28 -6.80 -6.50
C ASP A 85 2.67 -6.43 -5.93
N LEU A 86 2.71 -6.08 -4.65
CA LEU A 86 3.97 -5.74 -3.97
C LEU A 86 4.12 -6.51 -2.66
N ILE A 87 5.27 -7.16 -2.49
CA ILE A 87 5.53 -7.94 -1.27
C ILE A 87 6.34 -7.12 -0.25
N TRP A 88 5.70 -6.74 0.85
CA TRP A 88 6.37 -5.99 1.92
C TRP A 88 7.27 -6.94 2.74
N LYS A 89 8.51 -7.12 2.28
CA LYS A 89 9.45 -8.07 2.90
C LYS A 89 9.95 -7.59 4.26
N ASN A 90 9.84 -6.29 4.53
CA ASN A 90 10.37 -5.69 5.76
C ASN A 90 9.60 -6.15 7.02
N GLN A 91 8.43 -6.76 6.83
CA GLN A 91 7.59 -7.20 7.96
C GLN A 91 6.88 -8.54 7.67
N ASN A 92 6.77 -9.38 8.70
CA ASN A 92 6.06 -10.66 8.59
C ASN A 92 4.57 -10.54 8.96
N SER A 93 3.88 -11.68 9.04
CA SER A 93 2.45 -11.71 9.42
C SER A 93 2.25 -11.11 10.82
N TRP A 94 1.34 -10.14 10.92
CA TRP A 94 1.19 -9.32 12.14
C TRP A 94 -0.02 -9.73 13.01
N GLY A 95 -0.75 -10.76 12.62
CA GLY A 95 -1.89 -11.23 13.41
C GLY A 95 -3.19 -10.47 13.14
N THR A 96 -3.12 -9.14 13.07
CA THR A 96 -4.29 -8.27 12.76
C THR A 96 -5.27 -8.09 13.94
N GLY A 97 -5.40 -9.11 14.79
CA GLY A 97 -6.38 -9.08 15.89
C GLY A 97 -6.29 -7.86 16.82
N GLU A 98 -5.12 -7.23 16.88
CA GLU A 98 -4.91 -6.08 17.76
C GLU A 98 -5.41 -4.74 17.16
N ASP A 99 -6.26 -4.82 16.14
CA ASP A 99 -6.75 -3.63 15.42
C ASP A 99 -5.57 -2.84 14.83
N VAL A 100 -4.99 -3.38 13.77
CA VAL A 100 -3.79 -2.78 13.16
C VAL A 100 -4.16 -1.62 12.23
N LYS A 101 -3.63 -0.43 12.55
CA LYS A 101 -3.94 0.78 11.78
C LYS A 101 -2.87 1.07 10.71
N VAL A 102 -3.31 1.13 9.45
CA VAL A 102 -2.43 1.43 8.32
C VAL A 102 -2.55 2.89 7.88
N ILE A 103 -1.41 3.56 7.70
CA ILE A 103 -1.37 4.98 7.33
C ILE A 103 -0.81 5.17 5.90
N LEU A 104 -1.61 5.76 5.01
CA LEU A 104 -1.17 6.04 3.64
C LEU A 104 -0.81 7.52 3.45
N LYS A 105 0.47 7.82 3.29
CA LYS A 105 0.93 9.20 3.08
C LYS A 105 1.72 9.36 1.77
N ASN A 106 1.49 10.48 1.10
CA ASN A 106 2.17 10.80 -0.16
C ASN A 106 3.62 11.27 0.08
N SER A 107 4.37 11.45 -1.00
CA SER A 107 5.77 11.93 -0.90
C SER A 107 5.85 13.30 -0.20
N GLN A 108 4.74 14.04 -0.19
CA GLN A 108 4.69 15.37 0.44
C GLN A 108 4.55 15.30 1.96
N GLY A 109 4.35 14.10 2.50
CA GLY A 109 4.18 13.94 3.95
C GLY A 109 2.72 13.99 4.40
N GLU A 110 1.84 14.51 3.54
CA GLU A 110 0.40 14.55 3.83
C GLU A 110 -0.26 13.19 3.54
N GLU A 111 -1.47 13.01 4.06
CA GLU A 111 -2.12 11.69 4.07
C GLU A 111 -3.24 11.55 3.02
N VAL A 112 -3.33 10.38 2.42
CA VAL A 112 -4.43 10.03 1.52
C VAL A 112 -5.63 9.49 2.33
N ALA A 113 -5.34 8.50 3.19
CA ALA A 113 -6.37 7.87 4.02
C ALA A 113 -5.73 6.91 5.04
N GLN A 114 -6.48 6.52 6.06
CA GLN A 114 -6.00 5.56 7.06
C GLN A 114 -7.15 4.64 7.53
N ARG A 115 -6.83 3.38 7.81
CA ARG A 115 -7.83 2.40 8.25
C ARG A 115 -7.23 1.33 9.16
N SER A 116 -8.01 0.89 10.15
CA SER A 116 -7.61 -0.23 11.02
C SER A 116 -8.44 -1.48 10.72
N THR A 117 -8.16 -2.59 11.41
CA THR A 117 -8.81 -3.87 11.13
C THR A 117 -9.96 -4.19 12.09
N VAL A 118 -11.15 -4.37 11.54
CA VAL A 118 -12.29 -4.86 12.32
C VAL A 118 -12.17 -6.39 12.50
N PHE A 119 -11.61 -6.81 13.62
CA PHE A 119 -11.40 -8.24 13.90
C PHE A 119 -12.71 -9.05 13.85
N LYS A 120 -12.81 -9.93 12.85
CA LYS A 120 -13.99 -10.77 12.66
C LYS A 120 -13.67 -12.27 12.86
N THR A 121 -14.70 -13.05 13.15
CA THR A 121 -14.58 -14.50 13.26
C THR A 121 -15.78 -15.19 12.57
N THR A 122 -15.60 -15.57 11.30
CA THR A 122 -16.69 -16.14 10.50
C THR A 122 -16.17 -16.93 9.28
N MET A 1 2.38 22.27 -38.82
CA MET A 1 3.52 21.56 -38.16
C MET A 1 3.67 22.00 -36.70
N GLY A 2 4.57 21.35 -35.97
CA GLY A 2 4.83 21.71 -34.58
C GLY A 2 4.09 20.83 -33.59
N HIS A 3 4.70 20.58 -32.43
CA HIS A 3 4.09 19.74 -31.40
C HIS A 3 3.35 20.58 -30.35
N HIS A 4 2.23 20.04 -29.86
CA HIS A 4 1.46 20.69 -28.79
C HIS A 4 1.14 19.70 -27.67
N HIS A 5 1.52 20.05 -26.44
CA HIS A 5 1.29 19.17 -25.28
C HIS A 5 -0.21 19.06 -24.94
N HIS A 6 -0.73 17.84 -24.92
CA HIS A 6 -2.13 17.60 -24.56
C HIS A 6 -2.22 16.45 -23.53
N HIS A 7 -3.38 16.30 -22.87
CA HIS A 7 -3.54 15.33 -21.77
C HIS A 7 -2.71 15.72 -20.53
N HIS A 8 -2.54 17.02 -20.33
CA HIS A 8 -1.73 17.53 -19.21
C HIS A 8 -2.54 17.50 -17.90
N SER A 9 -2.74 16.29 -17.36
CA SER A 9 -3.55 16.11 -16.13
C SER A 9 -2.66 16.03 -14.86
N HIS A 10 -3.31 15.89 -13.70
CA HIS A 10 -2.61 15.79 -12.41
C HIS A 10 -3.29 14.78 -11.48
N MET A 11 -2.55 13.77 -11.04
CA MET A 11 -3.07 12.73 -10.15
C MET A 11 -2.14 12.44 -8.97
N THR A 12 -2.64 12.65 -7.75
CA THR A 12 -1.87 12.40 -6.51
C THR A 12 -2.16 11.01 -5.94
N GLY A 13 -1.91 10.81 -4.64
CA GLY A 13 -2.17 9.52 -4.00
C GLY A 13 -3.65 9.14 -3.95
N ASN A 14 -4.18 8.68 -5.09
CA ASN A 14 -5.60 8.29 -5.20
C ASN A 14 -5.80 6.77 -5.03
N VAL A 15 -4.72 6.05 -4.74
CA VAL A 15 -4.79 4.62 -4.45
C VAL A 15 -5.00 4.37 -2.95
N CYS A 16 -6.26 4.20 -2.55
CA CYS A 16 -6.61 4.08 -1.12
C CYS A 16 -6.70 2.62 -0.68
N ILE A 17 -6.46 2.37 0.61
CA ILE A 17 -6.59 1.02 1.18
C ILE A 17 -8.06 0.55 1.12
N GLU A 18 -8.29 -0.62 0.53
CA GLU A 18 -9.64 -1.18 0.46
C GLU A 18 -9.90 -2.12 1.65
N GLU A 19 -9.01 -3.08 1.85
CA GLU A 19 -9.17 -4.09 2.89
C GLU A 19 -7.82 -4.71 3.29
N ILE A 20 -7.77 -5.28 4.49
CA ILE A 20 -6.58 -5.99 4.98
C ILE A 20 -6.98 -7.42 5.42
N ASP A 21 -6.10 -8.39 5.19
CA ASP A 21 -6.37 -9.78 5.59
C ASP A 21 -6.64 -9.89 7.10
N VAL A 22 -7.64 -10.69 7.47
CA VAL A 22 -8.08 -10.82 8.86
C VAL A 22 -6.99 -11.45 9.75
N ASP A 23 -6.24 -12.41 9.21
CA ASP A 23 -5.16 -13.05 9.95
C ASP A 23 -3.89 -12.19 9.91
N GLY A 24 -3.27 -12.09 8.74
CA GLY A 24 -2.10 -11.24 8.60
C GLY A 24 -1.16 -11.62 7.46
N LYS A 25 -1.72 -12.04 6.32
CA LYS A 25 -0.89 -12.38 5.15
C LYS A 25 -0.63 -11.16 4.24
N PHE A 26 -1.69 -10.44 3.87
CA PHE A 26 -1.57 -9.38 2.85
C PHE A 26 -2.48 -8.17 3.11
N ILE A 27 -2.15 -7.04 2.45
CA ILE A 27 -2.99 -5.84 2.47
C ILE A 27 -3.43 -5.49 1.03
N ARG A 28 -4.69 -5.11 0.84
CA ARG A 28 -5.21 -4.85 -0.50
C ARG A 28 -5.62 -3.37 -0.70
N LEU A 29 -4.93 -2.69 -1.62
CA LEU A 29 -5.24 -1.28 -1.96
C LEU A 29 -5.94 -1.20 -3.34
N LYS A 30 -6.80 -0.20 -3.52
CA LYS A 30 -7.54 -0.05 -4.77
C LYS A 30 -7.31 1.34 -5.40
N ASN A 31 -7.00 1.37 -6.70
CA ASN A 31 -6.91 2.64 -7.44
C ASN A 31 -8.30 3.05 -7.96
N THR A 32 -8.85 4.13 -7.42
CA THR A 32 -10.19 4.59 -7.82
C THR A 32 -10.11 5.73 -8.86
N SER A 33 -8.94 5.93 -9.45
CA SER A 33 -8.75 6.95 -10.48
C SER A 33 -9.08 6.42 -11.88
N GLU A 34 -8.90 7.25 -12.90
CA GLU A 34 -9.19 6.87 -14.29
C GLU A 34 -7.92 6.45 -15.05
N GLN A 35 -6.76 6.87 -14.53
CA GLN A 35 -5.48 6.64 -15.20
C GLN A 35 -4.69 5.47 -14.59
N ASP A 36 -3.80 4.88 -15.39
CA ASP A 36 -2.86 3.87 -14.90
C ASP A 36 -1.89 4.49 -13.87
N GLN A 37 -2.26 4.44 -12.60
CA GLN A 37 -1.51 5.13 -11.54
C GLN A 37 -0.21 4.39 -11.16
N PRO A 38 0.95 5.02 -11.38
CA PRO A 38 2.24 4.44 -10.98
C PRO A 38 2.40 4.37 -9.46
N MET A 39 3.04 3.31 -8.97
CA MET A 39 3.26 3.12 -7.52
C MET A 39 3.90 4.37 -6.86
N GLY A 40 4.64 5.14 -7.67
CA GLY A 40 5.19 6.42 -7.22
C GLY A 40 6.23 6.29 -6.11
N GLY A 41 5.81 6.55 -4.88
CA GLY A 41 6.72 6.53 -3.73
C GLY A 41 6.04 7.03 -2.46
N TRP A 42 4.92 6.41 -2.11
CA TRP A 42 4.11 6.86 -0.97
C TRP A 42 4.54 6.20 0.35
N GLU A 43 4.30 6.90 1.45
CA GLU A 43 4.64 6.40 2.79
C GLU A 43 3.45 5.76 3.49
N MET A 44 3.57 4.47 3.80
CA MET A 44 2.52 3.73 4.53
C MET A 44 2.87 3.64 6.02
N ILE A 45 2.19 4.43 6.84
CA ILE A 45 2.43 4.44 8.28
C ILE A 45 1.50 3.45 9.00
N ARG A 46 2.09 2.43 9.62
CA ARG A 46 1.31 1.42 10.35
C ARG A 46 1.63 1.43 11.84
N LYS A 47 0.60 1.32 12.67
CA LYS A 47 0.79 1.20 14.13
C LYS A 47 -0.07 0.07 14.70
N ILE A 48 0.59 -0.93 15.26
CA ILE A 48 -0.11 -2.09 15.85
C ILE A 48 0.08 -2.14 17.37
N GLY A 49 -1.02 -2.07 18.10
CA GLY A 49 -0.94 -1.94 19.56
C GLY A 49 -0.39 -0.58 19.99
N ASP A 50 0.94 -0.44 19.91
CA ASP A 50 1.60 0.85 20.14
C ASP A 50 2.90 0.98 19.32
N THR A 51 3.42 -0.14 18.81
CA THR A 51 4.64 -0.12 17.99
C THR A 51 4.33 0.31 16.54
N SER A 52 5.24 1.06 15.93
CA SER A 52 4.99 1.66 14.61
C SER A 52 6.06 1.27 13.58
N VAL A 53 5.64 1.20 12.31
CA VAL A 53 6.54 0.90 11.19
C VAL A 53 6.05 1.60 9.92
N SER A 54 6.98 2.05 9.08
CA SER A 54 6.63 2.78 7.84
C SER A 54 7.30 2.17 6.60
N TYR A 55 6.50 1.87 5.58
CA TYR A 55 7.02 1.28 4.33
C TYR A 55 6.71 2.19 3.13
N LYS A 56 7.70 2.35 2.25
CA LYS A 56 7.53 3.19 1.05
C LYS A 56 7.23 2.35 -0.20
N TYR A 57 6.21 2.75 -0.96
CA TYR A 57 5.83 2.07 -2.19
C TYR A 57 6.63 2.58 -3.40
N THR A 58 7.73 1.90 -3.73
CA THR A 58 8.59 2.29 -4.86
C THR A 58 7.93 2.01 -6.22
N SER A 59 8.06 2.95 -7.16
CA SER A 59 7.45 2.81 -8.49
C SER A 59 8.18 1.77 -9.35
N ARG A 60 7.73 0.52 -9.29
CA ARG A 60 8.24 -0.53 -10.18
C ARG A 60 7.22 -0.95 -11.24
N TYR A 61 5.95 -0.60 -11.03
CA TYR A 61 4.90 -0.81 -12.03
C TYR A 61 3.71 0.12 -11.78
N VAL A 62 2.66 0.00 -12.61
CA VAL A 62 1.47 0.86 -12.51
C VAL A 62 0.21 0.07 -12.14
N LEU A 63 -0.80 0.78 -11.61
CA LEU A 63 -2.07 0.18 -11.21
C LEU A 63 -3.23 0.88 -11.93
N LYS A 64 -3.93 0.16 -12.82
CA LYS A 64 -4.98 0.77 -13.65
C LYS A 64 -6.27 1.06 -12.86
N ALA A 65 -7.17 1.81 -13.49
CA ALA A 65 -8.47 2.17 -12.88
C ALA A 65 -9.24 0.95 -12.34
N GLY A 66 -9.65 1.03 -11.08
CA GLY A 66 -10.45 -0.03 -10.47
C GLY A 66 -9.63 -1.23 -10.00
N GLN A 67 -8.41 -1.37 -10.50
CA GLN A 67 -7.56 -2.51 -10.18
C GLN A 67 -7.04 -2.45 -8.73
N THR A 68 -7.05 -3.60 -8.04
CA THR A 68 -6.56 -3.69 -6.66
C THR A 68 -5.19 -4.37 -6.57
N VAL A 69 -4.27 -3.77 -5.83
CA VAL A 69 -2.92 -4.34 -5.62
C VAL A 69 -2.84 -5.10 -4.29
N THR A 70 -2.13 -6.22 -4.30
CA THR A 70 -1.99 -7.08 -3.10
C THR A 70 -0.57 -7.04 -2.53
N ILE A 71 -0.46 -6.65 -1.26
CA ILE A 71 0.84 -6.51 -0.59
C ILE A 71 1.08 -7.67 0.39
N TRP A 72 1.90 -8.64 -0.01
CA TRP A 72 2.21 -9.80 0.84
C TRP A 72 3.32 -9.49 1.86
N ALA A 73 3.06 -9.74 3.13
CA ALA A 73 4.04 -9.47 4.19
C ALA A 73 5.16 -10.52 4.24
N ALA A 74 6.15 -10.37 3.35
CA ALA A 74 7.35 -11.24 3.29
C ALA A 74 7.03 -12.70 2.93
N ASN A 75 6.34 -13.41 3.82
CA ASN A 75 6.06 -14.84 3.65
C ASN A 75 5.04 -15.11 2.53
N ALA A 76 5.49 -14.99 1.28
CA ALA A 76 4.63 -15.24 0.12
C ALA A 76 4.91 -16.61 -0.52
N GLY A 77 6.19 -16.90 -0.76
CA GLY A 77 6.58 -18.18 -1.37
C GLY A 77 6.55 -18.14 -2.90
N VAL A 78 5.59 -17.41 -3.45
CA VAL A 78 5.44 -17.28 -4.91
C VAL A 78 6.49 -16.33 -5.52
N THR A 79 6.34 -16.05 -6.81
CA THR A 79 7.26 -15.15 -7.54
C THR A 79 7.41 -13.80 -6.82
N ALA A 80 8.65 -13.45 -6.47
CA ALA A 80 8.94 -12.27 -5.66
C ALA A 80 8.65 -10.95 -6.39
N SER A 81 7.42 -10.44 -6.21
CA SER A 81 7.04 -9.08 -6.63
C SER A 81 6.91 -8.89 -8.15
N PRO A 82 5.71 -9.19 -8.69
CA PRO A 82 5.29 -8.73 -10.05
C PRO A 82 5.50 -7.19 -10.25
N PRO A 83 5.12 -6.51 -11.40
CA PRO A 83 3.89 -6.53 -12.24
C PRO A 83 2.56 -7.17 -11.75
N THR A 84 2.16 -6.83 -10.51
CA THR A 84 0.76 -6.99 -10.00
C THR A 84 0.72 -7.04 -8.47
N ASP A 85 1.50 -7.96 -7.87
CA ASP A 85 1.59 -8.07 -6.40
C ASP A 85 2.93 -7.50 -5.89
N LEU A 86 2.96 -7.13 -4.60
CA LEU A 86 4.20 -6.64 -3.96
C LEU A 86 4.52 -7.44 -2.68
N ILE A 87 5.80 -7.73 -2.48
CA ILE A 87 6.25 -8.43 -1.27
C ILE A 87 6.96 -7.45 -0.30
N TRP A 88 6.37 -7.27 0.88
CA TRP A 88 6.96 -6.42 1.92
C TRP A 88 8.15 -7.14 2.59
N LYS A 89 9.36 -6.69 2.28
CA LYS A 89 10.59 -7.36 2.74
C LYS A 89 10.98 -6.95 4.17
N ASN A 90 10.26 -5.99 4.76
CA ASN A 90 10.60 -5.48 6.10
C ASN A 90 9.87 -6.24 7.22
N GLN A 91 8.58 -6.52 7.02
CA GLN A 91 7.78 -7.22 8.03
C GLN A 91 7.20 -8.54 7.48
N ASN A 92 7.14 -9.56 8.33
CA ASN A 92 6.58 -10.86 7.96
C ASN A 92 5.09 -10.96 8.32
N SER A 93 4.47 -12.07 7.97
CA SER A 93 3.04 -12.30 8.27
C SER A 93 2.78 -12.26 9.79
N TRP A 94 2.05 -11.25 10.23
CA TRP A 94 1.84 -11.01 11.66
C TRP A 94 0.83 -11.99 12.29
N GLY A 95 -0.18 -12.41 11.51
CA GLY A 95 -1.18 -13.37 12.00
C GLY A 95 -1.76 -13.04 13.37
N THR A 96 -2.23 -11.80 13.55
CA THR A 96 -2.71 -11.34 14.86
C THR A 96 -4.23 -11.43 15.00
N GLY A 97 -4.96 -10.99 13.97
CA GLY A 97 -6.41 -10.91 14.06
C GLY A 97 -6.89 -9.66 14.81
N GLU A 98 -6.11 -9.24 15.81
CA GLU A 98 -6.39 -8.00 16.55
C GLU A 98 -6.31 -6.78 15.62
N ASP A 99 -7.12 -5.77 15.94
CA ASP A 99 -7.26 -4.58 15.07
C ASP A 99 -5.97 -3.75 14.95
N VAL A 100 -5.55 -3.51 13.71
CA VAL A 100 -4.40 -2.64 13.42
C VAL A 100 -4.78 -1.51 12.46
N LYS A 101 -4.24 -0.32 12.69
CA LYS A 101 -4.59 0.87 11.89
C LYS A 101 -3.43 1.31 10.98
N VAL A 102 -3.77 1.61 9.72
CA VAL A 102 -2.76 1.99 8.70
C VAL A 102 -3.12 3.33 8.02
N ILE A 103 -2.08 4.10 7.69
CA ILE A 103 -2.24 5.43 7.08
C ILE A 103 -1.42 5.54 5.77
N LEU A 104 -1.98 6.22 4.76
CA LEU A 104 -1.26 6.45 3.50
C LEU A 104 -0.99 7.96 3.28
N LYS A 105 0.29 8.31 3.16
CA LYS A 105 0.70 9.69 2.89
C LYS A 105 1.55 9.77 1.62
N ASN A 106 1.43 10.89 0.89
CA ASN A 106 2.34 11.17 -0.21
C ASN A 106 3.69 11.68 0.34
N SER A 107 4.76 11.47 -0.41
CA SER A 107 6.13 11.75 0.06
C SER A 107 6.41 13.24 0.27
N GLN A 108 5.38 14.09 0.17
CA GLN A 108 5.52 15.53 0.45
C GLN A 108 5.10 15.86 1.90
N GLY A 109 4.76 14.82 2.67
CA GLY A 109 4.29 15.02 4.04
C GLY A 109 2.81 15.37 4.10
N GLU A 110 2.02 14.76 3.22
CA GLU A 110 0.58 15.04 3.14
C GLU A 110 -0.26 13.75 3.27
N GLU A 111 -1.21 13.77 4.20
CA GLU A 111 -2.02 12.59 4.52
C GLU A 111 -3.31 12.56 3.69
N VAL A 112 -3.59 11.42 3.04
CA VAL A 112 -4.76 11.29 2.17
C VAL A 112 -5.69 10.14 2.60
N ALA A 113 -5.19 8.90 2.54
CA ALA A 113 -6.02 7.72 2.82
C ALA A 113 -5.77 7.16 4.23
N GLN A 114 -6.83 6.64 4.85
CA GLN A 114 -6.74 6.04 6.19
C GLN A 114 -7.71 4.86 6.32
N ARG A 115 -7.27 3.78 6.99
CA ARG A 115 -8.14 2.61 7.22
C ARG A 115 -7.56 1.66 8.28
N SER A 116 -8.42 1.19 9.17
CA SER A 116 -8.05 0.16 10.16
C SER A 116 -8.76 -1.17 9.86
N THR A 117 -8.17 -2.28 10.30
CA THR A 117 -8.76 -3.61 10.09
C THR A 117 -10.12 -3.74 10.80
N VAL A 118 -11.18 -3.74 10.01
CA VAL A 118 -12.54 -3.88 10.55
C VAL A 118 -12.74 -5.24 11.26
N PHE A 119 -12.58 -5.23 12.58
CA PHE A 119 -12.80 -6.44 13.39
C PHE A 119 -14.29 -6.82 13.40
N LYS A 120 -14.57 -8.11 13.23
CA LYS A 120 -15.95 -8.58 13.10
C LYS A 120 -16.32 -9.62 14.17
N THR A 121 -17.51 -9.46 14.75
CA THR A 121 -18.05 -10.43 15.71
C THR A 121 -19.51 -10.79 15.36
N THR A 122 -19.69 -11.89 14.63
CA THR A 122 -21.03 -12.31 14.20
C THR A 122 -21.31 -13.77 14.60
N MET A 1 29.33 20.65 -16.97
CA MET A 1 27.88 20.99 -16.99
C MET A 1 27.07 19.90 -17.71
N GLY A 2 26.05 19.37 -17.04
CA GLY A 2 25.21 18.33 -17.63
C GLY A 2 24.05 17.91 -16.74
N HIS A 3 23.34 18.88 -16.17
CA HIS A 3 22.15 18.59 -15.35
C HIS A 3 20.88 18.74 -16.19
N HIS A 4 20.38 17.63 -16.73
CA HIS A 4 19.22 17.65 -17.63
C HIS A 4 17.91 17.81 -16.86
N HIS A 5 17.04 18.70 -17.35
CA HIS A 5 15.73 18.94 -16.76
C HIS A 5 14.63 18.77 -17.83
N HIS A 6 13.56 18.05 -17.49
CA HIS A 6 12.49 17.77 -18.45
C HIS A 6 11.28 18.68 -18.21
N HIS A 7 10.46 18.35 -17.21
CA HIS A 7 9.24 19.12 -16.91
C HIS A 7 8.61 18.66 -15.58
N HIS A 8 7.71 19.47 -15.04
CA HIS A 8 6.95 19.09 -13.84
C HIS A 8 5.50 18.72 -14.21
N SER A 9 4.90 17.80 -13.44
CA SER A 9 3.55 17.32 -13.75
C SER A 9 2.79 16.93 -12.48
N HIS A 10 1.48 16.69 -12.60
CA HIS A 10 0.63 16.37 -11.45
C HIS A 10 0.25 14.87 -11.43
N MET A 11 0.36 14.25 -10.26
CA MET A 11 0.05 12.83 -10.11
C MET A 11 -1.45 12.61 -9.81
N THR A 12 -2.18 12.08 -10.79
CA THR A 12 -3.61 11.80 -10.63
C THR A 12 -3.86 10.37 -10.12
N GLY A 13 -2.78 9.65 -9.84
CA GLY A 13 -2.88 8.28 -9.35
C GLY A 13 -3.30 8.19 -7.88
N ASN A 14 -4.60 8.28 -7.64
CA ASN A 14 -5.16 8.17 -6.29
C ASN A 14 -5.39 6.71 -5.89
N VAL A 15 -4.41 6.11 -5.21
CA VAL A 15 -4.51 4.73 -4.74
C VAL A 15 -4.79 4.67 -3.23
N CYS A 16 -5.81 3.92 -2.84
CA CYS A 16 -6.21 3.82 -1.42
C CYS A 16 -6.45 2.35 -1.01
N ILE A 17 -6.31 2.06 0.28
CA ILE A 17 -6.49 0.70 0.79
C ILE A 17 -7.92 0.18 0.58
N GLU A 18 -8.05 -0.93 -0.15
CA GLU A 18 -9.34 -1.58 -0.35
C GLU A 18 -9.84 -2.19 0.96
N GLU A 19 -9.00 -3.04 1.56
CA GLU A 19 -9.25 -3.60 2.89
C GLU A 19 -8.12 -4.58 3.29
N ILE A 20 -8.00 -4.84 4.58
CA ILE A 20 -6.94 -5.73 5.10
C ILE A 20 -7.44 -7.17 5.28
N ASP A 21 -6.53 -8.14 5.21
CA ASP A 21 -6.87 -9.55 5.43
C ASP A 21 -7.48 -9.78 6.83
N VAL A 22 -8.39 -10.75 6.92
CA VAL A 22 -9.09 -11.05 8.18
C VAL A 22 -8.14 -11.63 9.24
N ASP A 23 -7.07 -12.30 8.80
CA ASP A 23 -6.07 -12.87 9.71
C ASP A 23 -4.90 -11.89 9.92
N GLY A 24 -4.56 -11.14 8.86
CA GLY A 24 -3.50 -10.13 8.93
C GLY A 24 -2.33 -10.42 7.99
N LYS A 25 -2.49 -11.38 7.09
CA LYS A 25 -1.41 -11.82 6.21
C LYS A 25 -1.03 -10.77 5.15
N PHE A 26 -1.97 -9.92 4.74
CA PHE A 26 -1.72 -8.95 3.67
C PHE A 26 -2.69 -7.76 3.69
N ILE A 27 -2.29 -6.67 3.05
CA ILE A 27 -3.13 -5.46 2.91
C ILE A 27 -3.28 -5.06 1.43
N ARG A 28 -4.50 -5.08 0.91
CA ARG A 28 -4.72 -4.78 -0.52
C ARG A 28 -5.18 -3.33 -0.75
N LEU A 29 -4.55 -2.66 -1.72
CA LEU A 29 -4.91 -1.28 -2.10
C LEU A 29 -5.59 -1.23 -3.47
N LYS A 30 -6.69 -0.48 -3.58
CA LYS A 30 -7.39 -0.30 -4.85
C LYS A 30 -7.11 1.06 -5.48
N ASN A 31 -6.86 1.08 -6.79
CA ASN A 31 -6.67 2.32 -7.53
C ASN A 31 -8.03 2.94 -7.92
N THR A 32 -8.39 4.04 -7.25
CA THR A 32 -9.68 4.70 -7.51
C THR A 32 -9.54 5.87 -8.49
N SER A 33 -8.42 5.89 -9.22
CA SER A 33 -8.16 6.93 -10.24
C SER A 33 -9.09 6.78 -11.46
N GLU A 34 -9.25 7.86 -12.22
CA GLU A 34 -10.08 7.86 -13.42
C GLU A 34 -9.38 7.13 -14.59
N GLN A 35 -8.05 7.12 -14.58
CA GLN A 35 -7.28 6.46 -15.64
C GLN A 35 -6.09 5.69 -15.06
N ASP A 36 -5.48 4.83 -15.88
CA ASP A 36 -4.31 4.05 -15.45
C ASP A 36 -3.08 4.96 -15.23
N GLN A 37 -2.59 5.01 -14.00
CA GLN A 37 -1.45 5.87 -13.64
C GLN A 37 -0.41 5.11 -12.80
N PRO A 38 0.90 5.40 -13.00
CA PRO A 38 1.98 4.82 -12.18
C PRO A 38 1.85 5.19 -10.68
N MET A 39 2.28 4.27 -9.80
CA MET A 39 2.13 4.46 -8.35
C MET A 39 2.77 5.77 -7.86
N GLY A 40 4.02 6.01 -8.26
CA GLY A 40 4.71 7.23 -7.87
C GLY A 40 5.38 7.15 -6.50
N GLY A 41 5.00 8.05 -5.60
CA GLY A 41 5.62 8.11 -4.27
C GLY A 41 4.60 8.01 -3.14
N TRP A 42 4.59 6.87 -2.44
CA TRP A 42 3.70 6.65 -1.29
C TRP A 42 4.46 6.02 -0.12
N GLU A 43 3.87 6.05 1.07
CA GLU A 43 4.47 5.40 2.25
C GLU A 43 3.38 4.92 3.22
N MET A 44 3.32 3.61 3.43
CA MET A 44 2.34 3.01 4.36
C MET A 44 2.93 2.86 5.78
N ILE A 45 2.33 3.54 6.75
CA ILE A 45 2.74 3.40 8.15
C ILE A 45 1.74 2.52 8.93
N ARG A 46 2.11 1.27 9.18
CA ARG A 46 1.23 0.32 9.86
C ARG A 46 1.42 0.35 11.38
N LYS A 47 0.35 0.67 12.11
CA LYS A 47 0.38 0.72 13.57
C LYS A 47 -0.35 -0.48 14.19
N ILE A 48 0.40 -1.36 14.87
CA ILE A 48 -0.17 -2.59 15.44
C ILE A 48 0.56 -2.97 16.74
N GLY A 49 -0.20 -3.39 17.75
CA GLY A 49 0.40 -3.78 19.03
C GLY A 49 1.28 -2.70 19.66
N ASP A 50 0.85 -1.44 19.49
CA ASP A 50 1.55 -0.26 20.03
C ASP A 50 2.89 0.03 19.29
N THR A 51 3.30 -0.84 18.37
CA THR A 51 4.51 -0.59 17.56
C THR A 51 4.15 -0.13 16.15
N SER A 52 5.15 0.26 15.37
CA SER A 52 4.92 0.77 14.01
C SER A 52 5.96 0.24 13.01
N VAL A 53 5.54 0.13 11.76
CA VAL A 53 6.43 -0.27 10.66
C VAL A 53 5.97 0.37 9.34
N SER A 54 6.89 0.99 8.61
CA SER A 54 6.56 1.71 7.38
C SER A 54 7.00 0.95 6.12
N TYR A 55 6.24 1.12 5.04
CA TYR A 55 6.56 0.52 3.74
C TYR A 55 6.55 1.59 2.64
N LYS A 56 7.72 1.88 2.09
CA LYS A 56 7.85 2.91 1.04
C LYS A 56 7.58 2.33 -0.34
N TYR A 57 6.65 2.96 -1.07
CA TYR A 57 6.24 2.48 -2.40
C TYR A 57 7.14 3.01 -3.52
N THR A 58 6.98 2.43 -4.72
CA THR A 58 7.78 2.82 -5.89
C THR A 58 6.93 2.88 -7.16
N SER A 59 7.41 3.62 -8.15
CA SER A 59 6.70 3.78 -9.43
C SER A 59 7.06 2.67 -10.44
N ARG A 60 7.53 1.53 -9.92
CA ARG A 60 7.99 0.42 -10.79
C ARG A 60 6.83 -0.26 -11.55
N TYR A 61 5.60 0.18 -11.30
CA TYR A 61 4.42 -0.41 -11.96
C TYR A 61 3.28 0.62 -12.12
N VAL A 62 2.39 0.36 -13.08
CA VAL A 62 1.27 1.26 -13.37
C VAL A 62 -0.05 0.71 -12.82
N LEU A 63 -0.73 1.52 -12.00
CA LEU A 63 -2.03 1.14 -11.43
C LEU A 63 -3.18 1.43 -12.40
N LYS A 64 -3.78 0.38 -12.95
CA LYS A 64 -4.93 0.53 -13.85
C LYS A 64 -6.23 0.74 -13.06
N ALA A 65 -7.14 1.55 -13.60
CA ALA A 65 -8.41 1.87 -12.93
C ALA A 65 -9.17 0.61 -12.51
N GLY A 66 -9.41 0.46 -11.20
CA GLY A 66 -10.08 -0.73 -10.68
C GLY A 66 -9.11 -1.80 -10.20
N GLN A 67 -8.03 -2.04 -10.94
CA GLN A 67 -7.06 -3.08 -10.59
C GLN A 67 -6.34 -2.76 -9.28
N THR A 68 -6.12 -3.77 -8.44
CA THR A 68 -5.58 -3.57 -7.09
C THR A 68 -4.16 -4.12 -6.93
N VAL A 69 -3.41 -3.54 -6.00
CA VAL A 69 -2.08 -4.04 -5.63
C VAL A 69 -2.08 -4.56 -4.19
N THR A 70 -1.70 -5.82 -4.00
CA THR A 70 -1.69 -6.43 -2.67
C THR A 70 -0.31 -6.32 -2.00
N ILE A 71 -0.27 -5.74 -0.81
CA ILE A 71 0.95 -5.68 -0.02
C ILE A 71 1.11 -6.96 0.81
N TRP A 72 1.92 -7.88 0.32
CA TRP A 72 2.18 -9.13 1.02
C TRP A 72 3.28 -8.97 2.07
N ALA A 73 3.62 -10.06 2.76
CA ALA A 73 4.74 -10.05 3.72
C ALA A 73 5.95 -10.79 3.15
N ALA A 74 7.10 -10.70 3.83
CA ALA A 74 8.33 -11.39 3.39
C ALA A 74 8.08 -12.89 3.12
N ASN A 75 7.18 -13.50 3.90
CA ASN A 75 6.83 -14.91 3.76
C ASN A 75 5.56 -15.11 2.90
N ALA A 76 5.36 -14.21 1.94
CA ALA A 76 4.17 -14.25 1.06
C ALA A 76 3.90 -15.64 0.47
N GLY A 77 4.94 -16.26 -0.09
CA GLY A 77 4.78 -17.55 -0.76
C GLY A 77 4.89 -17.42 -2.27
N VAL A 78 4.41 -16.29 -2.80
CA VAL A 78 4.57 -15.95 -4.22
C VAL A 78 6.01 -15.50 -4.53
N THR A 79 6.26 -15.00 -5.73
CA THR A 79 7.59 -14.51 -6.11
C THR A 79 7.94 -13.22 -5.36
N ALA A 80 9.23 -13.04 -5.05
CA ALA A 80 9.70 -11.86 -4.29
C ALA A 80 9.61 -10.56 -5.11
N SER A 81 9.09 -10.66 -6.33
CA SER A 81 8.83 -9.50 -7.20
C SER A 81 7.99 -9.92 -8.42
N PRO A 82 6.65 -9.92 -8.28
CA PRO A 82 5.72 -10.37 -9.35
C PRO A 82 5.90 -9.69 -10.74
N PRO A 83 6.03 -8.33 -10.85
CA PRO A 83 6.06 -7.37 -9.74
C PRO A 83 4.74 -6.60 -9.52
N THR A 84 3.61 -7.15 -9.98
CA THR A 84 2.30 -6.50 -9.79
C THR A 84 2.00 -6.22 -8.30
N ASP A 85 2.32 -7.17 -7.43
CA ASP A 85 2.14 -6.98 -5.99
C ASP A 85 3.45 -6.54 -5.31
N LEU A 86 3.35 -6.04 -4.08
CA LEU A 86 4.52 -5.57 -3.33
C LEU A 86 4.72 -6.38 -2.04
N ILE A 87 5.92 -6.94 -1.86
CA ILE A 87 6.25 -7.72 -0.67
C ILE A 87 6.87 -6.83 0.42
N TRP A 88 6.31 -6.90 1.63
CA TRP A 88 6.83 -6.14 2.77
C TRP A 88 8.19 -6.72 3.21
N LYS A 89 9.23 -6.36 2.48
CA LYS A 89 10.58 -6.92 2.70
C LYS A 89 11.10 -6.67 4.13
N ASN A 90 10.55 -5.67 4.81
CA ASN A 90 11.01 -5.31 6.15
C ASN A 90 10.52 -6.29 7.23
N GLN A 91 9.44 -7.02 6.97
CA GLN A 91 8.83 -7.88 8.00
C GLN A 91 8.21 -9.16 7.43
N ASN A 92 8.20 -10.22 8.24
CA ASN A 92 7.54 -11.49 7.92
C ASN A 92 6.01 -11.35 8.07
N SER A 93 5.28 -12.46 7.96
CA SER A 93 3.80 -12.41 8.05
C SER A 93 3.34 -12.21 9.50
N TRP A 94 2.28 -11.43 9.70
CA TRP A 94 1.77 -11.14 11.04
C TRP A 94 0.30 -11.60 11.21
N GLY A 95 0.12 -12.74 11.85
CA GLY A 95 -1.22 -13.25 12.13
C GLY A 95 -1.60 -13.12 13.60
N THR A 96 -2.82 -12.66 13.88
CA THR A 96 -3.26 -12.43 15.26
C THR A 96 -4.75 -12.12 15.38
N GLY A 97 -5.27 -11.29 14.48
CA GLY A 97 -6.66 -10.85 14.56
C GLY A 97 -6.84 -9.53 15.30
N GLU A 98 -5.80 -9.11 16.03
CA GLU A 98 -5.79 -7.80 16.72
C GLU A 98 -6.04 -6.66 15.72
N ASP A 99 -6.96 -5.76 16.07
CA ASP A 99 -7.31 -4.63 15.20
C ASP A 99 -6.10 -3.72 14.93
N VAL A 100 -5.68 -3.68 13.67
CA VAL A 100 -4.54 -2.86 13.24
C VAL A 100 -5.02 -1.63 12.45
N LYS A 101 -4.42 -0.47 12.74
CA LYS A 101 -4.74 0.77 12.02
C LYS A 101 -3.52 1.28 11.25
N VAL A 102 -3.73 1.64 9.99
CA VAL A 102 -2.64 1.99 9.08
C VAL A 102 -2.86 3.36 8.40
N ILE A 103 -1.77 4.12 8.26
CA ILE A 103 -1.79 5.46 7.65
C ILE A 103 -1.16 5.46 6.24
N LEU A 104 -1.76 6.21 5.32
CA LEU A 104 -1.21 6.37 3.96
C LEU A 104 -0.67 7.78 3.73
N LYS A 105 0.64 7.90 3.53
CA LYS A 105 1.28 9.17 3.19
C LYS A 105 1.71 9.21 1.71
N ASN A 106 1.52 10.37 1.08
CA ASN A 106 1.94 10.56 -0.32
C ASN A 106 3.41 11.03 -0.39
N SER A 107 3.85 11.42 -1.59
CA SER A 107 5.24 11.87 -1.81
C SER A 107 5.60 13.07 -0.91
N GLN A 108 4.64 13.97 -0.69
CA GLN A 108 4.87 15.15 0.17
C GLN A 108 4.70 14.82 1.67
N GLY A 109 4.46 13.54 1.98
CA GLY A 109 4.23 13.13 3.37
C GLY A 109 2.82 13.42 3.85
N GLU A 110 2.02 14.02 2.98
CA GLU A 110 0.62 14.38 3.29
C GLU A 110 -0.25 13.12 3.45
N GLU A 111 -1.30 13.21 4.26
CA GLU A 111 -2.19 12.07 4.51
C GLU A 111 -3.50 12.19 3.71
N VAL A 112 -3.75 11.20 2.85
CA VAL A 112 -5.00 11.15 2.08
C VAL A 112 -5.96 10.07 2.59
N ALA A 113 -5.45 9.10 3.35
CA ALA A 113 -6.28 7.99 3.83
C ALA A 113 -5.73 7.35 5.11
N GLN A 114 -6.63 6.97 6.00
CA GLN A 114 -6.29 6.26 7.23
C GLN A 114 -7.38 5.24 7.58
N ARG A 115 -7.01 3.97 7.69
CA ARG A 115 -8.01 2.89 7.82
C ARG A 115 -7.52 1.77 8.74
N SER A 116 -8.46 1.02 9.31
CA SER A 116 -8.14 -0.09 10.23
C SER A 116 -8.92 -1.36 9.88
N THR A 117 -8.64 -2.44 10.59
CA THR A 117 -9.42 -3.69 10.45
C THR A 117 -10.74 -3.61 11.23
N VAL A 118 -11.49 -4.71 11.24
CA VAL A 118 -12.75 -4.78 11.98
C VAL A 118 -12.83 -6.09 12.79
N PHE A 119 -13.15 -5.96 14.08
CA PHE A 119 -13.30 -7.13 14.96
C PHE A 119 -14.39 -8.11 14.47
N LYS A 120 -13.97 -9.13 13.73
CA LYS A 120 -14.87 -10.17 13.23
C LYS A 120 -14.38 -11.57 13.62
N THR A 121 -15.31 -12.51 13.79
CA THR A 121 -14.97 -13.90 14.08
C THR A 121 -15.54 -14.85 13.01
N THR A 122 -14.74 -15.13 11.99
CA THR A 122 -15.16 -15.98 10.87
C THR A 122 -14.93 -17.48 11.15
N MET A 1 6.69 34.61 -32.59
CA MET A 1 5.86 34.08 -33.70
C MET A 1 6.15 32.59 -33.98
N GLY A 2 5.11 31.82 -34.25
CA GLY A 2 5.28 30.40 -34.56
C GLY A 2 5.59 29.55 -33.32
N HIS A 3 6.74 29.81 -32.70
CA HIS A 3 7.17 29.06 -31.51
C HIS A 3 6.43 29.54 -30.26
N HIS A 4 5.92 28.61 -29.46
CA HIS A 4 5.13 28.94 -28.28
C HIS A 4 5.27 27.89 -27.17
N HIS A 5 4.55 28.09 -26.07
CA HIS A 5 4.57 27.16 -24.93
C HIS A 5 3.20 26.51 -24.72
N HIS A 6 3.10 25.60 -23.75
CA HIS A 6 1.80 25.03 -23.34
C HIS A 6 1.88 24.52 -21.89
N HIS A 7 0.72 24.40 -21.21
CA HIS A 7 0.69 23.96 -19.82
C HIS A 7 1.04 22.46 -19.65
N HIS A 8 1.39 22.08 -18.43
CA HIS A 8 1.73 20.69 -18.11
C HIS A 8 1.34 20.34 -16.67
N SER A 9 0.31 19.51 -16.52
CA SER A 9 -0.23 19.14 -15.20
C SER A 9 -0.08 17.63 -14.93
N HIS A 10 -0.07 17.25 -13.65
CA HIS A 10 0.03 15.84 -13.25
C HIS A 10 -1.12 15.42 -12.32
N MET A 11 -1.13 14.16 -11.93
CA MET A 11 -2.11 13.64 -10.96
C MET A 11 -1.40 12.97 -9.77
N THR A 12 -1.78 13.35 -8.55
CA THR A 12 -1.17 12.82 -7.33
C THR A 12 -1.57 11.37 -7.06
N GLY A 13 -2.71 10.95 -7.60
CA GLY A 13 -3.21 9.60 -7.39
C GLY A 13 -4.30 9.53 -6.32
N ASN A 14 -5.29 8.68 -6.53
CA ASN A 14 -6.38 8.51 -5.56
C ASN A 14 -6.63 7.03 -5.29
N VAL A 15 -5.96 6.50 -4.27
CA VAL A 15 -6.05 5.08 -3.91
C VAL A 15 -6.68 4.89 -2.52
N CYS A 16 -7.44 3.81 -2.35
CA CYS A 16 -8.08 3.51 -1.05
C CYS A 16 -7.88 2.04 -0.66
N ILE A 17 -7.92 1.77 0.65
CA ILE A 17 -7.75 0.41 1.17
C ILE A 17 -9.04 -0.40 1.01
N GLU A 18 -9.02 -1.40 0.14
CA GLU A 18 -10.21 -2.18 -0.19
C GLU A 18 -10.51 -3.24 0.88
N GLU A 19 -9.53 -4.12 1.16
CA GLU A 19 -9.72 -5.17 2.16
C GLU A 19 -8.40 -5.65 2.77
N ILE A 20 -8.30 -5.57 4.09
CA ILE A 20 -7.16 -6.11 4.84
C ILE A 20 -7.40 -7.59 5.21
N ASP A 21 -6.37 -8.42 5.13
CA ASP A 21 -6.49 -9.83 5.51
C ASP A 21 -6.50 -10.01 7.04
N VAL A 22 -7.29 -10.96 7.52
CA VAL A 22 -7.46 -11.19 8.96
C VAL A 22 -6.37 -12.14 9.53
N ASP A 23 -5.81 -13.00 8.69
CA ASP A 23 -4.78 -13.95 9.12
C ASP A 23 -3.40 -13.27 9.20
N GLY A 24 -3.26 -12.16 8.48
CA GLY A 24 -2.01 -11.39 8.48
C GLY A 24 -1.18 -11.60 7.22
N LYS A 25 -1.83 -12.07 6.15
CA LYS A 25 -1.14 -12.40 4.90
C LYS A 25 -0.84 -11.14 4.05
N PHE A 26 -1.85 -10.29 3.85
CA PHE A 26 -1.73 -9.17 2.92
C PHE A 26 -2.76 -8.05 3.15
N ILE A 27 -2.60 -6.94 2.42
CA ILE A 27 -3.59 -5.85 2.35
C ILE A 27 -3.80 -5.44 0.88
N ARG A 28 -5.04 -5.51 0.39
CA ARG A 28 -5.32 -5.20 -1.02
C ARG A 28 -5.93 -3.80 -1.20
N LEU A 29 -5.27 -2.97 -2.01
CA LEU A 29 -5.73 -1.60 -2.31
C LEU A 29 -6.21 -1.50 -3.77
N LYS A 30 -6.80 -0.35 -4.12
CA LYS A 30 -7.29 -0.13 -5.49
C LYS A 30 -7.26 1.36 -5.88
N ASN A 31 -6.83 1.63 -7.11
CA ASN A 31 -6.84 3.00 -7.66
C ASN A 31 -8.25 3.38 -8.12
N THR A 32 -8.84 4.37 -7.45
CA THR A 32 -10.19 4.84 -7.79
C THR A 32 -10.15 6.17 -8.57
N SER A 33 -8.97 6.55 -9.05
CA SER A 33 -8.82 7.75 -9.88
C SER A 33 -9.28 7.51 -11.32
N GLU A 34 -9.49 8.60 -12.06
CA GLU A 34 -10.00 8.52 -13.44
C GLU A 34 -8.88 8.30 -14.46
N GLN A 35 -7.66 8.09 -13.98
CA GLN A 35 -6.49 7.93 -14.86
C GLN A 35 -5.47 6.95 -14.27
N ASP A 36 -4.61 6.39 -15.11
CA ASP A 36 -3.51 5.53 -14.65
C ASP A 36 -2.53 6.33 -13.77
N GLN A 37 -2.44 5.95 -12.49
CA GLN A 37 -1.68 6.73 -11.50
C GLN A 37 -0.34 6.05 -11.13
N PRO A 38 0.71 6.85 -10.85
CA PRO A 38 2.00 6.33 -10.40
C PRO A 38 1.96 5.81 -8.95
N MET A 39 1.91 4.48 -8.78
CA MET A 39 1.84 3.85 -7.46
C MET A 39 3.07 4.23 -6.59
N GLY A 40 4.20 4.49 -7.26
CA GLY A 40 5.43 4.82 -6.56
C GLY A 40 5.45 6.21 -5.90
N GLY A 41 4.33 6.92 -5.94
CA GLY A 41 4.25 8.22 -5.30
C GLY A 41 3.65 8.16 -3.89
N TRP A 42 3.46 6.94 -3.38
CA TRP A 42 2.83 6.72 -2.06
C TRP A 42 3.76 6.02 -1.05
N GLU A 43 3.31 5.95 0.20
CA GLU A 43 4.01 5.23 1.27
C GLU A 43 3.01 4.75 2.35
N MET A 44 3.09 3.47 2.71
CA MET A 44 2.21 2.88 3.72
C MET A 44 2.87 2.86 5.11
N ILE A 45 2.31 3.59 6.06
CA ILE A 45 2.83 3.63 7.44
C ILE A 45 1.94 2.81 8.39
N ARG A 46 2.47 1.72 8.93
CA ARG A 46 1.69 0.85 9.81
C ARG A 46 1.98 1.12 11.31
N LYS A 47 0.95 1.53 12.05
CA LYS A 47 1.03 1.64 13.50
C LYS A 47 0.48 0.37 14.17
N ILE A 48 1.38 -0.46 14.69
CA ILE A 48 1.00 -1.78 15.22
C ILE A 48 1.25 -1.92 16.72
N GLY A 49 0.16 -1.92 17.50
CA GLY A 49 0.23 -2.14 18.93
C GLY A 49 1.07 -1.12 19.68
N ASP A 50 2.35 -1.44 19.87
CA ASP A 50 3.26 -0.58 20.65
C ASP A 50 4.27 0.15 19.75
N THR A 51 4.46 -0.32 18.52
CA THR A 51 5.49 0.25 17.62
C THR A 51 4.90 0.63 16.25
N SER A 52 5.78 1.01 15.32
CA SER A 52 5.37 1.44 13.98
C SER A 52 6.47 1.21 12.94
N VAL A 53 6.06 0.90 11.71
CA VAL A 53 7.00 0.66 10.60
C VAL A 53 6.32 0.96 9.25
N SER A 54 7.08 1.48 8.29
CA SER A 54 6.49 1.95 7.01
C SER A 54 7.06 1.22 5.79
N TYR A 55 6.40 1.44 4.65
CA TYR A 55 6.80 0.85 3.37
C TYR A 55 6.64 1.86 2.22
N LYS A 56 7.74 2.32 1.67
CA LYS A 56 7.70 3.22 0.51
C LYS A 56 7.46 2.42 -0.78
N TYR A 57 6.42 2.79 -1.52
CA TYR A 57 6.07 2.08 -2.76
C TYR A 57 7.13 2.32 -3.85
N THR A 58 7.93 1.29 -4.13
CA THR A 58 8.93 1.34 -5.21
C THR A 58 8.25 1.29 -6.59
N SER A 59 8.49 2.30 -7.41
CA SER A 59 7.81 2.42 -8.71
C SER A 59 8.49 1.59 -9.80
N ARG A 60 8.18 0.29 -9.84
CA ARG A 60 8.64 -0.56 -10.94
C ARG A 60 7.50 -0.87 -11.93
N TYR A 61 6.33 -0.26 -11.69
CA TYR A 61 5.18 -0.39 -12.59
C TYR A 61 4.15 0.71 -12.31
N VAL A 62 3.18 0.89 -13.21
CA VAL A 62 2.12 1.89 -13.04
C VAL A 62 0.80 1.27 -12.57
N LEU A 63 0.01 2.04 -11.82
CA LEU A 63 -1.27 1.56 -11.29
C LEU A 63 -2.45 2.10 -12.13
N LYS A 64 -2.99 1.25 -12.99
CA LYS A 64 -4.05 1.65 -13.92
C LYS A 64 -5.34 2.13 -13.21
N ALA A 65 -6.19 2.83 -13.94
CA ALA A 65 -7.48 3.30 -13.42
C ALA A 65 -8.41 2.11 -13.06
N GLY A 66 -8.83 2.03 -11.81
CA GLY A 66 -9.70 0.94 -11.37
C GLY A 66 -8.95 -0.38 -11.16
N GLN A 67 -7.62 -0.29 -10.97
CA GLN A 67 -6.79 -1.49 -10.80
C GLN A 67 -6.53 -1.79 -9.31
N THR A 68 -6.69 -3.07 -8.94
CA THR A 68 -6.39 -3.54 -7.57
C THR A 68 -4.96 -4.10 -7.47
N VAL A 69 -4.32 -3.90 -6.32
CA VAL A 69 -2.98 -4.45 -6.05
C VAL A 69 -2.90 -5.01 -4.60
N THR A 70 -2.11 -6.08 -4.44
CA THR A 70 -1.98 -6.74 -3.13
C THR A 70 -0.62 -6.44 -2.47
N ILE A 71 -0.66 -6.02 -1.21
CA ILE A 71 0.57 -5.79 -0.43
C ILE A 71 0.84 -6.95 0.54
N TRP A 72 1.80 -7.81 0.18
CA TRP A 72 2.17 -8.96 1.01
C TRP A 72 3.18 -8.56 2.12
N ALA A 73 3.38 -9.45 3.10
CA ALA A 73 4.30 -9.17 4.21
C ALA A 73 5.36 -10.27 4.39
N ALA A 74 6.53 -10.06 3.78
CA ALA A 74 7.72 -10.94 3.93
C ALA A 74 7.42 -12.44 3.80
N ASN A 75 6.95 -13.07 4.87
CA ASN A 75 6.76 -14.52 4.92
C ASN A 75 5.49 -14.98 4.18
N ALA A 76 5.18 -14.31 3.07
CA ALA A 76 4.03 -14.69 2.23
C ALA A 76 4.39 -15.86 1.29
N GLY A 77 5.69 -16.18 1.21
CA GLY A 77 6.12 -17.29 0.36
C GLY A 77 6.22 -16.93 -1.12
N VAL A 78 5.23 -16.20 -1.62
CA VAL A 78 5.17 -15.80 -3.03
C VAL A 78 6.43 -15.03 -3.48
N THR A 79 6.67 -15.01 -4.79
CA THR A 79 7.82 -14.30 -5.37
C THR A 79 7.68 -12.77 -5.22
N ALA A 80 8.77 -12.12 -4.84
CA ALA A 80 8.76 -10.67 -4.58
C ALA A 80 8.91 -9.85 -5.88
N SER A 81 8.28 -10.30 -6.95
CA SER A 81 8.41 -9.65 -8.27
C SER A 81 7.06 -9.36 -8.93
N PRO A 82 6.61 -8.08 -8.89
CA PRO A 82 5.47 -7.56 -9.69
C PRO A 82 5.45 -8.01 -11.19
N PRO A 83 4.67 -7.38 -12.11
CA PRO A 83 3.95 -6.10 -11.93
C PRO A 83 2.58 -6.24 -11.27
N THR A 84 2.19 -7.48 -10.91
CA THR A 84 0.90 -7.73 -10.27
C THR A 84 0.80 -7.12 -8.86
N ASP A 85 1.52 -7.71 -7.90
CA ASP A 85 1.42 -7.29 -6.49
C ASP A 85 2.78 -6.83 -5.92
N LEU A 86 2.75 -6.23 -4.73
CA LEU A 86 3.96 -5.76 -4.04
C LEU A 86 4.20 -6.52 -2.73
N ILE A 87 5.44 -6.94 -2.50
CA ILE A 87 5.79 -7.70 -1.29
C ILE A 87 6.65 -6.85 -0.34
N TRP A 88 6.09 -6.55 0.84
CA TRP A 88 6.79 -5.77 1.87
C TRP A 88 7.68 -6.68 2.73
N LYS A 89 9.00 -6.54 2.59
CA LYS A 89 9.96 -7.46 3.21
C LYS A 89 10.30 -7.12 4.67
N ASN A 90 9.90 -5.93 5.14
CA ASN A 90 10.25 -5.50 6.50
C ASN A 90 9.46 -6.28 7.58
N GLN A 91 8.14 -6.27 7.47
CA GLN A 91 7.28 -6.94 8.47
C GLN A 91 7.09 -8.43 8.16
N ASN A 92 7.44 -9.28 9.13
CA ASN A 92 7.34 -10.74 8.95
C ASN A 92 5.91 -11.25 9.23
N SER A 93 4.92 -10.65 8.57
CA SER A 93 3.50 -11.03 8.72
C SER A 93 2.96 -10.70 10.14
N TRP A 94 1.74 -10.20 10.20
CA TRP A 94 1.10 -9.86 11.48
C TRP A 94 0.01 -10.88 11.85
N GLY A 95 -0.52 -10.78 13.05
CA GLY A 95 -1.61 -11.67 13.47
C GLY A 95 -1.67 -11.90 14.97
N THR A 96 -2.65 -11.28 15.64
CA THR A 96 -2.83 -11.45 17.09
C THR A 96 -4.30 -11.28 17.53
N GLY A 97 -4.93 -10.19 17.09
CA GLY A 97 -6.30 -9.90 17.50
C GLY A 97 -6.53 -8.42 17.77
N GLU A 98 -5.48 -7.73 18.20
CA GLU A 98 -5.53 -6.29 18.43
C GLU A 98 -5.62 -5.51 17.11
N ASP A 99 -6.36 -4.39 17.11
CA ASP A 99 -6.57 -3.62 15.89
C ASP A 99 -5.35 -2.79 15.49
N VAL A 100 -4.64 -3.26 14.47
CA VAL A 100 -3.50 -2.53 13.90
C VAL A 100 -3.97 -1.44 12.93
N LYS A 101 -3.52 -0.21 13.13
CA LYS A 101 -3.97 0.92 12.32
C LYS A 101 -2.99 1.25 11.19
N VAL A 102 -3.45 1.09 9.95
CA VAL A 102 -2.63 1.36 8.76
C VAL A 102 -2.88 2.78 8.22
N ILE A 103 -1.81 3.48 7.88
CA ILE A 103 -1.87 4.86 7.39
C ILE A 103 -1.36 4.98 5.94
N LEU A 104 -2.01 5.83 5.15
CA LEU A 104 -1.57 6.09 3.76
C LEU A 104 -1.13 7.54 3.57
N LYS A 105 0.15 7.73 3.22
CA LYS A 105 0.70 9.06 2.90
C LYS A 105 1.35 9.07 1.51
N ASN A 106 1.52 10.26 0.93
CA ASN A 106 2.19 10.39 -0.38
C ASN A 106 3.66 10.82 -0.22
N SER A 107 4.35 11.01 -1.36
CA SER A 107 5.77 11.38 -1.39
C SER A 107 6.09 12.60 -0.50
N GLN A 108 5.25 13.62 -0.55
CA GLN A 108 5.46 14.86 0.22
C GLN A 108 5.15 14.68 1.72
N GLY A 109 4.76 13.46 2.11
CA GLY A 109 4.39 13.20 3.51
C GLY A 109 2.96 13.61 3.84
N GLU A 110 2.19 13.94 2.80
CA GLU A 110 0.79 14.36 2.95
C GLU A 110 -0.13 13.14 3.18
N GLU A 111 -1.08 13.27 4.10
CA GLU A 111 -1.93 12.14 4.53
C GLU A 111 -3.33 12.19 3.90
N VAL A 112 -3.82 11.04 3.43
CA VAL A 112 -5.12 10.98 2.73
C VAL A 112 -6.09 9.92 3.33
N ALA A 113 -5.59 8.71 3.56
CA ALA A 113 -6.44 7.61 4.05
C ALA A 113 -5.80 6.87 5.24
N GLN A 114 -6.65 6.22 6.05
CA GLN A 114 -6.18 5.47 7.23
C GLN A 114 -7.34 4.73 7.92
N ARG A 115 -7.04 3.61 8.56
CA ARG A 115 -8.03 2.86 9.34
C ARG A 115 -7.40 1.68 10.11
N SER A 116 -8.08 1.21 11.15
CA SER A 116 -7.68 0.00 11.86
C SER A 116 -8.26 -1.26 11.20
N THR A 117 -8.14 -2.40 11.88
CA THR A 117 -8.74 -3.66 11.42
C THR A 117 -10.19 -3.79 11.92
N VAL A 118 -10.76 -5.00 11.78
CA VAL A 118 -12.13 -5.26 12.21
C VAL A 118 -12.18 -5.75 13.67
N PHE A 119 -12.68 -4.90 14.56
CA PHE A 119 -12.76 -5.21 16.00
C PHE A 119 -13.97 -6.13 16.34
N LYS A 120 -14.46 -6.85 15.34
CA LYS A 120 -15.65 -7.69 15.50
C LYS A 120 -15.47 -8.75 16.60
N THR A 121 -16.00 -8.46 17.79
CA THR A 121 -16.01 -9.41 18.90
C THR A 121 -17.29 -10.26 18.86
N THR A 122 -17.19 -11.54 19.21
CA THR A 122 -18.35 -12.44 19.13
C THR A 122 -18.49 -13.34 20.38
N MET A 1 19.69 23.35 -27.88
CA MET A 1 18.58 24.32 -28.05
C MET A 1 17.35 23.90 -27.23
N GLY A 2 16.97 24.74 -26.26
CA GLY A 2 15.87 24.42 -25.37
C GLY A 2 16.30 24.33 -23.91
N HIS A 3 15.81 25.25 -23.08
CA HIS A 3 16.23 25.31 -21.67
C HIS A 3 15.29 24.49 -20.76
N HIS A 4 14.00 24.82 -20.79
CA HIS A 4 13.02 24.17 -19.91
C HIS A 4 12.20 23.13 -20.68
N HIS A 5 12.41 21.85 -20.37
CA HIS A 5 11.66 20.76 -21.01
C HIS A 5 11.45 19.57 -20.05
N HIS A 6 10.38 19.63 -19.26
CA HIS A 6 10.03 18.54 -18.35
C HIS A 6 8.51 18.43 -18.19
N HIS A 7 8.01 17.20 -18.05
CA HIS A 7 6.58 16.99 -17.81
C HIS A 7 6.24 17.21 -16.34
N HIS A 8 5.76 18.41 -16.03
CA HIS A 8 5.55 18.85 -14.64
C HIS A 8 4.18 18.44 -14.06
N SER A 9 3.45 17.60 -14.79
CA SER A 9 2.15 17.09 -14.28
C SER A 9 2.34 16.26 -13.01
N HIS A 10 1.62 16.62 -11.95
CA HIS A 10 1.74 15.94 -10.66
C HIS A 10 0.58 14.96 -10.42
N MET A 11 0.92 13.75 -9.98
CA MET A 11 -0.10 12.74 -9.65
C MET A 11 -0.87 13.14 -8.37
N THR A 12 -2.17 13.41 -8.52
CA THR A 12 -2.99 13.94 -7.41
C THR A 12 -3.13 12.95 -6.25
N GLY A 13 -2.86 11.68 -6.49
CA GLY A 13 -3.05 10.65 -5.47
C GLY A 13 -4.44 10.02 -5.52
N ASN A 14 -4.56 8.90 -6.23
CA ASN A 14 -5.88 8.30 -6.48
C ASN A 14 -6.04 6.91 -5.83
N VAL A 15 -5.07 6.52 -5.00
CA VAL A 15 -5.06 5.18 -4.40
C VAL A 15 -5.54 5.19 -2.94
N CYS A 16 -6.48 4.31 -2.62
CA CYS A 16 -7.00 4.18 -1.25
C CYS A 16 -6.95 2.71 -0.79
N ILE A 17 -7.34 2.45 0.45
CA ILE A 17 -7.35 1.09 0.99
C ILE A 17 -8.73 0.45 0.85
N GLU A 18 -8.80 -0.74 0.25
CA GLU A 18 -10.07 -1.44 0.05
C GLU A 18 -10.31 -2.54 1.10
N GLU A 19 -9.33 -3.43 1.27
CA GLU A 19 -9.52 -4.62 2.11
C GLU A 19 -8.21 -5.05 2.81
N ILE A 20 -8.31 -5.42 4.08
CA ILE A 20 -7.15 -5.87 4.87
C ILE A 20 -7.48 -7.17 5.65
N ASP A 21 -6.52 -8.10 5.70
CA ASP A 21 -6.68 -9.33 6.47
C ASP A 21 -6.27 -9.12 7.95
N VAL A 22 -7.17 -9.45 8.87
CA VAL A 22 -6.94 -9.22 10.30
C VAL A 22 -6.07 -10.33 10.93
N ASP A 23 -6.10 -11.53 10.34
CA ASP A 23 -5.36 -12.68 10.89
C ASP A 23 -3.84 -12.48 10.77
N GLY A 24 -3.41 -11.89 9.67
CA GLY A 24 -1.99 -11.59 9.48
C GLY A 24 -1.40 -12.27 8.25
N LYS A 25 -1.96 -12.00 7.08
CA LYS A 25 -1.42 -12.56 5.83
C LYS A 25 -1.21 -11.49 4.75
N PHE A 26 -2.26 -10.76 4.38
CA PHE A 26 -2.19 -9.83 3.25
C PHE A 26 -3.04 -8.56 3.45
N ILE A 27 -2.71 -7.54 2.66
CA ILE A 27 -3.47 -6.28 2.58
C ILE A 27 -3.80 -5.98 1.11
N ARG A 28 -4.78 -5.13 0.82
CA ARG A 28 -5.07 -4.79 -0.58
C ARG A 28 -5.57 -3.34 -0.74
N LEU A 29 -4.85 -2.57 -1.54
CA LEU A 29 -5.25 -1.20 -1.89
C LEU A 29 -5.99 -1.17 -3.24
N LYS A 30 -6.53 -0.02 -3.60
CA LYS A 30 -7.34 0.11 -4.81
C LYS A 30 -7.10 1.46 -5.51
N ASN A 31 -6.65 1.41 -6.76
CA ASN A 31 -6.36 2.64 -7.52
C ASN A 31 -7.64 3.22 -8.13
N THR A 32 -8.35 4.04 -7.35
CA THR A 32 -9.56 4.73 -7.84
C THR A 32 -9.17 6.02 -8.59
N SER A 33 -8.91 5.90 -9.88
CA SER A 33 -8.31 7.00 -10.66
C SER A 33 -9.05 7.30 -11.96
N GLU A 34 -8.76 8.46 -12.52
CA GLU A 34 -9.28 8.89 -13.82
C GLU A 34 -8.47 8.26 -14.97
N GLN A 35 -7.21 7.95 -14.68
CA GLN A 35 -6.28 7.42 -15.67
C GLN A 35 -5.40 6.31 -15.05
N ASP A 36 -4.76 5.49 -15.89
CA ASP A 36 -3.84 4.45 -15.41
C ASP A 36 -2.58 5.10 -14.81
N GLN A 37 -2.43 5.03 -13.49
CA GLN A 37 -1.38 5.78 -12.79
C GLN A 37 -0.18 4.89 -12.38
N PRO A 38 1.05 5.40 -12.54
CA PRO A 38 2.28 4.66 -12.17
C PRO A 38 2.53 4.62 -10.64
N MET A 39 1.48 4.32 -9.86
CA MET A 39 1.59 4.21 -8.40
C MET A 39 1.97 5.54 -7.73
N GLY A 40 3.27 5.88 -7.76
CA GLY A 40 3.76 7.09 -7.13
C GLY A 40 4.51 6.85 -5.82
N GLY A 41 5.11 7.90 -5.27
CA GLY A 41 5.86 7.78 -4.02
C GLY A 41 4.95 7.76 -2.78
N TRP A 42 4.35 6.62 -2.51
CA TRP A 42 3.48 6.45 -1.33
C TRP A 42 4.22 5.75 -0.18
N GLU A 43 3.95 6.18 1.05
CA GLU A 43 4.48 5.52 2.24
C GLU A 43 3.34 4.91 3.08
N MET A 44 3.33 3.58 3.20
CA MET A 44 2.27 2.86 3.93
C MET A 44 2.71 2.47 5.34
N ILE A 45 2.20 3.18 6.34
CA ILE A 45 2.54 2.92 7.75
C ILE A 45 1.56 1.91 8.38
N ARG A 46 2.06 0.76 8.83
CA ARG A 46 1.22 -0.25 9.47
C ARG A 46 1.22 -0.09 11.00
N LYS A 47 0.24 0.65 11.52
CA LYS A 47 0.12 0.87 12.97
C LYS A 47 -0.51 -0.34 13.66
N ILE A 48 0.33 -1.32 13.99
CA ILE A 48 -0.09 -2.51 14.74
C ILE A 48 -0.20 -2.18 16.25
N GLY A 49 0.38 -1.06 16.63
CA GLY A 49 0.34 -0.60 18.02
C GLY A 49 1.01 0.75 18.20
N ASP A 50 1.53 1.03 19.39
CA ASP A 50 2.27 2.27 19.63
C ASP A 50 3.70 2.16 19.06
N THR A 51 3.81 2.38 17.76
CA THR A 51 5.10 2.26 17.05
C THR A 51 5.00 2.88 15.65
N SER A 52 6.09 2.83 14.90
CA SER A 52 6.11 3.40 13.53
C SER A 52 6.92 2.52 12.57
N VAL A 53 6.22 1.81 11.70
CA VAL A 53 6.86 0.99 10.65
C VAL A 53 6.11 1.15 9.32
N SER A 54 6.84 1.28 8.22
CA SER A 54 6.21 1.54 6.92
C SER A 54 6.95 0.88 5.75
N TYR A 55 6.23 0.75 4.63
CA TYR A 55 6.82 0.30 3.36
C TYR A 55 6.48 1.32 2.26
N LYS A 56 7.50 1.78 1.56
CA LYS A 56 7.30 2.77 0.49
C LYS A 56 7.12 2.09 -0.88
N TYR A 57 6.21 2.64 -1.68
CA TYR A 57 5.94 2.12 -3.02
C TYR A 57 6.93 2.66 -4.06
N THR A 58 6.75 2.28 -5.32
CA THR A 58 7.68 2.64 -6.39
C THR A 58 6.97 2.90 -7.73
N SER A 59 7.53 3.78 -8.54
CA SER A 59 6.93 4.16 -9.83
C SER A 59 7.47 3.29 -10.99
N ARG A 60 8.09 2.16 -10.65
CA ARG A 60 8.67 1.25 -11.67
C ARG A 60 7.60 0.47 -12.46
N TYR A 61 6.32 0.74 -12.18
CA TYR A 61 5.22 0.06 -12.86
C TYR A 61 3.99 0.98 -12.98
N VAL A 62 3.03 0.60 -13.84
CA VAL A 62 1.80 1.37 -14.03
C VAL A 62 0.57 0.59 -13.53
N LEU A 63 -0.13 1.15 -12.55
CA LEU A 63 -1.32 0.51 -11.98
C LEU A 63 -2.60 1.06 -12.67
N LYS A 64 -3.32 0.18 -13.36
CA LYS A 64 -4.52 0.56 -14.12
C LYS A 64 -5.59 1.23 -13.23
N ALA A 65 -6.42 2.07 -13.85
CA ALA A 65 -7.53 2.73 -13.14
C ALA A 65 -8.63 1.73 -12.77
N GLY A 66 -9.10 1.79 -11.53
CA GLY A 66 -10.12 0.87 -11.06
C GLY A 66 -9.58 -0.54 -10.78
N GLN A 67 -8.26 -0.64 -10.63
CA GLN A 67 -7.60 -1.93 -10.36
C GLN A 67 -7.01 -1.95 -8.95
N THR A 68 -6.99 -3.12 -8.32
CA THR A 68 -6.45 -3.26 -6.95
C THR A 68 -4.99 -3.73 -6.95
N VAL A 69 -4.37 -3.70 -5.76
CA VAL A 69 -3.01 -4.20 -5.58
C VAL A 69 -2.85 -4.86 -4.20
N THR A 70 -2.44 -6.13 -4.19
CA THR A 70 -2.35 -6.91 -2.95
C THR A 70 -0.93 -6.87 -2.34
N ILE A 71 -0.86 -6.46 -1.08
CA ILE A 71 0.39 -6.46 -0.31
C ILE A 71 0.51 -7.75 0.53
N TRP A 72 1.69 -8.36 0.55
CA TRP A 72 1.91 -9.60 1.32
C TRP A 72 2.95 -9.41 2.43
N ALA A 73 3.22 -10.46 3.20
CA ALA A 73 4.25 -10.44 4.23
C ALA A 73 5.64 -10.74 3.65
N ALA A 74 6.71 -10.28 4.35
CA ALA A 74 8.10 -10.44 3.89
C ALA A 74 8.38 -11.82 3.25
N ASN A 75 7.91 -12.88 3.90
CA ASN A 75 8.01 -14.23 3.34
C ASN A 75 6.65 -14.94 3.38
N ALA A 76 5.76 -14.53 2.49
CA ALA A 76 4.41 -15.12 2.39
C ALA A 76 4.41 -16.44 1.59
N GLY A 77 5.56 -16.81 1.04
CA GLY A 77 5.67 -18.03 0.25
C GLY A 77 5.89 -17.77 -1.23
N VAL A 78 5.17 -16.79 -1.78
CA VAL A 78 5.30 -16.42 -3.20
C VAL A 78 6.55 -15.57 -3.45
N THR A 79 6.84 -15.30 -4.73
CA THR A 79 8.01 -14.51 -5.12
C THR A 79 7.94 -13.07 -4.60
N ALA A 80 9.07 -12.54 -4.14
CA ALA A 80 9.14 -11.17 -3.58
C ALA A 80 8.58 -10.10 -4.54
N SER A 81 8.96 -10.17 -5.82
CA SER A 81 8.45 -9.22 -6.83
C SER A 81 8.13 -9.92 -8.16
N PRO A 82 6.84 -10.24 -8.40
CA PRO A 82 6.38 -10.83 -9.68
C PRO A 82 6.79 -10.04 -10.96
N PRO A 83 6.70 -8.67 -11.01
CA PRO A 83 6.18 -7.79 -9.96
C PRO A 83 4.72 -7.34 -10.18
N THR A 84 3.81 -7.87 -9.36
CA THR A 84 2.39 -7.49 -9.38
C THR A 84 1.86 -7.36 -7.94
N ASP A 85 1.83 -8.48 -7.24
CA ASP A 85 1.61 -8.48 -5.79
C ASP A 85 2.87 -7.97 -5.07
N LEU A 86 2.70 -7.02 -4.16
CA LEU A 86 3.84 -6.38 -3.49
C LEU A 86 4.10 -6.96 -2.10
N ILE A 87 5.18 -7.72 -1.97
CA ILE A 87 5.57 -8.31 -0.69
C ILE A 87 6.23 -7.25 0.23
N TRP A 88 5.78 -7.18 1.48
CA TRP A 88 6.35 -6.24 2.46
C TRP A 88 7.75 -6.69 2.87
N LYS A 89 8.72 -6.45 2.00
CA LYS A 89 10.10 -6.91 2.20
C LYS A 89 10.82 -6.20 3.37
N ASN A 90 10.13 -5.24 4.01
CA ASN A 90 10.72 -4.49 5.13
C ASN A 90 10.28 -5.04 6.50
N GLN A 91 9.26 -5.90 6.53
CA GLN A 91 8.76 -6.47 7.79
C GLN A 91 7.86 -7.69 7.53
N ASN A 92 7.94 -8.68 8.42
CA ASN A 92 7.19 -9.94 8.26
C ASN A 92 5.69 -9.79 8.59
N SER A 93 5.04 -10.94 8.78
CA SER A 93 3.62 -11.00 9.13
C SER A 93 3.30 -10.34 10.48
N TRP A 94 2.02 -10.34 10.83
CA TRP A 94 1.53 -9.71 12.07
C TRP A 94 0.41 -10.56 12.70
N GLY A 95 0.05 -10.26 13.95
CA GLY A 95 -1.04 -10.98 14.59
C GLY A 95 -1.11 -10.77 16.10
N THR A 96 -1.40 -9.55 16.53
CA THR A 96 -1.53 -9.23 17.96
C THR A 96 -2.90 -9.68 18.50
N GLY A 97 -3.96 -9.04 18.00
CA GLY A 97 -5.32 -9.37 18.45
C GLY A 97 -6.23 -8.14 18.51
N GLU A 98 -5.66 -6.99 18.81
CA GLU A 98 -6.43 -5.73 18.90
C GLU A 98 -6.98 -5.28 17.53
N ASP A 99 -6.09 -4.99 16.59
CA ASP A 99 -6.49 -4.55 15.24
C ASP A 99 -5.26 -4.33 14.35
N VAL A 100 -5.45 -4.38 13.03
CA VAL A 100 -4.38 -4.07 12.08
C VAL A 100 -4.68 -2.75 11.35
N LYS A 101 -4.23 -1.64 11.93
CA LYS A 101 -4.51 -0.30 11.42
C LYS A 101 -3.43 0.17 10.43
N VAL A 102 -3.85 0.58 9.24
CA VAL A 102 -2.92 1.04 8.20
C VAL A 102 -3.18 2.51 7.82
N ILE A 103 -2.10 3.28 7.68
CA ILE A 103 -2.18 4.70 7.29
C ILE A 103 -1.38 4.98 6.02
N LEU A 104 -1.93 5.79 5.12
CA LEU A 104 -1.24 6.15 3.87
C LEU A 104 -0.79 7.61 3.84
N LYS A 105 0.52 7.82 3.82
CA LYS A 105 1.11 9.16 3.64
C LYS A 105 1.75 9.28 2.25
N ASN A 106 1.87 10.51 1.75
CA ASN A 106 2.48 10.76 0.45
C ASN A 106 3.94 11.21 0.59
N SER A 107 4.58 11.44 -0.56
CA SER A 107 6.02 11.82 -0.61
C SER A 107 6.39 12.93 0.38
N GLN A 108 5.52 13.93 0.52
CA GLN A 108 5.84 15.11 1.34
C GLN A 108 5.38 14.96 2.80
N GLY A 109 5.07 13.73 3.21
CA GLY A 109 4.61 13.48 4.58
C GLY A 109 3.11 13.71 4.75
N GLU A 110 2.53 14.49 3.83
CA GLU A 110 1.09 14.77 3.80
C GLU A 110 0.25 13.48 3.82
N GLU A 111 -0.66 13.40 4.79
CA GLU A 111 -1.47 12.20 5.02
C GLU A 111 -2.83 12.30 4.32
N VAL A 112 -3.26 11.21 3.68
CA VAL A 112 -4.53 11.21 2.93
C VAL A 112 -5.49 10.08 3.37
N ALA A 113 -5.08 8.83 3.24
CA ALA A 113 -5.98 7.69 3.51
C ALA A 113 -5.65 7.00 4.85
N GLN A 114 -6.67 6.34 5.43
CA GLN A 114 -6.52 5.65 6.72
C GLN A 114 -7.54 4.52 6.86
N ARG A 115 -7.24 3.51 7.69
CA ARG A 115 -8.18 2.42 7.95
C ARG A 115 -7.79 1.55 9.17
N SER A 116 -8.70 1.45 10.13
CA SER A 116 -8.63 0.41 11.17
C SER A 116 -9.69 -0.67 10.86
N THR A 117 -9.29 -1.93 10.86
CA THR A 117 -10.18 -3.01 10.38
C THR A 117 -11.38 -3.25 11.32
N VAL A 118 -11.25 -4.20 12.24
CA VAL A 118 -12.35 -4.56 13.16
C VAL A 118 -11.95 -5.74 14.06
N PHE A 119 -12.15 -5.58 15.37
CA PHE A 119 -11.85 -6.63 16.36
C PHE A 119 -13.02 -7.61 16.55
N LYS A 120 -13.82 -7.80 15.49
CA LYS A 120 -15.00 -8.67 15.54
C LYS A 120 -14.62 -10.17 15.53
N THR A 121 -13.33 -10.45 15.38
CA THR A 121 -12.81 -11.83 15.37
C THR A 121 -13.02 -12.57 16.72
N THR A 122 -13.63 -11.88 17.69
CA THR A 122 -13.93 -12.48 19.00
C THR A 122 -15.29 -13.21 19.00
#